data_6Z5S
#
_entry.id   6Z5S
#
_cell.length_a   1.00
_cell.length_b   1.00
_cell.length_c   1.00
_cell.angle_alpha   90.00
_cell.angle_beta   90.00
_cell.angle_gamma   90.00
#
_symmetry.space_group_name_H-M   'P 1'
#
loop_
_entity.id
_entity.type
_entity.pdbx_description
1 polymer 'Light harvesting complex 1 Protein W'
2 polymer 'Reaction center protein M chain'
3 polymer 'Reaction center protein L chain'
4 polymer 'H subunit of photosynthetic reaction center complex'
5 polymer 'Light-harvesting complex 1 alpha chain'
6 polymer 'Light-harvesting complex 1 beta chain'
7 non-polymer (6~{R},10~{S},14~{R},19~{R},23~{S},24~{E},27~{S},28~{E})-2,6,10,14,19,23,27,31-octamethyldotriaconta-24,28-dien-2-ol
8 non-polymer 'BACTERIOCHLOROPHYLL A'
9 non-polymer 'BACTERIOPHEOPHYTIN A'
10 non-polymer UBIQUINONE-10
11 non-polymer '(4S,7R)-4-HYDROXY-N,N,N-TRIMETHYL-9-OXO-7-[(PALMITOYLOXY)METHYL]-3,5,8-TRIOXA-4-PHOSPHAHEXACOSAN-1-AMINIUM 4-OXIDE'
12 non-polymer CARDIOLIPIN
13 non-polymer 'FE (III) ION'
14 non-polymer DODECYL-BETA-D-MALTOSIDE
15 non-polymer SPIRILLOXANTHIN
16 non-polymer '(1S)-2-{[{[(2R)-2,3-DIHYDROXYPROPYL]OXY}(HYDROXY)PHOSPHORYL]OXY}-1-[(PALMITOYLOXY)METHYL]ETHYL STEARATE'
17 water water
#
loop_
_entity_poly.entity_id
_entity_poly.type
_entity_poly.pdbx_seq_one_letter_code
_entity_poly.pdbx_strand_id
1 'polypeptide(L)'
;MMLLLVLTAIAFVATAVVARVLAASAPEGKLYCQAAGAASMVVGPFITLVAAFVLGKAGIGGEVLDATAMLRVAALPAFG
TLFVGPVVFWFFRRQRRTVAAA
;
W
2 'polypeptide(L)'
;MAQYQNIFTQVQVEGPAYAGVPLRPGSSPRETQTTFNYWLGKIGDAQVGPVYLGFTGVCSLLCGFVAIEIIGLNMLASVD
WSPIEFLRQFCWLALEPPKPEYGLTIPPLKEGGWWLMAGFFLTVSIALWWVRTYRRSRALGMGTHVSWAFASAILLYLAL
GFIQPLLMGSWSEAPPFGVFPHLDWTNNFSIKYGNLYYNPFHCLSIAFLYGSALLFAMHGATILAVSRYGGEREIEQMLD
RGTALERAALFWRWTMGFNATAESIHRWAWWFAVLCPLTGAIGIILTGPVVDNWFDWGVKHGLAPPR
;
M
3 'polypeptide(L)'
;MAMLSFEKKYRVRGGTLIGGDLFDFWVGPFYVGIFGVMTVFFALIGIALIAWNTALGPTWNLWQISVNPPDAKYGLGFAP
LAEGGIWQWVSICATGAFVTWALREVEICRKLGIGFHVPFAFSFAIFAYVTLVVIRPVLMGSWSYGFPYGIFTHLDWVSN
TGYSYGQFHYNPAHMIAITFFFTTCLALALHGGLVLSALNPDRGEPVKSPEHENTVFRDLVGYSIGTIGIHRLGLFLALS
AVFFSAVCMIISGPVLAEGGSWPDWWNWWRNLPIWNP
;
L
4 'polypeptide(L)'
;MQPGAYLDLAQVTLYVFWIFFAGLLFYLRREDKREGYPLVADAGSGTRLAKIGVPAPPDPKTYLLRGGATKTVPSTSNDR
PNVALTPAAPWPGAPFVPTGNPFADGVGPGSYAQRADVPELGLDNLPIIVPLRAAKGMFLDPRDPNPVGMPVVGCDGVVG
GTVTEVWVDRAEVLARYLEVEVAKSRKRVLLPVPFALINDPFGKVSVDAIRGDQFAGVPTTSKGDQVSKLEEDKICAYYG
AGTLYATPLRSESLV
;
H
5 'polypeptide(L)' (FME)WRIWLLFDPRRALVLLFVFLFGLAIIIHFILLSTSRFNWLDGPRAAKAASISLPFTPPSMPV 1,5,3,Y,V,T,A,C,R,P,N,J,G,E
6 'polypeptide(L)' MSDGSISGLSEAEAKEFHSIFVTSFFLFIVVAVVAHILAWMWRPWLPKATGYAMDSVHQLTSFLC 2,6,4,Z,X,U,B,D,S,Q,O,K,I,F
#
# COMPACT_ATOMS: atom_id res chain seq x y z
N LEU A 3 45.99 17.50 31.97
CA LEU A 3 44.60 17.12 32.16
C LEU A 3 44.50 15.64 32.49
N LEU A 4 43.41 15.25 33.15
CA LEU A 4 43.22 13.88 33.61
C LEU A 4 42.52 13.01 32.59
N LEU A 5 41.58 13.56 31.83
CA LEU A 5 40.72 12.74 30.98
C LEU A 5 41.53 11.91 30.01
N VAL A 6 42.24 12.56 29.09
CA VAL A 6 43.08 11.82 28.16
C VAL A 6 44.23 11.14 28.89
N LEU A 7 44.58 11.63 30.08
CA LEU A 7 45.62 10.97 30.86
C LEU A 7 45.13 9.64 31.41
N THR A 8 43.84 9.53 31.75
CA THR A 8 43.33 8.30 32.33
C THR A 8 43.18 7.27 31.21
N ALA A 9 44.31 6.94 30.58
CA ALA A 9 44.46 5.73 29.80
C ALA A 9 45.10 4.63 30.63
N ILE A 10 45.45 4.92 31.88
CA ILE A 10 45.75 3.88 32.84
C ILE A 10 44.62 2.87 32.86
N ALA A 11 43.38 3.35 32.78
CA ALA A 11 42.22 2.47 32.77
C ALA A 11 42.28 1.50 31.61
N PHE A 12 42.53 2.01 30.40
CA PHE A 12 42.49 1.15 29.23
C PHE A 12 43.61 0.11 29.25
N VAL A 13 44.83 0.52 29.61
CA VAL A 13 45.94 -0.42 29.61
C VAL A 13 45.79 -1.44 30.73
N ALA A 14 45.33 -1.00 31.90
CA ALA A 14 45.14 -1.95 33.01
C ALA A 14 44.02 -2.93 32.70
N THR A 15 42.97 -2.46 32.00
CA THR A 15 41.91 -3.35 31.58
C THR A 15 42.42 -4.35 30.56
N ALA A 16 43.22 -3.90 29.60
CA ALA A 16 43.85 -4.83 28.67
C ALA A 16 44.68 -5.86 29.41
N VAL A 17 45.40 -5.44 30.45
CA VAL A 17 46.25 -6.35 31.20
C VAL A 17 45.42 -7.41 31.90
N VAL A 18 44.37 -6.99 32.62
CA VAL A 18 43.58 -7.96 33.36
C VAL A 18 42.79 -8.86 32.41
N ALA A 19 42.33 -8.31 31.28
CA ALA A 19 41.63 -9.14 30.31
C ALA A 19 42.56 -10.17 29.69
N ARG A 20 43.79 -9.78 29.38
CA ARG A 20 44.77 -10.74 28.88
C ARG A 20 45.08 -11.80 29.93
N VAL A 21 45.20 -11.40 31.19
CA VAL A 21 45.49 -12.35 32.27
C VAL A 21 44.40 -13.39 32.34
N LEU A 22 43.15 -12.96 32.52
CA LEU A 22 42.07 -13.93 32.64
C LEU A 22 41.73 -14.61 31.33
N ALA A 23 42.19 -14.09 30.19
CA ALA A 23 42.06 -14.81 28.93
C ALA A 23 43.05 -15.95 28.85
N ALA A 24 44.25 -15.76 29.39
CA ALA A 24 45.19 -16.87 29.47
C ALA A 24 44.79 -17.84 30.57
N SER A 25 44.33 -17.33 31.70
CA SER A 25 44.05 -18.17 32.86
C SER A 25 42.67 -18.81 32.83
N ALA A 26 41.88 -18.59 31.78
CA ALA A 26 40.58 -19.25 31.65
C ALA A 26 40.79 -20.75 31.55
N PRO A 27 40.46 -21.51 32.60
CA PRO A 27 40.90 -22.90 32.67
C PRO A 27 40.44 -23.78 31.52
N GLU A 28 39.14 -23.87 31.31
CA GLU A 28 38.58 -24.80 30.34
C GLU A 28 37.94 -24.04 29.19
N GLY A 29 37.39 -24.79 28.25
CA GLY A 29 36.58 -24.21 27.20
C GLY A 29 35.19 -23.88 27.70
N LYS A 30 34.50 -23.07 26.92
CA LYS A 30 33.15 -22.59 27.24
C LYS A 30 33.13 -21.78 28.53
N LEU A 31 34.30 -21.46 29.09
CA LEU A 31 34.38 -20.49 30.17
C LEU A 31 34.55 -19.07 29.63
N TYR A 32 34.68 -18.90 28.32
CA TYR A 32 34.51 -17.58 27.73
C TYR A 32 33.08 -17.08 27.94
N CYS A 33 32.10 -17.94 27.70
CA CYS A 33 30.69 -17.66 27.96
C CYS A 33 30.40 -17.52 29.44
N GLN A 34 31.42 -17.66 30.26
CA GLN A 34 31.34 -17.69 31.70
C GLN A 34 32.11 -16.50 32.25
N ALA A 35 32.39 -16.49 33.54
CA ALA A 35 32.94 -15.29 34.15
C ALA A 35 34.39 -15.08 33.74
N ALA A 36 34.63 -15.07 32.44
CA ALA A 36 35.86 -14.56 31.88
C ALA A 36 35.59 -13.33 31.02
N GLY A 37 34.74 -13.47 30.00
CA GLY A 37 34.31 -12.29 29.27
C GLY A 37 33.42 -11.38 30.09
N ALA A 38 32.63 -11.96 30.99
CA ALA A 38 31.75 -11.15 31.83
C ALA A 38 32.55 -10.35 32.85
N ALA A 39 33.48 -11.01 33.54
CA ALA A 39 34.31 -10.31 34.51
C ALA A 39 35.25 -9.33 33.83
N SER A 40 35.71 -9.64 32.62
CA SER A 40 36.51 -8.70 31.84
C SER A 40 35.72 -7.44 31.50
N MET A 41 34.40 -7.51 31.52
CA MET A 41 33.58 -6.35 31.23
C MET A 41 33.43 -5.45 32.44
N VAL A 42 33.23 -6.03 33.62
CA VAL A 42 32.87 -5.26 34.79
C VAL A 42 34.05 -4.92 35.68
N VAL A 43 35.19 -5.59 35.52
CA VAL A 43 36.35 -5.23 36.31
C VAL A 43 36.93 -3.89 35.88
N GLY A 44 36.59 -3.46 34.67
CA GLY A 44 37.15 -2.25 34.11
C GLY A 44 36.75 -0.98 34.82
N PRO A 45 35.45 -0.72 34.93
CA PRO A 45 35.00 0.47 35.66
C PRO A 45 35.54 0.57 37.07
N PHE A 46 35.76 -0.55 37.75
CA PHE A 46 36.35 -0.46 39.09
C PHE A 46 37.81 -0.06 39.02
N ILE A 47 38.53 -0.58 38.01
CA ILE A 47 39.91 -0.15 37.79
C ILE A 47 39.97 1.35 37.57
N THR A 48 39.13 1.86 36.67
CA THR A 48 39.18 3.29 36.39
C THR A 48 38.69 4.12 37.58
N LEU A 49 37.77 3.59 38.38
CA LEU A 49 37.38 4.28 39.61
C LEU A 49 38.57 4.45 40.54
N VAL A 50 39.27 3.36 40.83
CA VAL A 50 40.36 3.46 41.79
C VAL A 50 41.51 4.29 41.21
N ALA A 51 41.73 4.22 39.90
CA ALA A 51 42.75 5.04 39.28
C ALA A 51 42.42 6.53 39.40
N ALA A 52 41.17 6.89 39.10
CA ALA A 52 40.76 8.28 39.23
C ALA A 52 40.85 8.73 40.69
N PHE A 53 40.52 7.84 41.62
CA PHE A 53 40.62 8.21 43.03
C PHE A 53 42.07 8.47 43.42
N VAL A 54 42.99 7.68 42.89
CA VAL A 54 44.38 7.87 43.32
C VAL A 54 45.01 9.06 42.61
N LEU A 55 44.58 9.38 41.39
CA LEU A 55 45.21 10.46 40.65
C LEU A 55 44.37 11.73 40.60
N GLY A 56 43.30 11.80 41.39
CA GLY A 56 42.59 13.05 41.54
C GLY A 56 42.92 13.73 42.85
N LYS A 57 43.21 12.93 43.87
CA LYS A 57 43.78 13.48 45.09
C LYS A 57 45.15 14.08 44.81
N ALA A 58 46.08 13.27 44.31
CA ALA A 58 47.32 13.80 43.76
C ALA A 58 46.98 14.50 42.46
N GLY A 59 46.91 15.83 42.50
CA GLY A 59 46.54 16.59 41.33
C GLY A 59 47.52 16.43 40.19
N ILE A 60 47.07 15.85 39.08
CA ILE A 60 47.92 15.65 37.91
C ILE A 60 47.63 16.65 36.81
N GLY A 61 46.36 16.99 36.60
CA GLY A 61 46.03 18.01 35.63
C GLY A 61 46.14 19.39 36.24
N GLY A 62 47.14 19.59 37.08
CA GLY A 62 47.31 20.85 37.77
C GLY A 62 46.19 21.20 38.72
N GLU A 63 45.36 20.24 39.08
CA GLU A 63 44.13 20.51 39.82
C GLU A 63 43.78 19.32 40.69
N VAL A 64 43.19 19.58 41.85
CA VAL A 64 42.66 18.55 42.73
C VAL A 64 41.14 18.54 42.63
N LEU A 65 40.56 17.34 42.55
CA LEU A 65 39.15 17.17 42.27
C LEU A 65 38.41 16.65 43.49
N ASP A 66 37.12 16.95 43.57
CA ASP A 66 36.25 16.41 44.60
C ASP A 66 35.83 15.00 44.21
N ALA A 67 34.84 14.46 44.92
CA ALA A 67 34.25 13.20 44.48
C ALA A 67 33.38 13.42 43.25
N THR A 68 32.58 14.48 43.24
CA THR A 68 31.68 14.74 42.13
C THR A 68 32.46 15.04 40.85
N ALA A 69 33.43 15.94 40.94
CA ALA A 69 34.21 16.28 39.76
C ALA A 69 34.99 15.08 39.26
N MET A 70 35.53 14.28 40.18
CA MET A 70 36.25 13.07 39.77
C MET A 70 35.33 12.10 39.06
N LEU A 71 34.08 11.97 39.54
CA LEU A 71 33.13 11.07 38.90
C LEU A 71 32.78 11.55 37.50
N ARG A 72 32.48 12.84 37.37
CA ARG A 72 32.17 13.40 36.06
C ARG A 72 33.34 13.20 35.11
N VAL A 73 34.57 13.30 35.61
CA VAL A 73 35.74 13.16 34.74
C VAL A 73 35.92 11.70 34.35
N ALA A 74 35.87 10.79 35.31
CA ALA A 74 36.17 9.39 35.08
C ALA A 74 35.01 8.60 34.49
N ALA A 75 33.86 9.23 34.28
CA ALA A 75 32.74 8.52 33.67
C ALA A 75 33.12 7.91 32.32
N LEU A 76 33.56 8.74 31.39
CA LEU A 76 33.75 8.28 30.02
C LEU A 76 34.83 7.22 29.89
N PRO A 77 35.98 7.35 30.58
CA PRO A 77 36.92 6.21 30.59
C PRO A 77 36.28 4.93 31.09
N ALA A 78 35.41 5.01 32.10
CA ALA A 78 34.72 3.83 32.58
C ALA A 78 33.85 3.22 31.48
N PHE A 79 33.15 4.08 30.73
CA PHE A 79 32.25 3.57 29.70
C PHE A 79 33.03 2.94 28.55
N GLY A 80 34.11 3.58 28.12
CA GLY A 80 34.95 2.98 27.10
C GLY A 80 35.65 1.73 27.58
N THR A 81 35.92 1.64 28.87
CA THR A 81 36.52 0.45 29.43
C THR A 81 35.54 -0.71 29.43
N LEU A 82 34.27 -0.42 29.70
CA LEU A 82 33.21 -1.41 29.62
C LEU A 82 33.20 -2.12 28.27
N PHE A 83 33.73 -1.47 27.23
CA PHE A 83 33.87 -2.05 25.91
C PHE A 83 35.24 -2.62 25.63
N VAL A 84 36.30 -1.97 26.11
CA VAL A 84 37.65 -2.44 25.82
C VAL A 84 37.98 -3.72 26.56
N GLY A 85 37.28 -4.01 27.66
CA GLY A 85 37.47 -5.26 28.35
C GLY A 85 37.20 -6.47 27.47
N PRO A 86 35.97 -6.62 27.00
CA PRO A 86 35.61 -7.82 26.24
C PRO A 86 36.42 -8.00 24.96
N VAL A 87 36.74 -6.93 24.24
CA VAL A 87 37.45 -7.12 22.98
C VAL A 87 38.89 -7.55 23.22
N VAL A 88 39.51 -7.07 24.30
CA VAL A 88 40.84 -7.55 24.64
C VAL A 88 40.76 -8.99 25.12
N PHE A 89 39.73 -9.34 25.87
CA PHE A 89 39.59 -10.73 26.31
C PHE A 89 39.38 -11.67 25.13
N TRP A 90 38.68 -11.20 24.10
CA TRP A 90 38.32 -12.05 22.96
C TRP A 90 39.53 -12.77 22.37
N PHE A 91 40.73 -12.27 22.63
CA PHE A 91 41.92 -12.99 22.22
C PHE A 91 42.07 -14.32 22.93
N PHE A 92 41.32 -14.57 24.01
CA PHE A 92 41.25 -15.91 24.59
C PHE A 92 40.77 -16.92 23.54
N ARG A 93 39.54 -16.74 23.06
CA ARG A 93 39.06 -17.61 22.00
C ARG A 93 39.88 -17.46 20.73
N ARG A 94 40.44 -16.27 20.51
CA ARG A 94 41.33 -16.10 19.37
C ARG A 94 42.67 -16.80 19.54
N GLN A 95 42.91 -17.43 20.69
CA GLN A 95 44.05 -18.33 20.88
C GLN A 95 43.75 -19.75 20.48
N ARG A 96 42.52 -20.21 20.68
CA ARG A 96 42.20 -21.63 20.60
C ARG A 96 40.91 -21.88 19.82
N TYR B 4 21.97 -18.07 -0.70
CA TYR B 4 21.29 -17.45 -1.84
C TYR B 4 19.83 -17.21 -1.54
N GLN B 5 19.33 -16.08 -2.03
CA GLN B 5 17.92 -15.73 -1.92
C GLN B 5 17.44 -15.20 -3.26
N ASN B 6 16.13 -15.25 -3.46
CA ASN B 6 15.54 -15.19 -4.79
C ASN B 6 15.28 -13.75 -5.25
N ILE B 7 16.05 -12.77 -4.77
CA ILE B 7 15.85 -11.40 -5.21
C ILE B 7 16.17 -11.25 -6.69
N PHE B 8 17.04 -12.10 -7.23
CA PHE B 8 17.32 -12.12 -8.65
C PHE B 8 17.40 -13.55 -9.14
N THR B 9 17.30 -13.74 -10.45
CA THR B 9 17.40 -15.05 -11.06
C THR B 9 18.85 -15.29 -11.48
N GLN B 10 19.45 -16.35 -10.96
CA GLN B 10 20.83 -16.69 -11.31
C GLN B 10 20.94 -17.06 -12.78
N VAL B 11 20.23 -18.09 -13.20
CA VAL B 11 20.26 -18.58 -14.58
C VAL B 11 18.91 -18.29 -15.20
N GLN B 12 18.92 -17.57 -16.32
CA GLN B 12 17.70 -17.21 -17.03
C GLN B 12 17.66 -17.97 -18.35
N VAL B 13 16.68 -18.85 -18.50
CA VAL B 13 16.49 -19.57 -19.75
C VAL B 13 15.67 -18.69 -20.69
N GLU B 14 15.85 -18.91 -21.99
CA GLU B 14 15.13 -18.15 -23.00
C GLU B 14 14.63 -19.08 -24.08
N GLY B 15 13.39 -18.84 -24.54
CA GLY B 15 12.78 -19.67 -25.55
C GLY B 15 11.86 -18.89 -26.46
N PRO B 16 10.87 -19.57 -27.04
CA PRO B 16 9.96 -18.90 -27.96
C PRO B 16 9.06 -17.91 -27.25
N ALA B 17 8.46 -17.03 -28.05
CA ALA B 17 7.50 -16.06 -27.53
C ALA B 17 6.13 -16.72 -27.41
N TYR B 18 5.46 -16.50 -26.28
CA TYR B 18 4.15 -17.06 -26.04
C TYR B 18 3.08 -16.13 -26.59
N ALA B 19 2.20 -16.67 -27.43
CA ALA B 19 1.08 -15.88 -27.94
C ALA B 19 0.02 -15.63 -26.88
N GLY B 20 -0.03 -16.45 -25.84
CA GLY B 20 -1.02 -16.32 -24.80
C GLY B 20 -2.15 -17.30 -24.96
N VAL B 21 -3.07 -17.23 -24.00
CA VAL B 21 -4.25 -18.10 -24.03
C VAL B 21 -5.18 -17.66 -25.16
N PRO B 22 -5.70 -18.57 -25.96
CA PRO B 22 -6.73 -18.19 -26.95
C PRO B 22 -7.96 -17.63 -26.27
N LEU B 23 -8.58 -16.66 -26.92
CA LEU B 23 -9.71 -15.92 -26.35
C LEU B 23 -11.03 -16.51 -26.81
N ARG B 24 -12.11 -16.07 -26.16
CA ARG B 24 -13.45 -16.45 -26.58
C ARG B 24 -13.78 -15.80 -27.92
N PRO B 25 -14.78 -16.33 -28.64
CA PRO B 25 -15.13 -15.73 -29.93
C PRO B 25 -15.82 -14.39 -29.82
N GLY B 26 -15.18 -13.43 -29.17
CA GLY B 26 -15.77 -12.11 -29.02
C GLY B 26 -14.76 -10.97 -29.09
N SER B 27 -13.54 -11.28 -29.52
CA SER B 27 -12.45 -10.31 -29.56
C SER B 27 -11.82 -10.31 -30.94
N SER B 28 -10.78 -9.50 -31.09
CA SER B 28 -10.04 -9.34 -32.33
C SER B 28 -8.63 -9.90 -32.20
N PRO B 29 -7.93 -10.11 -33.31
CA PRO B 29 -6.53 -10.54 -33.21
C PRO B 29 -5.68 -9.50 -32.52
N ARG B 30 -4.92 -9.95 -31.52
CA ARG B 30 -4.07 -9.08 -30.72
C ARG B 30 -2.80 -8.73 -31.49
N GLU B 31 -2.01 -7.84 -30.90
CA GLU B 31 -0.73 -7.44 -31.47
C GLU B 31 0.21 -8.64 -31.52
N THR B 32 1.39 -8.43 -32.13
CA THR B 32 2.41 -9.46 -32.22
C THR B 32 3.80 -8.87 -31.96
N GLN B 33 3.92 -8.04 -30.93
CA GLN B 33 5.23 -7.46 -30.63
C GLN B 33 6.16 -8.51 -30.06
N THR B 34 5.82 -9.03 -28.87
CA THR B 34 6.49 -10.17 -28.24
C THR B 34 8.01 -10.08 -28.30
N THR B 35 8.54 -9.04 -27.66
CA THR B 35 9.99 -8.89 -27.53
C THR B 35 10.41 -9.24 -26.11
N PHE B 36 11.71 -9.48 -25.95
CA PHE B 36 12.28 -9.91 -24.68
C PHE B 36 13.30 -8.89 -24.22
N ASN B 37 13.07 -8.32 -23.03
CA ASN B 37 14.00 -7.40 -22.40
C ASN B 37 14.78 -8.16 -21.33
N TYR B 38 16.10 -7.96 -21.31
CA TYR B 38 16.94 -8.76 -20.43
C TYR B 38 16.75 -8.39 -18.97
N TRP B 39 16.67 -7.10 -18.66
CA TRP B 39 16.55 -6.69 -17.27
C TRP B 39 15.17 -7.03 -16.71
N LEU B 40 14.13 -6.98 -17.54
CA LEU B 40 12.82 -7.42 -17.09
C LEU B 40 12.87 -8.86 -16.64
N GLY B 41 13.49 -9.73 -17.44
CA GLY B 41 13.71 -11.10 -17.03
C GLY B 41 14.65 -11.23 -15.84
N LYS B 42 15.52 -10.25 -15.64
CA LYS B 42 16.37 -10.27 -14.46
C LYS B 42 15.56 -10.08 -13.19
N ILE B 43 14.61 -9.13 -13.21
CA ILE B 43 13.79 -8.92 -12.02
C ILE B 43 12.49 -9.72 -12.07
N GLY B 44 12.02 -10.07 -13.26
CA GLY B 44 10.80 -10.84 -13.40
C GLY B 44 10.80 -11.69 -14.65
N ASP B 45 9.71 -11.66 -15.42
CA ASP B 45 9.70 -12.26 -16.75
C ASP B 45 10.22 -11.25 -17.77
N ALA B 46 10.55 -11.75 -18.96
CA ALA B 46 11.26 -10.95 -19.94
C ALA B 46 10.41 -10.51 -21.11
N GLN B 47 9.26 -11.13 -21.35
CA GLN B 47 8.47 -10.79 -22.53
C GLN B 47 7.76 -9.46 -22.35
N VAL B 48 7.67 -8.70 -23.44
CA VAL B 48 7.10 -7.36 -23.41
C VAL B 48 5.91 -7.30 -24.36
N GLY B 49 5.21 -8.42 -24.52
CA GLY B 49 4.04 -8.47 -25.33
C GLY B 49 3.41 -9.85 -25.34
N PRO B 50 2.38 -10.06 -26.17
CA PRO B 50 1.80 -9.05 -27.07
C PRO B 50 0.59 -8.35 -26.44
N VAL B 51 0.59 -7.03 -26.45
CA VAL B 51 -0.48 -6.27 -25.83
C VAL B 51 -1.69 -6.29 -26.76
N TYR B 52 -2.75 -6.97 -26.34
CA TYR B 52 -4.02 -6.86 -27.04
C TYR B 52 -4.60 -5.47 -26.82
N LEU B 53 -4.87 -4.77 -27.91
CA LEU B 53 -5.44 -3.43 -27.84
C LEU B 53 -6.65 -3.40 -28.76
N GLY B 54 -7.82 -3.58 -28.19
CA GLY B 54 -9.06 -3.63 -28.94
C GLY B 54 -9.73 -2.28 -29.00
N PHE B 55 -11.05 -2.32 -29.15
CA PHE B 55 -11.82 -1.10 -29.29
C PHE B 55 -11.74 -0.25 -28.03
N THR B 56 -12.06 -0.84 -26.87
CA THR B 56 -12.09 -0.06 -25.64
C THR B 56 -10.73 0.49 -25.29
N GLY B 57 -9.67 -0.27 -25.52
CA GLY B 57 -8.33 0.25 -25.26
C GLY B 57 -7.96 1.42 -26.15
N VAL B 58 -8.32 1.34 -27.43
CA VAL B 58 -7.96 2.41 -28.36
C VAL B 58 -8.77 3.67 -28.07
N CYS B 59 -10.06 3.52 -27.81
CA CYS B 59 -10.84 4.70 -27.45
C CYS B 59 -10.42 5.27 -26.10
N SER B 60 -9.99 4.41 -25.18
CA SER B 60 -9.50 4.90 -23.90
C SER B 60 -8.25 5.74 -24.09
N LEU B 61 -7.32 5.27 -24.92
CA LEU B 61 -6.11 6.05 -25.16
C LEU B 61 -6.43 7.33 -25.92
N LEU B 62 -7.40 7.29 -26.84
CA LEU B 62 -7.75 8.49 -27.59
C LEU B 62 -8.33 9.55 -26.67
N CYS B 63 -9.28 9.17 -25.82
CA CYS B 63 -9.86 10.14 -24.89
C CYS B 63 -8.83 10.65 -23.90
N GLY B 64 -7.98 9.76 -23.39
CA GLY B 64 -6.97 10.18 -22.44
C GLY B 64 -5.98 11.15 -23.07
N PHE B 65 -5.61 10.93 -24.32
CA PHE B 65 -4.68 11.84 -24.95
C PHE B 65 -5.35 13.13 -25.38
N VAL B 66 -6.66 13.12 -25.64
CA VAL B 66 -7.39 14.37 -25.79
C VAL B 66 -7.29 15.18 -24.50
N ALA B 67 -7.52 14.53 -23.37
CA ALA B 67 -7.44 15.24 -22.09
C ALA B 67 -6.03 15.76 -21.83
N ILE B 68 -5.02 14.94 -22.11
CA ILE B 68 -3.63 15.34 -21.88
C ILE B 68 -3.23 16.46 -22.82
N GLU B 69 -3.72 16.43 -24.06
CA GLU B 69 -3.45 17.50 -24.99
C GLU B 69 -4.07 18.81 -24.53
N ILE B 70 -5.31 18.75 -24.04
CA ILE B 70 -5.95 19.97 -23.53
C ILE B 70 -5.15 20.53 -22.36
N ILE B 71 -4.77 19.67 -21.42
CA ILE B 71 -4.01 20.13 -20.25
C ILE B 71 -2.68 20.75 -20.68
N GLY B 72 -1.96 20.09 -21.57
CA GLY B 72 -0.66 20.58 -21.96
C GLY B 72 -0.73 21.86 -22.77
N LEU B 73 -1.71 21.97 -23.66
CA LEU B 73 -1.85 23.19 -24.43
C LEU B 73 -2.27 24.35 -23.54
N ASN B 74 -3.03 24.08 -22.49
CA ASN B 74 -3.37 25.14 -21.56
C ASN B 74 -2.16 25.56 -20.73
N MET B 75 -1.33 24.60 -20.33
CA MET B 75 -0.13 24.96 -19.61
C MET B 75 0.87 25.70 -20.49
N LEU B 76 0.88 25.41 -21.79
CA LEU B 76 1.74 26.15 -22.71
C LEU B 76 1.19 27.54 -22.98
N ALA B 77 -0.13 27.68 -23.06
CA ALA B 77 -0.71 29.00 -23.28
C ALA B 77 -0.56 29.88 -22.06
N SER B 78 -0.66 29.30 -20.86
CA SER B 78 -0.51 30.06 -19.63
C SER B 78 0.89 30.58 -19.43
N VAL B 79 1.82 30.18 -20.29
CA VAL B 79 3.21 30.60 -20.18
C VAL B 79 3.68 31.31 -21.44
N ASP B 80 2.74 31.71 -22.30
CA ASP B 80 2.99 32.45 -23.53
C ASP B 80 3.72 31.62 -24.58
N TRP B 81 3.48 30.31 -24.56
CA TRP B 81 4.00 29.36 -25.54
C TRP B 81 5.51 29.23 -25.50
N SER B 82 6.17 29.75 -24.49
CA SER B 82 7.61 29.64 -24.41
C SER B 82 8.01 28.24 -23.96
N PRO B 83 8.69 27.45 -24.78
CA PRO B 83 9.16 26.15 -24.31
C PRO B 83 10.20 26.27 -23.22
N ILE B 84 11.01 27.33 -23.24
CA ILE B 84 11.95 27.58 -22.15
C ILE B 84 11.21 27.76 -20.85
N GLU B 85 10.25 28.69 -20.84
CA GLU B 85 9.48 28.93 -19.64
C GLU B 85 8.59 27.74 -19.29
N PHE B 86 8.26 26.91 -20.27
CA PHE B 86 7.52 25.68 -19.99
C PHE B 86 8.39 24.70 -19.21
N LEU B 87 9.64 24.52 -19.65
CA LEU B 87 10.54 23.65 -18.92
C LEU B 87 10.89 24.21 -17.56
N ARG B 88 10.99 25.52 -17.45
CA ARG B 88 11.32 26.14 -16.18
C ARG B 88 10.20 25.95 -15.17
N GLN B 89 8.97 26.21 -15.57
CA GLN B 89 7.85 26.29 -14.65
C GLN B 89 6.99 25.04 -14.63
N PHE B 90 7.45 23.95 -15.25
CA PHE B 90 6.57 22.84 -15.57
C PHE B 90 5.82 22.33 -14.35
N CYS B 91 6.54 21.96 -13.28
CA CYS B 91 5.88 21.39 -12.12
C CYS B 91 4.94 22.39 -11.45
N TRP B 92 5.08 23.68 -11.73
CA TRP B 92 4.20 24.69 -11.14
C TRP B 92 3.04 25.06 -12.04
N LEU B 93 2.97 24.55 -13.25
CA LEU B 93 1.88 24.87 -14.16
C LEU B 93 0.70 23.93 -13.94
N ALA B 94 -0.50 24.43 -14.20
CA ALA B 94 -1.68 23.60 -14.09
C ALA B 94 -2.84 24.23 -14.83
N LEU B 95 -3.70 23.36 -15.36
CA LEU B 95 -5.03 23.77 -15.82
C LEU B 95 -5.91 23.85 -14.58
N GLU B 96 -6.20 25.07 -14.13
CA GLU B 96 -6.92 25.26 -12.89
C GLU B 96 -8.42 24.99 -13.07
N PRO B 97 -9.10 24.56 -12.02
CA PRO B 97 -10.53 24.30 -12.10
C PRO B 97 -11.30 25.58 -12.33
N PRO B 98 -12.59 25.49 -12.64
CA PRO B 98 -13.39 26.70 -12.86
C PRO B 98 -13.42 27.61 -11.65
N LYS B 99 -13.82 28.83 -11.89
CA LYS B 99 -13.95 29.81 -10.82
C LYS B 99 -15.22 29.55 -10.02
N PRO B 100 -15.24 29.97 -8.76
CA PRO B 100 -16.43 29.69 -7.93
C PRO B 100 -17.69 30.36 -8.45
N GLU B 101 -17.57 31.50 -9.12
CA GLU B 101 -18.73 32.24 -9.56
C GLU B 101 -19.57 31.49 -10.58
N TYR B 102 -19.07 30.40 -11.15
CA TYR B 102 -19.77 29.70 -12.21
C TYR B 102 -20.53 28.48 -11.73
N GLY B 103 -20.31 28.05 -10.50
CA GLY B 103 -21.08 26.93 -9.97
C GLY B 103 -20.83 25.68 -10.77
N LEU B 104 -21.93 25.07 -11.24
CA LEU B 104 -21.84 23.85 -12.02
C LEU B 104 -22.15 24.08 -13.48
N THR B 105 -22.16 25.32 -13.93
CA THR B 105 -22.37 25.61 -15.34
C THR B 105 -21.10 25.30 -16.13
N ILE B 106 -21.16 25.51 -17.44
CA ILE B 106 -19.99 25.39 -18.31
C ILE B 106 -19.35 26.77 -18.41
N PRO B 107 -18.21 27.02 -17.77
CA PRO B 107 -17.66 28.36 -17.71
C PRO B 107 -16.93 28.68 -19.00
N PRO B 108 -16.46 29.92 -19.16
CA PRO B 108 -15.61 30.23 -20.30
C PRO B 108 -14.37 29.34 -20.32
N LEU B 109 -13.82 29.17 -21.52
CA LEU B 109 -12.72 28.22 -21.71
C LEU B 109 -11.53 28.56 -20.83
N LYS B 110 -11.21 29.85 -20.73
CA LYS B 110 -10.06 30.27 -19.95
C LYS B 110 -10.38 30.44 -18.47
N GLU B 111 -11.60 30.12 -18.05
CA GLU B 111 -11.97 30.24 -16.65
C GLU B 111 -12.56 28.94 -16.14
N GLY B 112 -12.16 27.83 -16.74
CA GLY B 112 -12.59 26.52 -16.30
C GLY B 112 -13.31 25.70 -17.34
N GLY B 113 -13.59 26.25 -18.51
CA GLY B 113 -14.17 25.43 -19.57
C GLY B 113 -13.18 24.38 -20.07
N TRP B 114 -11.92 24.78 -20.24
CA TRP B 114 -10.92 23.81 -20.64
C TRP B 114 -10.71 22.76 -19.57
N TRP B 115 -10.74 23.18 -18.30
CA TRP B 115 -10.65 22.22 -17.22
C TRP B 115 -11.81 21.23 -17.27
N LEU B 116 -13.02 21.74 -17.49
CA LEU B 116 -14.19 20.87 -17.52
C LEU B 116 -14.10 19.88 -18.66
N MET B 117 -13.64 20.32 -19.84
CA MET B 117 -13.54 19.41 -20.97
C MET B 117 -12.46 18.37 -20.74
N ALA B 118 -11.31 18.77 -20.18
CA ALA B 118 -10.26 17.81 -19.89
C ALA B 118 -10.72 16.80 -18.85
N GLY B 119 -11.47 17.25 -17.84
CA GLY B 119 -11.97 16.31 -16.85
C GLY B 119 -12.99 15.35 -17.42
N PHE B 120 -13.88 15.84 -18.26
CA PHE B 120 -14.82 14.96 -18.96
C PHE B 120 -14.09 13.89 -19.74
N PHE B 121 -13.09 14.29 -20.54
CA PHE B 121 -12.42 13.33 -21.39
C PHE B 121 -11.55 12.37 -20.59
N LEU B 122 -10.97 12.83 -19.48
CA LEU B 122 -10.20 11.93 -18.64
C LEU B 122 -11.10 10.91 -17.96
N THR B 123 -12.29 11.34 -17.54
CA THR B 123 -13.24 10.40 -16.95
C THR B 123 -13.69 9.37 -17.96
N VAL B 124 -13.94 9.80 -19.19
CA VAL B 124 -14.35 8.84 -20.22
C VAL B 124 -13.22 7.86 -20.52
N SER B 125 -11.98 8.36 -20.58
CA SER B 125 -10.83 7.50 -20.75
C SER B 125 -10.73 6.46 -19.64
N ILE B 126 -10.93 6.88 -18.39
CA ILE B 126 -10.77 5.98 -17.27
C ILE B 126 -11.89 4.94 -17.24
N ALA B 127 -13.12 5.35 -17.57
CA ALA B 127 -14.21 4.39 -17.65
C ALA B 127 -14.00 3.39 -18.77
N LEU B 128 -13.46 3.85 -19.91
CA LEU B 128 -13.18 2.94 -21.00
C LEU B 128 -12.07 1.97 -20.63
N TRP B 129 -11.07 2.42 -19.88
CA TRP B 129 -10.03 1.52 -19.42
C TRP B 129 -10.56 0.50 -18.43
N TRP B 130 -11.51 0.92 -17.60
CA TRP B 130 -12.15 -0.03 -16.69
C TRP B 130 -12.92 -1.09 -17.46
N VAL B 131 -13.68 -0.67 -18.47
CA VAL B 131 -14.39 -1.62 -19.32
C VAL B 131 -13.41 -2.56 -19.99
N ARG B 132 -12.24 -2.05 -20.37
CA ARG B 132 -11.23 -2.88 -20.99
C ARG B 132 -10.71 -3.93 -20.01
N THR B 133 -10.47 -3.55 -18.76
CA THR B 133 -10.03 -4.54 -17.78
C THR B 133 -11.09 -5.60 -17.57
N TYR B 134 -12.35 -5.19 -17.48
CA TYR B 134 -13.45 -6.13 -17.31
C TYR B 134 -13.49 -7.13 -18.46
N ARG B 135 -13.40 -6.64 -19.69
CA ARG B 135 -13.49 -7.53 -20.83
C ARG B 135 -12.26 -8.41 -20.97
N ARG B 136 -11.07 -7.87 -20.68
CA ARG B 136 -9.87 -8.69 -20.77
C ARG B 136 -9.88 -9.80 -19.74
N SER B 137 -10.52 -9.58 -18.59
CA SER B 137 -10.65 -10.67 -17.63
C SER B 137 -11.70 -11.66 -18.09
N ARG B 138 -12.88 -11.19 -18.46
CA ARG B 138 -13.94 -12.13 -18.81
C ARG B 138 -13.81 -12.68 -20.22
N ALA B 139 -12.85 -12.22 -21.01
CA ALA B 139 -12.53 -12.87 -22.28
C ALA B 139 -11.56 -14.02 -22.11
N LEU B 140 -10.94 -14.14 -20.94
CA LEU B 140 -10.12 -15.30 -20.62
C LEU B 140 -10.83 -16.24 -19.68
N GLY B 141 -12.09 -15.99 -19.35
CA GLY B 141 -12.81 -16.80 -18.41
C GLY B 141 -12.48 -16.58 -16.96
N MET B 142 -11.80 -15.49 -16.64
CA MET B 142 -11.38 -15.24 -15.27
C MET B 142 -12.41 -14.42 -14.51
N GLY B 143 -12.24 -14.33 -13.20
CA GLY B 143 -13.04 -13.43 -12.41
C GLY B 143 -12.69 -11.99 -12.70
N THR B 144 -13.50 -11.09 -12.16
CA THR B 144 -13.35 -9.67 -12.42
C THR B 144 -12.90 -8.92 -11.17
N HIS B 145 -12.06 -9.56 -10.36
CA HIS B 145 -11.61 -8.94 -9.11
C HIS B 145 -10.73 -7.74 -9.37
N VAL B 146 -9.88 -7.80 -10.40
CA VAL B 146 -9.04 -6.66 -10.74
C VAL B 146 -9.88 -5.47 -11.15
N SER B 147 -10.96 -5.71 -11.89
CA SER B 147 -11.81 -4.63 -12.32
C SER B 147 -12.49 -3.94 -11.15
N TRP B 148 -12.93 -4.72 -10.16
CA TRP B 148 -13.56 -4.12 -9.00
C TRP B 148 -12.56 -3.50 -8.03
N ALA B 149 -11.29 -3.88 -8.10
CA ALA B 149 -10.28 -3.13 -7.39
C ALA B 149 -10.01 -1.80 -8.07
N PHE B 150 -10.01 -1.79 -9.40
CA PHE B 150 -9.87 -0.55 -10.16
C PHE B 150 -11.05 0.38 -9.94
N ALA B 151 -12.25 -0.19 -9.78
CA ALA B 151 -13.43 0.63 -9.54
C ALA B 151 -13.33 1.43 -8.24
N SER B 152 -12.55 0.96 -7.26
CA SER B 152 -12.40 1.70 -6.02
C SER B 152 -11.56 2.96 -6.23
N ALA B 153 -10.43 2.81 -6.92
CA ALA B 153 -9.65 3.98 -7.29
C ALA B 153 -10.48 4.94 -8.13
N ILE B 154 -11.29 4.40 -9.04
CA ILE B 154 -12.14 5.25 -9.85
C ILE B 154 -13.17 5.97 -8.99
N LEU B 155 -13.65 5.32 -7.94
CA LEU B 155 -14.63 5.96 -7.07
C LEU B 155 -13.99 7.09 -6.28
N LEU B 156 -12.76 6.90 -5.81
CA LEU B 156 -12.06 8.01 -5.16
C LEU B 156 -11.82 9.16 -6.14
N TYR B 157 -11.41 8.85 -7.36
CA TYR B 157 -11.15 9.89 -8.34
C TYR B 157 -12.42 10.66 -8.69
N LEU B 158 -13.55 9.95 -8.80
CA LEU B 158 -14.82 10.61 -9.08
C LEU B 158 -15.27 11.46 -7.90
N ALA B 159 -15.11 10.95 -6.67
CA ALA B 159 -15.45 11.75 -5.51
C ALA B 159 -14.63 13.02 -5.45
N LEU B 160 -13.33 12.92 -5.76
CA LEU B 160 -12.47 14.09 -5.72
C LEU B 160 -12.86 15.10 -6.79
N GLY B 161 -13.09 14.64 -8.01
CA GLY B 161 -13.32 15.56 -9.09
C GLY B 161 -14.76 15.83 -9.46
N PHE B 162 -15.67 14.91 -9.14
CA PHE B 162 -17.04 15.05 -9.59
C PHE B 162 -18.06 15.11 -8.46
N ILE B 163 -18.05 14.14 -7.56
CA ILE B 163 -19.17 13.97 -6.63
C ILE B 163 -19.16 15.07 -5.57
N GLN B 164 -18.01 15.29 -4.95
CA GLN B 164 -17.95 16.32 -3.92
C GLN B 164 -18.13 17.71 -4.52
N PRO B 165 -17.58 18.01 -5.71
CA PRO B 165 -17.93 19.27 -6.35
C PRO B 165 -19.41 19.41 -6.67
N LEU B 166 -20.07 18.32 -7.08
CA LEU B 166 -21.52 18.33 -7.25
C LEU B 166 -22.22 18.73 -5.96
N LEU B 167 -21.98 17.96 -4.90
CA LEU B 167 -22.66 18.19 -3.63
C LEU B 167 -22.32 19.54 -3.02
N MET B 168 -21.20 20.12 -3.39
CA MET B 168 -20.89 21.49 -2.99
C MET B 168 -21.43 22.51 -3.96
N GLY B 169 -21.87 22.08 -5.14
CA GLY B 169 -22.48 22.99 -6.10
C GLY B 169 -21.51 23.87 -6.85
N SER B 170 -20.27 23.43 -7.03
CA SER B 170 -19.28 24.26 -7.69
C SER B 170 -18.13 23.41 -8.19
N TRP B 171 -17.79 23.57 -9.47
CA TRP B 171 -16.61 22.91 -10.00
C TRP B 171 -15.32 23.45 -9.40
N SER B 172 -15.37 24.61 -8.77
CA SER B 172 -14.18 25.21 -8.20
C SER B 172 -13.60 24.39 -7.07
N GLU B 173 -14.36 23.45 -6.53
CA GLU B 173 -13.87 22.60 -5.46
C GLU B 173 -12.86 21.55 -5.92
N ALA B 174 -12.74 21.34 -7.20
CA ALA B 174 -12.02 20.18 -7.71
C ALA B 174 -10.54 20.50 -7.88
N PRO B 175 -9.70 19.48 -7.98
CA PRO B 175 -8.26 19.72 -8.11
C PRO B 175 -7.90 20.32 -9.46
N PRO B 176 -6.75 20.96 -9.57
CA PRO B 176 -6.23 21.35 -10.88
C PRO B 176 -5.46 20.19 -11.52
N PHE B 177 -5.10 20.39 -12.78
CA PHE B 177 -4.29 19.42 -13.52
C PHE B 177 -2.85 19.91 -13.56
N GLY B 178 -2.13 19.63 -12.49
CA GLY B 178 -0.74 20.02 -12.37
C GLY B 178 -0.10 19.34 -11.17
N VAL B 179 1.21 19.19 -11.17
CA VAL B 179 1.86 18.39 -10.14
C VAL B 179 1.89 19.11 -8.79
N PHE B 180 2.64 20.18 -8.72
CA PHE B 180 2.72 20.97 -7.50
C PHE B 180 1.38 21.65 -7.22
N PRO B 181 0.66 22.14 -8.24
CA PRO B 181 -0.65 22.73 -7.94
C PRO B 181 -1.64 21.75 -7.37
N HIS B 182 -1.61 20.48 -7.76
CA HIS B 182 -2.54 19.54 -7.14
C HIS B 182 -2.06 19.13 -5.75
N LEU B 183 -0.76 19.13 -5.51
CA LEU B 183 -0.30 19.01 -4.13
C LEU B 183 -0.80 20.15 -3.27
N ASP B 184 -0.73 21.38 -3.79
CA ASP B 184 -1.24 22.53 -3.04
C ASP B 184 -2.74 22.43 -2.86
N TRP B 185 -3.45 21.90 -3.84
CA TRP B 185 -4.88 21.68 -3.67
C TRP B 185 -5.14 20.72 -2.51
N THR B 186 -4.40 19.63 -2.45
CA THR B 186 -4.53 18.70 -1.34
C THR B 186 -4.32 19.39 -0.01
N ASN B 187 -3.24 20.17 0.09
CA ASN B 187 -2.95 20.89 1.33
C ASN B 187 -4.07 21.84 1.70
N ASN B 188 -4.50 22.67 0.75
CA ASN B 188 -5.53 23.66 1.02
C ASN B 188 -6.88 23.02 1.27
N PHE B 189 -7.11 21.83 0.75
CA PHE B 189 -8.33 21.12 1.07
C PHE B 189 -8.31 20.68 2.52
N SER B 190 -7.19 20.18 2.99
CA SER B 190 -7.10 19.86 4.41
C SER B 190 -7.26 21.10 5.27
N ILE B 191 -6.66 22.22 4.84
CA ILE B 191 -6.68 23.42 5.66
C ILE B 191 -8.07 24.04 5.67
N LYS B 192 -8.78 23.98 4.55
CA LYS B 192 -10.04 24.68 4.41
C LYS B 192 -11.17 23.97 5.17
N TYR B 193 -11.07 22.67 5.34
CA TYR B 193 -12.13 21.88 5.94
C TYR B 193 -11.75 21.38 7.33
N GLY B 194 -11.11 22.23 8.11
CA GLY B 194 -10.72 21.87 9.46
C GLY B 194 -9.31 21.32 9.51
N ASN B 195 -9.21 20.01 9.75
CA ASN B 195 -7.92 19.32 9.69
C ASN B 195 -8.25 17.88 9.34
N LEU B 196 -7.82 17.43 8.16
CA LEU B 196 -8.26 16.13 7.66
C LEU B 196 -7.78 14.96 8.50
N TYR B 197 -6.91 15.20 9.48
CA TYR B 197 -6.53 14.15 10.40
C TYR B 197 -7.68 13.74 11.32
N TYR B 198 -8.70 14.59 11.45
CA TYR B 198 -9.84 14.30 12.28
C TYR B 198 -11.04 13.84 11.46
N ASN B 199 -10.84 13.63 10.17
CA ASN B 199 -11.79 12.89 9.36
C ASN B 199 -11.60 11.40 9.63
N PRO B 200 -12.59 10.71 10.21
CA PRO B 200 -12.36 9.30 10.58
C PRO B 200 -12.14 8.40 9.39
N PHE B 201 -12.80 8.66 8.27
CA PHE B 201 -12.58 7.84 7.10
C PHE B 201 -11.24 8.13 6.45
N HIS B 202 -10.70 9.32 6.67
CA HIS B 202 -9.32 9.58 6.32
C HIS B 202 -8.38 8.74 7.16
N CYS B 203 -8.64 8.64 8.47
CA CYS B 203 -7.87 7.76 9.33
C CYS B 203 -7.97 6.31 8.88
N LEU B 204 -9.16 5.89 8.47
CA LEU B 204 -9.35 4.52 8.00
C LEU B 204 -8.62 4.27 6.69
N SER B 205 -8.67 5.24 5.78
CA SER B 205 -7.96 5.10 4.52
C SER B 205 -6.46 5.02 4.74
N ILE B 206 -5.95 5.80 5.70
CA ILE B 206 -4.52 5.72 6.02
C ILE B 206 -4.20 4.38 6.68
N ALA B 207 -5.10 3.89 7.54
CA ALA B 207 -4.92 2.58 8.14
C ALA B 207 -4.82 1.50 7.07
N PHE B 208 -5.67 1.57 6.05
CA PHE B 208 -5.67 0.54 5.02
C PHE B 208 -4.52 0.71 4.03
N LEU B 209 -4.04 1.94 3.82
CA LEU B 209 -2.84 2.13 3.01
C LEU B 209 -1.60 1.58 3.71
N TYR B 210 -1.41 1.95 4.98
CA TYR B 210 -0.33 1.38 5.77
C TYR B 210 -0.46 -0.12 5.84
N GLY B 211 -1.68 -0.63 5.98
CA GLY B 211 -1.88 -2.05 6.06
C GLY B 211 -1.63 -2.78 4.76
N SER B 212 -1.88 -2.11 3.63
CA SER B 212 -1.55 -2.73 2.35
C SER B 212 -0.05 -2.77 2.15
N ALA B 213 0.66 -1.72 2.54
CA ALA B 213 2.13 -1.77 2.49
C ALA B 213 2.66 -2.87 3.40
N LEU B 214 2.18 -2.92 4.63
CA LEU B 214 2.55 -3.96 5.58
C LEU B 214 2.24 -5.34 5.04
N LEU B 215 1.05 -5.53 4.49
CA LEU B 215 0.62 -6.83 4.01
C LEU B 215 1.41 -7.27 2.80
N PHE B 216 1.78 -6.35 1.93
CA PHE B 216 2.47 -6.75 0.72
C PHE B 216 3.95 -6.96 0.99
N ALA B 217 4.52 -6.24 1.97
CA ALA B 217 5.83 -6.62 2.48
C ALA B 217 5.80 -8.02 3.10
N MET B 218 4.83 -8.28 3.98
CA MET B 218 4.70 -9.58 4.61
C MET B 218 4.56 -10.68 3.56
N HIS B 219 3.68 -10.50 2.59
CA HIS B 219 3.38 -11.54 1.62
C HIS B 219 4.55 -11.76 0.66
N GLY B 220 5.14 -10.69 0.14
CA GLY B 220 6.30 -10.84 -0.70
C GLY B 220 7.45 -11.52 0.01
N ALA B 221 7.71 -11.10 1.26
CA ALA B 221 8.78 -11.73 2.03
C ALA B 221 8.47 -13.19 2.31
N THR B 222 7.20 -13.51 2.56
CA THR B 222 6.82 -14.89 2.84
C THR B 222 6.98 -15.77 1.61
N ILE B 223 6.61 -15.27 0.44
CA ILE B 223 6.72 -16.07 -0.76
C ILE B 223 8.17 -16.22 -1.17
N LEU B 224 8.98 -15.18 -0.99
CA LEU B 224 10.40 -15.31 -1.28
C LEU B 224 11.08 -16.24 -0.28
N ALA B 225 10.58 -16.32 0.95
CA ALA B 225 11.23 -17.17 1.94
C ALA B 225 10.95 -18.64 1.68
N VAL B 226 9.80 -18.97 1.11
CA VAL B 226 9.46 -20.35 0.78
C VAL B 226 9.53 -20.61 -0.71
N SER B 227 10.15 -19.71 -1.48
CA SER B 227 10.30 -19.94 -2.91
C SER B 227 11.20 -21.11 -3.20
N ARG B 228 12.10 -21.46 -2.28
CA ARG B 228 12.95 -22.63 -2.47
C ARG B 228 12.15 -23.93 -2.45
N TYR B 229 10.95 -23.90 -1.89
CA TYR B 229 10.08 -25.08 -1.88
C TYR B 229 8.97 -24.98 -2.90
N GLY B 230 9.11 -24.09 -3.88
CA GLY B 230 8.07 -23.90 -4.86
C GLY B 230 6.91 -23.05 -4.40
N GLY B 231 7.17 -22.08 -3.54
CA GLY B 231 6.10 -21.29 -2.96
C GLY B 231 5.47 -20.29 -3.90
N GLU B 232 6.19 -19.87 -4.94
CA GLU B 232 5.67 -18.83 -5.82
C GLU B 232 4.55 -19.35 -6.71
N ARG B 233 4.38 -20.65 -6.85
CA ARG B 233 3.29 -21.22 -7.63
C ARG B 233 2.06 -21.31 -6.75
N GLU B 234 1.42 -20.16 -6.55
CA GLU B 234 0.39 -20.05 -5.52
C GLU B 234 -0.87 -20.79 -5.91
N ILE B 235 -1.25 -20.77 -7.20
CA ILE B 235 -2.47 -21.45 -7.62
C ILE B 235 -2.33 -22.94 -7.41
N GLU B 236 -1.18 -23.51 -7.80
CA GLU B 236 -0.99 -24.94 -7.63
C GLU B 236 -0.86 -25.32 -6.16
N GLN B 237 -0.24 -24.45 -5.37
CA GLN B 237 -0.15 -24.70 -3.94
C GLN B 237 -1.50 -24.59 -3.26
N MET B 238 -2.45 -23.89 -3.86
CA MET B 238 -3.80 -23.87 -3.30
C MET B 238 -4.61 -25.08 -3.73
N LEU B 239 -4.52 -25.44 -5.02
CA LEU B 239 -5.24 -26.61 -5.51
C LEU B 239 -4.70 -27.89 -4.91
N ASP B 240 -3.38 -27.97 -4.77
CA ASP B 240 -2.73 -29.15 -4.19
C ASP B 240 -1.67 -28.63 -3.22
N ARG B 241 -2.02 -28.58 -1.94
CA ARG B 241 -1.16 -27.96 -0.95
C ARG B 241 0.16 -28.69 -0.83
N GLY B 242 1.26 -27.97 -1.03
CA GLY B 242 2.58 -28.50 -0.85
C GLY B 242 3.20 -28.07 0.48
N THR B 243 4.45 -28.45 0.67
CA THR B 243 5.13 -28.12 1.91
C THR B 243 5.47 -26.64 2.00
N ALA B 244 5.54 -25.94 0.87
CA ALA B 244 5.89 -24.52 0.90
C ALA B 244 4.81 -23.70 1.58
N LEU B 245 3.56 -23.88 1.15
CA LEU B 245 2.49 -23.12 1.77
C LEU B 245 2.20 -23.60 3.18
N GLU B 246 2.46 -24.87 3.47
CA GLU B 246 2.40 -25.33 4.85
C GLU B 246 3.41 -24.59 5.72
N ARG B 247 4.64 -24.43 5.21
CA ARG B 247 5.66 -23.73 5.98
C ARG B 247 5.32 -22.26 6.15
N ALA B 248 4.74 -21.64 5.12
CA ALA B 248 4.34 -20.24 5.23
C ALA B 248 3.24 -20.06 6.27
N ALA B 249 2.20 -20.88 6.18
CA ALA B 249 1.13 -20.84 7.17
C ALA B 249 1.67 -21.08 8.56
N LEU B 250 2.64 -21.98 8.70
CA LEU B 250 3.16 -22.27 10.03
C LEU B 250 4.04 -21.15 10.54
N PHE B 251 4.81 -20.52 9.67
CA PHE B 251 5.55 -19.34 10.09
C PHE B 251 4.62 -18.31 10.69
N TRP B 252 3.55 -17.98 9.97
CA TRP B 252 2.70 -16.91 10.46
C TRP B 252 1.87 -17.34 11.66
N ARG B 253 1.51 -18.62 11.73
CA ARG B 253 0.75 -19.10 12.87
C ARG B 253 1.60 -19.13 14.13
N TRP B 254 2.87 -19.50 14.01
CA TRP B 254 3.75 -19.46 15.17
C TRP B 254 4.16 -18.05 15.53
N THR B 255 4.16 -17.13 14.56
CA THR B 255 4.51 -15.75 14.86
C THR B 255 3.37 -15.01 15.54
N MET B 256 2.17 -15.01 14.97
CA MET B 256 1.10 -14.19 15.50
C MET B 256 -0.16 -14.98 15.84
N GLY B 257 -0.12 -16.30 15.74
CA GLY B 257 -1.22 -17.10 16.21
C GLY B 257 -2.25 -17.45 15.16
N PHE B 258 -2.21 -16.83 14.00
CA PHE B 258 -3.18 -17.12 12.96
C PHE B 258 -2.51 -16.93 11.61
N ASN B 259 -3.05 -17.63 10.61
CA ASN B 259 -2.48 -17.64 9.28
C ASN B 259 -3.61 -17.63 8.27
N ALA B 260 -3.25 -17.39 7.02
CA ALA B 260 -4.14 -17.51 5.89
C ALA B 260 -3.83 -18.78 5.13
N THR B 261 -4.55 -18.99 4.03
CA THR B 261 -4.23 -20.04 3.08
C THR B 261 -3.60 -19.37 1.85
N ALA B 262 -3.35 -20.18 0.82
CA ALA B 262 -2.76 -19.64 -0.39
C ALA B 262 -3.71 -18.73 -1.14
N GLU B 263 -5.01 -18.89 -0.94
CA GLU B 263 -6.00 -18.05 -1.59
C GLU B 263 -6.51 -16.93 -0.69
N SER B 264 -6.76 -17.20 0.59
CA SER B 264 -7.34 -16.19 1.45
C SER B 264 -6.38 -15.07 1.77
N ILE B 265 -5.07 -15.30 1.66
CA ILE B 265 -4.13 -14.20 1.82
C ILE B 265 -4.35 -13.17 0.73
N HIS B 266 -4.72 -13.62 -0.46
CA HIS B 266 -4.99 -12.69 -1.55
C HIS B 266 -6.34 -12.02 -1.40
N ARG B 267 -7.27 -12.64 -0.69
CA ARG B 267 -8.49 -11.92 -0.30
C ARG B 267 -8.17 -10.83 0.70
N TRP B 268 -7.32 -11.11 1.68
CA TRP B 268 -6.84 -10.07 2.60
C TRP B 268 -6.23 -8.92 1.83
N ALA B 269 -5.34 -9.24 0.89
CA ALA B 269 -4.66 -8.23 0.09
C ALA B 269 -5.65 -7.39 -0.70
N TRP B 270 -6.51 -8.05 -1.47
CA TRP B 270 -7.53 -7.37 -2.25
C TRP B 270 -8.34 -6.43 -1.39
N TRP B 271 -8.78 -6.91 -0.22
CA TRP B 271 -9.72 -6.13 0.57
C TRP B 271 -9.05 -4.95 1.23
N PHE B 272 -7.80 -5.10 1.67
CA PHE B 272 -7.09 -3.95 2.23
C PHE B 272 -6.85 -2.88 1.17
N ALA B 273 -6.34 -3.31 0.01
CA ALA B 273 -6.08 -2.36 -1.06
C ALA B 273 -7.35 -1.68 -1.54
N VAL B 274 -8.47 -2.40 -1.56
CA VAL B 274 -9.72 -1.80 -2.01
C VAL B 274 -10.31 -0.88 -0.96
N LEU B 275 -10.22 -1.25 0.32
CA LEU B 275 -10.80 -0.41 1.37
C LEU B 275 -10.04 0.88 1.56
N CYS B 276 -8.77 0.95 1.14
CA CYS B 276 -8.10 2.25 1.20
C CYS B 276 -8.85 3.33 0.40
N PRO B 277 -9.06 3.21 -0.91
CA PRO B 277 -9.79 4.26 -1.63
C PRO B 277 -11.29 4.26 -1.40
N LEU B 278 -11.90 3.17 -0.94
CA LEU B 278 -13.33 3.20 -0.64
C LEU B 278 -13.61 4.11 0.55
N THR B 279 -12.95 3.85 1.67
CA THR B 279 -13.04 4.74 2.82
C THR B 279 -12.56 6.14 2.47
N GLY B 280 -11.55 6.26 1.61
CA GLY B 280 -11.14 7.58 1.14
C GLY B 280 -12.26 8.32 0.44
N ALA B 281 -12.95 7.64 -0.48
CA ALA B 281 -14.03 8.29 -1.21
C ALA B 281 -15.17 8.67 -0.30
N ILE B 282 -15.49 7.83 0.67
CA ILE B 282 -16.52 8.17 1.64
C ILE B 282 -16.13 9.41 2.43
N GLY B 283 -14.88 9.44 2.93
CA GLY B 283 -14.43 10.57 3.71
C GLY B 283 -14.34 11.86 2.91
N ILE B 284 -14.13 11.75 1.61
CA ILE B 284 -14.11 12.94 0.77
C ILE B 284 -15.53 13.42 0.49
N ILE B 285 -16.44 12.50 0.19
CA ILE B 285 -17.84 12.88 -0.04
C ILE B 285 -18.45 13.49 1.22
N LEU B 286 -17.98 13.08 2.39
CA LEU B 286 -18.48 13.67 3.62
C LEU B 286 -17.88 15.04 3.92
N THR B 287 -16.73 15.36 3.34
CA THR B 287 -15.97 16.56 3.71
C THR B 287 -16.51 17.75 2.92
N GLY B 288 -17.37 18.53 3.56
CA GLY B 288 -17.92 19.74 2.98
C GLY B 288 -19.42 19.70 2.82
N PRO B 289 -19.95 18.62 2.24
CA PRO B 289 -21.41 18.50 2.18
C PRO B 289 -22.01 18.14 3.52
N VAL B 290 -21.29 17.37 4.32
CA VAL B 290 -21.76 16.93 5.62
C VAL B 290 -20.99 17.59 6.75
N VAL B 291 -19.68 17.46 6.75
CA VAL B 291 -18.83 18.08 7.76
C VAL B 291 -17.96 19.12 7.07
N ASP B 292 -17.95 20.33 7.62
CA ASP B 292 -17.15 21.41 7.07
C ASP B 292 -15.93 21.74 7.92
N ASN B 293 -15.90 21.34 9.18
CA ASN B 293 -14.73 21.52 10.03
C ASN B 293 -14.50 20.22 10.78
N TRP B 294 -13.45 19.49 10.39
CA TRP B 294 -13.23 18.16 10.95
C TRP B 294 -12.65 18.22 12.36
N PHE B 295 -11.88 19.26 12.68
CA PHE B 295 -11.39 19.37 14.03
C PHE B 295 -12.52 19.67 15.01
N ASP B 296 -13.49 20.47 14.59
CA ASP B 296 -14.65 20.72 15.43
C ASP B 296 -15.45 19.46 15.66
N TRP B 297 -15.60 18.64 14.62
CA TRP B 297 -16.26 17.36 14.76
C TRP B 297 -15.50 16.46 15.73
N GLY B 298 -14.18 16.41 15.59
CA GLY B 298 -13.38 15.59 16.48
C GLY B 298 -13.47 16.03 17.92
N VAL B 299 -13.50 17.34 18.15
CA VAL B 299 -13.70 17.84 19.50
C VAL B 299 -15.07 17.45 20.02
N LYS B 300 -16.09 17.54 19.16
CA LYS B 300 -17.43 17.12 19.55
C LYS B 300 -17.46 15.64 19.93
N HIS B 301 -16.56 14.83 19.39
CA HIS B 301 -16.50 13.43 19.76
C HIS B 301 -15.25 13.06 20.55
N GLY B 302 -14.06 13.35 20.05
CA GLY B 302 -12.83 12.99 20.75
C GLY B 302 -11.59 13.04 19.88
N ALA C 2 -3.12 -26.51 20.51
CA ALA C 2 -3.37 -27.52 19.48
C ALA C 2 -2.57 -27.20 18.24
N MET C 3 -2.73 -28.04 17.23
CA MET C 3 -1.95 -27.92 16.01
C MET C 3 -2.89 -27.96 14.80
N LEU C 4 -2.45 -27.33 13.72
CA LEU C 4 -3.09 -27.56 12.45
C LEU C 4 -3.00 -29.03 12.09
N SER C 5 -3.91 -29.48 11.23
CA SER C 5 -3.97 -30.88 10.87
C SER C 5 -2.69 -31.39 10.24
N PHE C 6 -1.82 -30.50 9.78
CA PHE C 6 -0.57 -30.91 9.13
C PHE C 6 0.66 -30.44 9.88
N GLU C 7 0.51 -29.87 11.06
CA GLU C 7 1.58 -29.13 11.69
C GLU C 7 2.59 -30.04 12.40
N LYS C 8 2.16 -31.21 12.85
CA LYS C 8 3.00 -32.02 13.73
C LYS C 8 4.36 -32.34 13.13
N LYS C 9 4.44 -32.48 11.80
CA LYS C 9 5.73 -32.77 11.16
C LYS C 9 6.78 -31.74 11.52
N TYR C 10 6.38 -30.48 11.67
CA TYR C 10 7.32 -29.38 11.72
C TYR C 10 7.69 -28.98 13.13
N ARG C 11 6.90 -29.37 14.13
CA ARG C 11 7.13 -28.96 15.51
C ARG C 11 8.27 -29.79 16.10
N VAL C 12 9.45 -29.59 15.53
CA VAL C 12 10.63 -30.32 15.96
C VAL C 12 11.47 -29.42 16.84
N ARG C 13 12.35 -30.05 17.61
CA ARG C 13 13.25 -29.32 18.49
C ARG C 13 14.43 -28.77 17.69
N GLY C 14 14.97 -27.66 18.17
CA GLY C 14 16.17 -27.12 17.58
C GLY C 14 15.89 -25.93 16.68
N GLY C 15 16.95 -25.17 16.40
CA GLY C 15 16.85 -23.99 15.57
C GLY C 15 16.83 -22.68 16.33
N THR C 16 16.88 -22.73 17.66
CA THR C 16 16.88 -21.51 18.45
C THR C 16 18.24 -20.83 18.39
N LEU C 17 18.28 -19.60 18.87
CA LEU C 17 19.53 -18.84 18.96
C LEU C 17 20.14 -18.91 20.34
N ILE C 18 19.35 -18.66 21.38
CA ILE C 18 19.80 -18.61 22.76
C ILE C 18 18.92 -19.53 23.57
N GLY C 19 19.43 -19.97 24.72
CA GLY C 19 18.63 -20.65 25.72
C GLY C 19 18.50 -22.14 25.54
N GLY C 20 18.80 -22.67 24.37
CA GLY C 20 18.67 -24.11 24.18
C GLY C 20 17.22 -24.52 24.09
N ASP C 21 16.84 -25.53 24.87
CA ASP C 21 15.48 -26.04 24.85
C ASP C 21 14.64 -25.53 26.01
N LEU C 22 15.12 -24.54 26.75
CA LEU C 22 14.36 -24.03 27.88
C LEU C 22 13.07 -23.38 27.42
N PHE C 23 13.13 -22.59 26.35
CA PHE C 23 11.97 -21.90 25.83
C PHE C 23 11.51 -22.46 24.50
N ASP C 24 12.10 -23.56 24.05
CA ASP C 24 11.77 -24.16 22.76
C ASP C 24 10.45 -24.92 22.90
N PHE C 25 9.36 -24.17 22.90
CA PHE C 25 8.04 -24.80 22.99
C PHE C 25 6.99 -23.81 22.49
N TRP C 26 5.77 -24.29 22.38
CA TRP C 26 4.64 -23.51 21.92
C TRP C 26 3.65 -23.30 23.05
N VAL C 27 2.92 -22.19 22.99
CA VAL C 27 1.80 -21.91 23.87
C VAL C 27 0.60 -21.73 22.96
N GLY C 28 -0.19 -22.78 22.78
CA GLY C 28 -1.25 -22.75 21.81
C GLY C 28 -0.70 -22.68 20.41
N PRO C 29 -1.07 -21.64 19.68
CA PRO C 29 -0.49 -21.46 18.33
C PRO C 29 0.92 -20.91 18.39
N PHE C 30 1.20 -20.09 19.39
CA PHE C 30 2.39 -19.27 19.40
C PHE C 30 3.62 -20.06 19.81
N TYR C 31 4.69 -19.93 19.03
CA TYR C 31 5.99 -20.38 19.46
C TYR C 31 6.56 -19.36 20.44
N VAL C 32 7.26 -19.85 21.46
CA VAL C 32 7.70 -18.92 22.50
C VAL C 32 9.14 -18.50 22.26
N GLY C 33 10.09 -19.43 22.40
CA GLY C 33 11.49 -19.05 22.38
C GLY C 33 11.86 -18.08 23.48
N ILE C 34 13.15 -17.75 23.60
CA ILE C 34 13.56 -16.77 24.60
C ILE C 34 13.06 -15.39 24.21
N PHE C 35 13.07 -15.10 22.92
CA PHE C 35 12.68 -13.78 22.47
C PHE C 35 11.18 -13.56 22.55
N GLY C 36 10.38 -14.62 22.58
CA GLY C 36 8.96 -14.44 22.80
C GLY C 36 8.65 -14.01 24.23
N VAL C 37 9.30 -14.65 25.19
CA VAL C 37 9.20 -14.21 26.58
C VAL C 37 9.67 -12.77 26.70
N MET C 38 10.80 -12.44 26.08
CA MET C 38 11.31 -11.08 26.17
C MET C 38 10.38 -10.07 25.50
N THR C 39 9.77 -10.46 24.39
CA THR C 39 8.86 -9.55 23.68
C THR C 39 7.62 -9.28 24.49
N VAL C 40 7.03 -10.32 25.08
CA VAL C 40 5.86 -10.10 25.93
C VAL C 40 6.25 -9.28 27.15
N PHE C 41 7.43 -9.52 27.70
CA PHE C 41 7.90 -8.72 28.82
C PHE C 41 7.98 -7.24 28.46
N PHE C 42 8.63 -6.92 27.35
CA PHE C 42 8.77 -5.53 26.94
C PHE C 42 7.42 -4.91 26.61
N ALA C 43 6.59 -5.61 25.86
CA ALA C 43 5.28 -5.09 25.50
C ALA C 43 4.43 -4.82 26.73
N LEU C 44 4.50 -5.70 27.73
CA LEU C 44 3.67 -5.53 28.90
C LEU C 44 4.19 -4.42 29.81
N ILE C 45 5.51 -4.31 29.96
CA ILE C 45 6.06 -3.19 30.71
C ILE C 45 5.70 -1.88 30.03
N GLY C 46 5.76 -1.84 28.71
CA GLY C 46 5.39 -0.64 27.99
C GLY C 46 3.93 -0.28 28.15
N ILE C 47 3.05 -1.26 28.02
CA ILE C 47 1.62 -1.01 28.15
C ILE C 47 1.29 -0.57 29.58
N ALA C 48 1.98 -1.14 30.57
CA ALA C 48 1.72 -0.73 31.95
C ALA C 48 2.23 0.66 32.23
N LEU C 49 3.35 1.03 31.63
CA LEU C 49 3.83 2.40 31.77
C LEU C 49 2.90 3.39 31.09
N ILE C 50 2.35 3.01 29.93
CA ILE C 50 1.36 3.85 29.27
C ILE C 50 0.13 4.00 30.16
N ALA C 51 -0.34 2.90 30.75
CA ALA C 51 -1.49 2.97 31.64
C ALA C 51 -1.20 3.84 32.84
N TRP C 52 0.01 3.77 33.39
CA TRP C 52 0.35 4.60 34.53
C TRP C 52 0.42 6.07 34.15
N ASN C 53 1.05 6.37 33.03
CA ASN C 53 1.08 7.73 32.52
C ASN C 53 -0.33 8.27 32.30
N THR C 54 -1.25 7.41 31.89
CA THR C 54 -2.64 7.84 31.72
C THR C 54 -3.31 8.05 33.07
N ALA C 55 -2.99 7.20 34.05
CA ALA C 55 -3.53 7.38 35.39
C ALA C 55 -3.08 8.68 36.00
N LEU C 56 -1.87 9.13 35.67
CA LEU C 56 -1.43 10.45 36.10
C LEU C 56 -2.08 11.57 35.31
N GLY C 57 -2.66 11.25 34.15
CA GLY C 57 -3.19 12.26 33.28
C GLY C 57 -4.63 12.61 33.57
N PRO C 58 -5.20 13.46 32.73
CA PRO C 58 -6.56 13.96 33.00
C PRO C 58 -7.65 12.99 32.60
N THR C 59 -7.45 12.25 31.51
CA THR C 59 -8.53 11.50 30.88
C THR C 59 -8.10 10.06 30.65
N TRP C 60 -9.10 9.19 30.56
CA TRP C 60 -8.91 7.83 30.08
C TRP C 60 -9.39 7.64 28.66
N ASN C 61 -9.88 8.71 28.02
CA ASN C 61 -10.37 8.61 26.67
C ASN C 61 -9.30 8.03 25.77
N LEU C 62 -9.65 6.95 25.07
CA LEU C 62 -8.66 6.22 24.29
C LEU C 62 -8.03 7.10 23.22
N TRP C 63 -8.79 8.01 22.63
CA TRP C 63 -8.25 8.86 21.58
C TRP C 63 -7.34 9.94 22.12
N GLN C 64 -7.53 10.34 23.37
CA GLN C 64 -6.80 11.45 23.95
C GLN C 64 -5.66 11.00 24.85
N ILE C 65 -5.52 9.70 25.08
CA ILE C 65 -4.34 9.18 25.77
C ILE C 65 -3.10 9.60 25.01
N SER C 66 -2.07 10.04 25.73
CA SER C 66 -0.87 10.54 25.09
C SER C 66 0.30 10.49 26.06
N VAL C 67 1.36 9.81 25.66
CA VAL C 67 2.62 9.80 26.40
C VAL C 67 3.56 10.77 25.71
N ASN C 68 3.83 11.89 26.35
CA ASN C 68 4.53 12.98 25.68
C ASN C 68 6.03 12.90 25.91
N PRO C 69 6.84 13.24 24.91
CA PRO C 69 8.28 13.24 25.07
C PRO C 69 8.73 14.32 26.03
N PRO C 70 9.99 14.28 26.46
CA PRO C 70 10.47 15.29 27.41
C PRO C 70 10.47 16.69 26.81
N ASP C 71 10.53 17.67 27.70
CA ASP C 71 10.70 19.04 27.29
C ASP C 71 12.06 19.23 26.62
N ALA C 72 12.16 20.26 25.78
CA ALA C 72 13.41 20.52 25.09
C ALA C 72 14.51 20.95 26.04
N LYS C 73 14.16 21.34 27.27
CA LYS C 73 15.16 21.76 28.25
C LYS C 73 16.05 20.61 28.68
N TYR C 74 15.62 19.37 28.50
CA TYR C 74 16.40 18.22 28.91
C TYR C 74 17.34 17.74 27.82
N GLY C 75 17.25 18.31 26.62
CA GLY C 75 18.14 17.92 25.54
C GLY C 75 18.09 16.43 25.30
N LEU C 76 19.27 15.83 25.20
CA LEU C 76 19.40 14.41 24.93
C LEU C 76 19.70 13.61 26.19
N GLY C 77 19.22 14.06 27.33
CA GLY C 77 19.44 13.39 28.59
C GLY C 77 18.17 12.78 29.14
N PHE C 78 18.36 11.99 30.19
CA PHE C 78 17.24 11.32 30.83
C PHE C 78 16.41 12.33 31.62
N ALA C 79 15.16 12.39 31.35
CA ALA C 79 14.22 13.28 32.01
C ALA C 79 13.57 12.60 33.20
N PRO C 80 13.14 13.36 34.20
CA PRO C 80 12.42 12.74 35.33
C PRO C 80 11.19 12.00 34.85
N LEU C 81 10.81 10.98 35.60
CA LEU C 81 9.79 10.05 35.12
C LEU C 81 8.45 10.74 34.89
N ALA C 82 8.11 11.70 35.74
CA ALA C 82 6.85 12.41 35.58
C ALA C 82 6.95 13.63 34.66
N GLU C 83 8.10 13.87 34.05
CA GLU C 83 8.28 14.98 33.14
C GLU C 83 8.95 14.53 31.85
N GLY C 84 8.51 13.39 31.31
CA GLY C 84 8.98 12.91 30.03
C GLY C 84 9.74 11.61 30.10
N GLY C 85 10.18 11.19 31.29
CA GLY C 85 10.93 9.95 31.39
C GLY C 85 10.10 8.73 31.03
N ILE C 86 8.80 8.78 31.27
CA ILE C 86 7.94 7.66 30.90
C ILE C 86 7.95 7.46 29.40
N TRP C 87 8.03 8.56 28.65
CA TRP C 87 8.12 8.45 27.19
C TRP C 87 9.40 7.74 26.78
N GLN C 88 10.53 8.10 27.39
CA GLN C 88 11.80 7.45 27.06
C GLN C 88 11.76 5.98 27.40
N TRP C 89 11.15 5.63 28.52
CA TRP C 89 11.12 4.23 28.92
C TRP C 89 10.15 3.42 28.07
N VAL C 90 9.02 4.01 27.68
CA VAL C 90 8.13 3.36 26.73
C VAL C 90 8.82 3.17 25.40
N SER C 91 9.66 4.13 25.00
CA SER C 91 10.41 3.99 23.77
C SER C 91 11.42 2.85 23.85
N ILE C 92 12.13 2.76 24.97
CA ILE C 92 13.08 1.67 25.14
C ILE C 92 12.36 0.33 25.13
N CYS C 93 11.22 0.25 25.82
CA CYS C 93 10.45 -1.00 25.83
C CYS C 93 9.95 -1.33 24.44
N ALA C 94 9.56 -0.32 23.66
CA ALA C 94 9.03 -0.58 22.32
C ALA C 94 10.12 -1.06 21.38
N THR C 95 11.27 -0.40 21.40
CA THR C 95 12.37 -0.86 20.55
C THR C 95 12.83 -2.24 20.97
N GLY C 96 12.84 -2.53 22.27
CA GLY C 96 13.16 -3.88 22.70
C GLY C 96 12.16 -4.90 22.20
N ALA C 97 10.87 -4.56 22.28
CA ALA C 97 9.82 -5.46 21.81
C ALA C 97 9.95 -5.72 20.32
N PHE C 98 10.17 -4.68 19.53
CA PHE C 98 10.29 -4.86 18.09
C PHE C 98 11.52 -5.69 17.74
N VAL C 99 12.64 -5.46 18.42
CA VAL C 99 13.84 -6.22 18.10
C VAL C 99 13.69 -7.68 18.50
N THR C 100 13.14 -7.94 19.69
CA THR C 100 12.98 -9.34 20.08
C THR C 100 11.90 -10.02 19.25
N TRP C 101 10.95 -9.27 18.71
CA TRP C 101 9.97 -9.85 17.81
C TRP C 101 10.62 -10.27 16.50
N ALA C 102 11.46 -9.40 15.94
CA ALA C 102 12.22 -9.77 14.74
C ALA C 102 13.09 -10.99 15.01
N LEU C 103 13.71 -11.06 16.19
CA LEU C 103 14.57 -12.19 16.50
C LEU C 103 13.77 -13.49 16.66
N ARG C 104 12.58 -13.40 17.27
CA ARG C 104 11.74 -14.58 17.37
C ARG C 104 11.30 -15.04 15.99
N GLU C 105 11.07 -14.10 15.08
CA GLU C 105 10.79 -14.48 13.70
C GLU C 105 11.98 -15.16 13.05
N VAL C 106 13.20 -14.73 13.38
CA VAL C 106 14.39 -15.41 12.89
C VAL C 106 14.45 -16.84 13.39
N GLU C 107 14.16 -17.04 14.68
CA GLU C 107 14.15 -18.39 15.24
C GLU C 107 13.13 -19.27 14.55
N ILE C 108 11.93 -18.74 14.31
CA ILE C 108 10.91 -19.50 13.62
C ILE C 108 11.34 -19.82 12.19
N CYS C 109 11.99 -18.87 11.52
CA CYS C 109 12.52 -19.13 10.19
C CYS C 109 13.51 -20.27 10.20
N ARG C 110 14.42 -20.28 11.17
CA ARG C 110 15.40 -21.36 11.25
C ARG C 110 14.72 -22.70 11.53
N LYS C 111 13.72 -22.70 12.41
CA LYS C 111 13.06 -23.96 12.75
C LYS C 111 12.29 -24.52 11.57
N LEU C 112 11.72 -23.66 10.73
CA LEU C 112 11.01 -24.12 9.55
C LEU C 112 11.91 -24.32 8.34
N GLY C 113 13.15 -23.83 8.39
CA GLY C 113 14.06 -24.03 7.28
C GLY C 113 13.81 -23.14 6.09
N ILE C 114 13.34 -21.92 6.31
CA ILE C 114 13.01 -21.01 5.23
C ILE C 114 13.91 -19.79 5.30
N GLY C 115 13.79 -18.91 4.32
CA GLY C 115 14.60 -17.71 4.30
C GLY C 115 14.17 -16.70 5.33
N PHE C 116 15.04 -15.72 5.56
CA PHE C 116 14.83 -14.69 6.57
C PHE C 116 14.33 -13.40 5.98
N HIS C 117 13.48 -13.48 4.95
CA HIS C 117 13.00 -12.28 4.29
C HIS C 117 12.03 -11.50 5.18
N VAL C 118 11.24 -12.18 6.01
CA VAL C 118 10.24 -11.51 6.82
C VAL C 118 10.89 -10.71 7.95
N PRO C 119 11.84 -11.27 8.72
CA PRO C 119 12.51 -10.44 9.73
C PRO C 119 13.30 -9.30 9.11
N PHE C 120 13.91 -9.56 7.94
CA PHE C 120 14.63 -8.51 7.23
C PHE C 120 13.71 -7.38 6.82
N ALA C 121 12.51 -7.71 6.34
CA ALA C 121 11.56 -6.69 5.93
C ALA C 121 11.01 -5.94 7.13
N PHE C 122 10.78 -6.64 8.24
CA PHE C 122 10.33 -5.99 9.46
C PHE C 122 11.39 -5.05 10.00
N SER C 123 12.67 -5.37 9.78
CA SER C 123 13.74 -4.48 10.22
C SER C 123 13.63 -3.11 9.57
N PHE C 124 13.00 -3.01 8.40
CA PHE C 124 12.84 -1.70 7.78
C PHE C 124 11.83 -0.85 8.53
N ALA C 125 10.72 -1.44 8.96
CA ALA C 125 9.76 -0.70 9.79
C ALA C 125 10.39 -0.34 11.13
N ILE C 126 11.17 -1.25 11.70
CA ILE C 126 11.89 -0.96 12.93
C ILE C 126 12.82 0.23 12.72
N PHE C 127 13.50 0.26 11.58
CA PHE C 127 14.44 1.34 11.29
C PHE C 127 13.71 2.66 11.11
N ALA C 128 12.53 2.64 10.50
CA ALA C 128 11.76 3.88 10.35
C ALA C 128 11.32 4.40 11.71
N TYR C 129 10.86 3.50 12.59
CA TYR C 129 10.48 3.92 13.93
C TYR C 129 11.68 4.49 14.69
N VAL C 130 12.84 3.84 14.57
CA VAL C 130 14.02 4.29 15.28
C VAL C 130 14.49 5.64 14.75
N THR C 131 14.41 5.83 13.43
CA THR C 131 14.65 7.15 12.86
C THR C 131 13.74 8.19 13.48
N LEU C 132 12.46 7.85 13.67
CA LEU C 132 11.52 8.84 14.16
C LEU C 132 11.76 9.19 15.61
N VAL C 133 12.09 8.22 16.46
CA VAL C 133 12.20 8.47 17.89
C VAL C 133 13.62 8.55 18.40
N VAL C 134 14.61 8.10 17.65
CA VAL C 134 15.97 8.12 18.17
C VAL C 134 16.88 8.95 17.27
N ILE C 135 16.99 8.57 16.01
CA ILE C 135 17.99 9.17 15.13
C ILE C 135 17.68 10.65 14.91
N ARG C 136 16.45 10.97 14.53
CA ARG C 136 16.14 12.36 14.20
C ARG C 136 16.19 13.27 15.42
N PRO C 137 15.60 12.94 16.57
CA PRO C 137 15.74 13.83 17.72
C PRO C 137 17.16 13.93 18.24
N VAL C 138 17.98 12.90 18.07
CA VAL C 138 19.39 13.00 18.46
C VAL C 138 20.12 13.95 17.54
N LEU C 139 19.93 13.80 16.23
CA LEU C 139 20.53 14.72 15.29
C LEU C 139 20.06 16.15 15.51
N MET C 140 18.85 16.32 16.02
CA MET C 140 18.32 17.64 16.28
C MET C 140 18.49 18.07 17.73
N GLY C 141 19.03 17.22 18.58
CA GLY C 141 19.58 17.63 19.85
C GLY C 141 18.69 17.51 21.07
N SER C 142 17.45 17.05 20.92
CA SER C 142 16.63 16.87 22.12
C SER C 142 15.53 15.85 21.84
N TRP C 143 15.18 15.10 22.88
CA TRP C 143 14.11 14.12 22.78
C TRP C 143 12.75 14.74 22.53
N SER C 144 12.64 16.06 22.65
CA SER C 144 11.36 16.72 22.41
C SER C 144 10.91 16.61 20.96
N TYR C 145 11.75 16.09 20.07
CA TYR C 145 11.40 15.95 18.67
C TYR C 145 10.84 14.58 18.33
N GLY C 146 10.63 13.72 19.30
CA GLY C 146 9.99 12.45 19.06
C GLY C 146 8.50 12.55 19.12
N PHE C 147 7.85 11.61 18.54
CA PHE C 147 6.42 11.88 18.55
C PHE C 147 5.77 11.33 19.80
N PRO C 148 4.71 11.99 20.27
CA PRO C 148 4.01 11.50 21.47
C PRO C 148 3.25 10.22 21.17
N TYR C 149 3.25 9.31 22.12
CA TYR C 149 2.54 8.05 21.97
C TYR C 149 1.08 8.27 22.32
N GLY C 150 0.33 8.73 21.32
CA GLY C 150 -1.08 8.96 21.46
C GLY C 150 -1.76 8.84 20.11
N ILE C 151 -2.97 8.27 20.09
CA ILE C 151 -3.60 7.94 18.82
C ILE C 151 -3.85 9.20 18.00
N PHE C 152 -4.23 10.29 18.64
CA PHE C 152 -4.47 11.52 17.90
C PHE C 152 -3.51 12.64 18.26
N THR C 153 -2.63 12.46 19.23
CA THR C 153 -1.60 13.45 19.47
C THR C 153 -0.37 13.24 18.60
N HIS C 154 -0.10 12.01 18.17
CA HIS C 154 0.98 11.84 17.21
C HIS C 154 0.56 12.28 15.82
N LEU C 155 -0.75 12.33 15.54
CA LEU C 155 -1.19 12.99 14.33
C LEU C 155 -0.98 14.49 14.41
N ASP C 156 -1.20 15.09 15.59
CA ASP C 156 -0.87 16.50 15.76
C ASP C 156 0.63 16.73 15.62
N TRP C 157 1.43 15.79 16.09
CA TRP C 157 2.87 15.90 15.90
C TRP C 157 3.24 15.85 14.42
N VAL C 158 2.62 14.94 13.67
CA VAL C 158 2.87 14.88 12.23
C VAL C 158 2.48 16.18 11.56
N SER C 159 1.33 16.74 11.96
CA SER C 159 0.86 17.98 11.36
C SER C 159 1.82 19.13 11.66
N ASN C 160 2.21 19.28 12.91
CA ASN C 160 3.10 20.38 13.28
C ASN C 160 4.48 20.21 12.64
N THR C 161 5.00 18.99 12.62
CA THR C 161 6.28 18.76 11.98
C THR C 161 6.23 19.06 10.49
N GLY C 162 5.17 18.64 9.81
CA GLY C 162 5.05 18.94 8.40
C GLY C 162 4.95 20.43 8.14
N TYR C 163 4.12 21.12 8.90
CA TYR C 163 3.93 22.54 8.67
C TYR C 163 5.10 23.39 9.14
N SER C 164 6.01 22.83 9.93
CA SER C 164 7.18 23.62 10.31
C SER C 164 8.16 23.80 9.16
N TYR C 165 8.02 23.03 8.09
CA TYR C 165 8.87 23.17 6.90
C TYR C 165 8.09 23.72 5.72
N GLY C 166 7.21 24.67 5.99
CA GLY C 166 6.37 25.22 4.93
C GLY C 166 5.26 24.26 4.58
N GLN C 167 5.37 23.64 3.40
CA GLN C 167 4.49 22.55 3.01
C GLN C 167 5.36 21.32 2.81
N PHE C 168 5.12 20.29 3.62
CA PHE C 168 5.92 19.08 3.57
C PHE C 168 5.77 18.32 2.26
N HIS C 169 4.75 18.62 1.46
CA HIS C 169 4.58 17.93 0.20
C HIS C 169 5.78 18.13 -0.72
N TYR C 170 6.43 19.27 -0.63
CA TYR C 170 7.55 19.60 -1.51
C TYR C 170 8.86 18.95 -1.07
N ASN C 171 8.84 18.18 0.00
CA ASN C 171 9.98 17.37 0.38
C ASN C 171 10.20 16.30 -0.67
N PRO C 172 11.34 16.29 -1.38
CA PRO C 172 11.48 15.40 -2.54
C PRO C 172 11.52 13.91 -2.19
N ALA C 173 12.30 13.55 -1.17
CA ALA C 173 12.28 12.17 -0.70
C ALA C 173 10.89 11.77 -0.26
N HIS C 174 10.12 12.72 0.25
CA HIS C 174 8.75 12.45 0.66
C HIS C 174 7.86 12.17 -0.53
N MET C 175 8.06 12.89 -1.63
CA MET C 175 7.33 12.59 -2.86
C MET C 175 7.67 11.21 -3.39
N ILE C 176 8.95 10.83 -3.32
CA ILE C 176 9.35 9.49 -3.76
C ILE C 176 8.70 8.43 -2.88
N ALA C 177 8.68 8.67 -1.56
CA ALA C 177 8.07 7.71 -0.65
C ALA C 177 6.58 7.56 -0.91
N ILE C 178 5.90 8.66 -1.19
CA ILE C 178 4.47 8.58 -1.48
C ILE C 178 4.24 7.83 -2.78
N THR C 179 5.06 8.09 -3.80
CA THR C 179 4.94 7.34 -5.04
C THR C 179 5.08 5.85 -4.78
N PHE C 180 6.04 5.47 -3.95
CA PHE C 180 6.24 4.06 -3.65
C PHE C 180 5.05 3.46 -2.89
N PHE C 181 4.48 4.21 -1.94
CA PHE C 181 3.32 3.68 -1.22
C PHE C 181 2.12 3.51 -2.13
N PHE C 182 1.85 4.49 -2.98
CA PHE C 182 0.69 4.38 -3.87
C PHE C 182 0.90 3.25 -4.87
N THR C 183 2.12 3.08 -5.35
CA THR C 183 2.40 1.95 -6.24
C THR C 183 2.30 0.63 -5.51
N THR C 184 2.66 0.59 -4.22
CA THR C 184 2.52 -0.65 -3.45
C THR C 184 1.07 -1.02 -3.29
N CYS C 185 0.21 -0.03 -3.03
CA CYS C 185 -1.22 -0.32 -2.93
C CYS C 185 -1.79 -0.78 -4.27
N LEU C 186 -1.38 -0.12 -5.36
CA LEU C 186 -1.80 -0.53 -6.69
C LEU C 186 -1.39 -1.97 -6.98
N ALA C 187 -0.14 -2.31 -6.71
CA ALA C 187 0.36 -3.64 -7.00
C ALA C 187 -0.27 -4.68 -6.10
N LEU C 188 -0.60 -4.33 -4.85
CA LEU C 188 -1.28 -5.28 -3.99
C LEU C 188 -2.67 -5.57 -4.51
N ALA C 189 -3.40 -4.53 -4.92
CA ALA C 189 -4.72 -4.76 -5.52
C ALA C 189 -4.62 -5.61 -6.77
N LEU C 190 -3.66 -5.30 -7.64
CA LEU C 190 -3.49 -6.05 -8.88
C LEU C 190 -3.18 -7.52 -8.61
N HIS C 191 -2.23 -7.79 -7.70
CA HIS C 191 -1.83 -9.15 -7.43
C HIS C 191 -2.96 -9.94 -6.77
N GLY C 192 -3.58 -9.36 -5.74
CA GLY C 192 -4.70 -10.04 -5.10
C GLY C 192 -5.81 -10.34 -6.08
N GLY C 193 -6.18 -9.36 -6.90
CA GLY C 193 -7.24 -9.58 -7.86
C GLY C 193 -6.89 -10.61 -8.92
N LEU C 194 -5.64 -10.62 -9.36
CA LEU C 194 -5.23 -11.59 -10.37
C LEU C 194 -5.31 -13.01 -9.84
N VAL C 195 -4.77 -13.24 -8.64
CA VAL C 195 -4.81 -14.59 -8.09
C VAL C 195 -6.25 -14.99 -7.78
N LEU C 196 -7.08 -14.05 -7.33
CA LEU C 196 -8.46 -14.38 -7.05
C LEU C 196 -9.25 -14.63 -8.32
N SER C 197 -8.84 -14.00 -9.42
CA SER C 197 -9.49 -14.22 -10.70
C SER C 197 -9.16 -15.58 -11.25
N ALA C 198 -7.90 -15.99 -11.11
CA ALA C 198 -7.51 -17.31 -11.61
C ALA C 198 -8.12 -18.41 -10.75
N LEU C 199 -8.21 -18.20 -9.44
CA LEU C 199 -8.70 -19.25 -8.56
C LEU C 199 -10.23 -19.32 -8.56
N ASN C 200 -10.89 -18.17 -8.66
CA ASN C 200 -12.36 -18.10 -8.65
C ASN C 200 -12.79 -17.52 -10.00
N PRO C 201 -12.86 -18.34 -11.03
CA PRO C 201 -13.15 -17.82 -12.36
C PRO C 201 -14.62 -17.56 -12.59
N ASP C 202 -14.97 -17.22 -13.83
CA ASP C 202 -16.36 -17.03 -14.19
C ASP C 202 -17.12 -18.36 -14.07
N ARG C 203 -18.45 -18.27 -14.07
CA ARG C 203 -19.28 -19.45 -13.89
C ARG C 203 -18.97 -20.50 -14.94
N GLY C 204 -18.90 -21.76 -14.49
CA GLY C 204 -18.63 -22.86 -15.39
C GLY C 204 -17.21 -22.95 -15.87
N GLU C 205 -16.35 -22.21 -15.34
CA GLU C 205 -15.01 -22.24 -15.86
C GLU C 205 -14.08 -22.99 -14.91
N PRO C 206 -13.06 -23.63 -15.46
CA PRO C 206 -12.07 -24.28 -14.60
C PRO C 206 -11.13 -23.27 -13.98
N VAL C 207 -10.46 -23.70 -12.92
CA VAL C 207 -9.46 -22.85 -12.28
C VAL C 207 -8.35 -22.58 -13.27
N LYS C 208 -8.07 -21.30 -13.50
CA LYS C 208 -7.12 -20.89 -14.52
C LYS C 208 -5.69 -21.09 -14.04
N SER C 209 -4.77 -21.04 -14.98
CA SER C 209 -3.37 -21.34 -14.76
C SER C 209 -2.55 -20.07 -14.70
N PRO C 210 -1.28 -20.15 -14.29
CA PRO C 210 -0.42 -18.96 -14.33
C PRO C 210 -0.27 -18.36 -15.71
N GLU C 211 -0.53 -19.10 -16.78
CA GLU C 211 -0.44 -18.53 -18.12
C GLU C 211 -1.52 -17.48 -18.35
N HIS C 212 -2.74 -17.75 -17.90
CA HIS C 212 -3.79 -16.74 -18.00
C HIS C 212 -3.43 -15.50 -17.18
N GLU C 213 -2.83 -15.70 -16.01
CA GLU C 213 -2.40 -14.57 -15.21
C GLU C 213 -1.35 -13.74 -15.94
N ASN C 214 -0.39 -14.41 -16.57
CA ASN C 214 0.60 -13.68 -17.36
C ASN C 214 -0.07 -12.92 -18.49
N THR C 215 -1.04 -13.53 -19.16
CA THR C 215 -1.69 -12.88 -20.29
C THR C 215 -2.42 -11.61 -19.85
N VAL C 216 -3.22 -11.71 -18.79
CA VAL C 216 -3.99 -10.55 -18.37
C VAL C 216 -3.08 -9.47 -17.78
N PHE C 217 -2.05 -9.87 -17.04
CA PHE C 217 -1.08 -8.89 -16.56
C PHE C 217 -0.42 -8.17 -17.71
N ARG C 218 -0.10 -8.90 -18.79
CA ARG C 218 0.44 -8.26 -19.98
C ARG C 218 -0.53 -7.24 -20.52
N ASP C 219 -1.78 -7.64 -20.72
CA ASP C 219 -2.77 -6.75 -21.30
C ASP C 219 -3.02 -5.52 -20.44
N LEU C 220 -2.74 -5.59 -19.15
CA LEU C 220 -2.95 -4.42 -18.29
C LEU C 220 -1.71 -3.54 -18.17
N VAL C 221 -0.60 -4.10 -17.67
CA VAL C 221 0.58 -3.30 -17.40
C VAL C 221 1.52 -3.20 -18.61
N GLY C 222 1.33 -4.03 -19.62
CA GLY C 222 2.11 -3.97 -20.85
C GLY C 222 3.07 -5.12 -21.01
N TYR C 223 3.64 -5.61 -19.91
CA TYR C 223 4.58 -6.73 -19.94
C TYR C 223 4.20 -7.67 -18.80
N SER C 224 5.09 -8.61 -18.51
CA SER C 224 4.85 -9.60 -17.47
C SER C 224 6.06 -9.68 -16.57
N ILE C 225 5.81 -9.81 -15.27
CA ILE C 225 6.87 -10.06 -14.30
C ILE C 225 6.86 -11.48 -13.77
N GLY C 226 5.73 -12.15 -13.77
CA GLY C 226 5.70 -13.52 -13.32
C GLY C 226 5.42 -13.66 -11.84
N THR C 227 5.26 -14.92 -11.44
CA THR C 227 4.80 -15.23 -10.09
C THR C 227 5.83 -14.89 -9.03
N ILE C 228 7.11 -15.02 -9.34
CA ILE C 228 8.13 -14.62 -8.37
C ILE C 228 8.48 -13.15 -8.53
N GLY C 229 8.39 -12.63 -9.75
CA GLY C 229 8.66 -11.23 -9.97
C GLY C 229 7.68 -10.33 -9.24
N ILE C 230 6.42 -10.76 -9.15
CA ILE C 230 5.42 -9.90 -8.50
C ILE C 230 5.70 -9.79 -7.01
N HIS C 231 6.08 -10.89 -6.38
CA HIS C 231 6.37 -10.84 -4.95
C HIS C 231 7.67 -10.10 -4.67
N ARG C 232 8.66 -10.27 -5.54
CA ARG C 232 9.88 -9.46 -5.43
C ARG C 232 9.55 -7.98 -5.53
N LEU C 233 8.81 -7.60 -6.57
CA LEU C 233 8.46 -6.20 -6.79
C LEU C 233 7.67 -5.64 -5.62
N GLY C 234 6.78 -6.45 -5.04
CA GLY C 234 6.01 -5.97 -3.91
C GLY C 234 6.86 -5.72 -2.68
N LEU C 235 7.74 -6.68 -2.37
CA LEU C 235 8.67 -6.48 -1.27
C LEU C 235 9.50 -5.22 -1.50
N PHE C 236 10.03 -5.07 -2.71
CA PHE C 236 10.88 -3.92 -3.01
C PHE C 236 10.12 -2.61 -2.89
N LEU C 237 8.89 -2.56 -3.39
CA LEU C 237 8.11 -1.34 -3.34
C LEU C 237 7.80 -0.93 -1.92
N ALA C 238 7.36 -1.88 -1.09
CA ALA C 238 7.07 -1.54 0.31
C ALA C 238 8.33 -1.11 1.05
N LEU C 239 9.42 -1.85 0.87
CA LEU C 239 10.65 -1.54 1.59
C LEU C 239 11.22 -0.20 1.16
N SER C 240 11.14 0.11 -0.13
CA SER C 240 11.67 1.39 -0.58
C SER C 240 10.76 2.54 -0.17
N ALA C 241 9.45 2.32 -0.12
CA ALA C 241 8.56 3.33 0.46
C ALA C 241 8.98 3.68 1.88
N VAL C 242 9.21 2.66 2.71
CA VAL C 242 9.57 2.92 4.10
C VAL C 242 10.97 3.53 4.20
N PHE C 243 11.91 3.06 3.38
CA PHE C 243 13.26 3.60 3.42
C PHE C 243 13.29 5.07 3.01
N PHE C 244 12.52 5.44 2.00
CA PHE C 244 12.51 6.83 1.59
C PHE C 244 11.69 7.70 2.53
N SER C 245 10.73 7.12 3.26
CA SER C 245 10.12 7.87 4.35
C SER C 245 11.16 8.18 5.43
N ALA C 246 11.98 7.20 5.79
CA ALA C 246 13.01 7.43 6.79
C ALA C 246 14.00 8.48 6.31
N VAL C 247 14.39 8.43 5.03
CA VAL C 247 15.29 9.44 4.48
C VAL C 247 14.63 10.82 4.53
N CYS C 248 13.39 10.91 4.04
CA CYS C 248 12.57 12.10 4.17
C CYS C 248 12.64 12.74 5.55
N MET C 249 12.49 11.92 6.59
CA MET C 249 12.49 12.49 7.93
C MET C 249 13.91 12.87 8.37
N ILE C 250 14.92 12.13 7.92
CA ILE C 250 16.28 12.47 8.31
C ILE C 250 16.71 13.80 7.69
N ILE C 251 16.23 14.11 6.48
CA ILE C 251 16.69 15.33 5.81
C ILE C 251 15.95 16.58 6.22
N SER C 252 14.90 16.47 7.01
CA SER C 252 14.10 17.64 7.39
C SER C 252 14.29 17.89 8.88
N GLY C 253 15.11 18.89 9.19
CA GLY C 253 15.41 19.27 10.54
C GLY C 253 16.87 19.12 10.88
N PRO C 254 17.45 17.97 10.55
CA PRO C 254 18.91 17.86 10.64
C PRO C 254 19.61 18.49 9.46
N VAL C 255 19.02 18.42 8.28
CA VAL C 255 19.63 18.91 7.06
C VAL C 255 19.02 20.23 6.63
N LEU C 256 17.72 20.24 6.33
CA LEU C 256 17.00 21.48 6.13
C LEU C 256 16.58 22.03 7.48
N ALA C 257 16.89 23.30 7.73
CA ALA C 257 16.61 23.89 9.04
C ALA C 257 15.13 23.77 9.38
N GLU C 258 14.84 23.85 10.68
CA GLU C 258 13.49 23.55 11.15
C GLU C 258 12.48 24.53 10.59
N GLY C 259 12.81 25.81 10.55
CA GLY C 259 11.88 26.79 10.03
C GLY C 259 12.02 26.96 8.54
N GLY C 260 12.68 26.01 7.89
CA GLY C 260 12.95 26.10 6.47
C GLY C 260 11.70 25.98 5.63
N SER C 261 11.92 25.97 4.32
CA SER C 261 10.83 25.86 3.36
C SER C 261 11.21 24.83 2.31
N TRP C 262 10.41 23.79 2.19
CA TRP C 262 10.56 22.82 1.12
C TRP C 262 10.08 23.37 -0.21
N PRO C 263 8.97 24.14 -0.26
CA PRO C 263 8.61 24.77 -1.53
C PRO C 263 9.71 25.68 -2.08
N ASP C 264 10.43 26.38 -1.22
CA ASP C 264 11.47 27.28 -1.67
C ASP C 264 12.74 26.55 -2.07
N TRP C 265 12.96 25.35 -1.56
CA TRP C 265 14.14 24.61 -1.94
C TRP C 265 14.14 24.31 -3.43
N TRP C 266 12.97 24.22 -4.05
CA TRP C 266 12.87 23.88 -5.45
C TRP C 266 13.25 25.02 -6.37
N ASN C 267 13.45 26.22 -5.85
CA ASN C 267 13.83 27.35 -6.70
C ASN C 267 15.19 27.16 -7.34
N TRP C 268 16.01 26.22 -6.84
CA TRP C 268 17.28 25.95 -7.50
C TRP C 268 17.07 25.53 -8.94
N TRP C 269 15.93 24.91 -9.24
CA TRP C 269 15.63 24.54 -10.61
C TRP C 269 15.12 25.73 -11.40
N ARG C 270 14.22 26.51 -10.82
CA ARG C 270 13.72 27.70 -11.49
C ARG C 270 14.80 28.73 -11.71
N ASN C 271 15.87 28.70 -10.93
CA ASN C 271 16.91 29.71 -11.00
C ASN C 271 18.14 29.25 -11.76
N LEU C 272 18.04 28.14 -12.49
CA LEU C 272 19.15 27.73 -13.32
C LEU C 272 19.42 28.77 -14.39
N PRO C 273 20.69 28.95 -14.78
CA PRO C 273 21.00 29.94 -15.83
C PRO C 273 20.41 29.61 -17.18
N ILE C 274 19.84 28.42 -17.35
CA ILE C 274 19.19 28.09 -18.62
C ILE C 274 18.03 29.03 -18.89
N TRP C 275 17.33 29.44 -17.85
CA TRP C 275 16.12 30.23 -18.00
C TRP C 275 15.95 31.31 -16.95
N ASN C 276 16.91 31.49 -16.04
CA ASN C 276 16.66 32.39 -14.91
C ASN C 276 16.55 33.84 -15.34
N PRO C 277 17.56 34.45 -15.98
CA PRO C 277 17.44 35.89 -16.25
C PRO C 277 16.34 36.21 -17.26
N MET D 1 -28.99 12.56 12.51
CA MET D 1 -29.98 13.38 13.21
C MET D 1 -29.88 14.86 12.85
N GLN D 2 -30.60 15.67 13.61
CA GLN D 2 -30.80 17.07 13.28
C GLN D 2 -29.51 17.86 13.50
N PRO D 3 -29.42 19.05 12.88
CA PRO D 3 -28.17 19.84 12.96
C PRO D 3 -27.62 20.06 14.36
N GLY D 4 -28.46 20.18 15.37
CA GLY D 4 -27.93 20.40 16.71
C GLY D 4 -27.69 19.17 17.53
N ALA D 5 -28.14 18.01 17.06
CA ALA D 5 -28.07 16.79 17.86
C ALA D 5 -26.64 16.28 17.95
N TYR D 6 -26.40 15.44 18.96
CA TYR D 6 -25.08 14.84 19.10
C TYR D 6 -24.84 13.78 18.05
N LEU D 7 -25.89 13.13 17.59
CA LEU D 7 -25.78 12.13 16.54
C LEU D 7 -25.80 12.81 15.18
N ASP D 8 -24.87 12.45 14.30
CA ASP D 8 -24.81 13.05 12.99
C ASP D 8 -24.35 12.03 11.95
N LEU D 9 -24.47 12.42 10.69
CA LEU D 9 -24.30 11.49 9.59
C LEU D 9 -22.90 10.90 9.53
N ALA D 10 -21.89 11.68 9.91
CA ALA D 10 -20.51 11.20 9.81
C ALA D 10 -20.27 10.02 10.75
N GLN D 11 -20.72 10.13 12.00
CA GLN D 11 -20.46 9.03 12.92
C GLN D 11 -21.39 7.85 12.67
N VAL D 12 -22.60 8.10 12.17
CA VAL D 12 -23.45 6.98 11.75
C VAL D 12 -22.79 6.20 10.63
N THR D 13 -22.21 6.92 9.65
CA THR D 13 -21.48 6.26 8.58
C THR D 13 -20.26 5.50 9.13
N LEU D 14 -19.60 6.06 10.13
CA LEU D 14 -18.46 5.37 10.72
C LEU D 14 -18.89 4.09 11.41
N TYR D 15 -20.02 4.10 12.13
CA TYR D 15 -20.46 2.86 12.78
C TYR D 15 -20.96 1.84 11.77
N VAL D 16 -21.59 2.30 10.68
CA VAL D 16 -21.91 1.39 9.59
C VAL D 16 -20.65 0.71 9.08
N PHE D 17 -19.57 1.49 8.91
CA PHE D 17 -18.32 0.90 8.47
C PHE D 17 -17.79 -0.08 9.49
N TRP D 18 -17.88 0.25 10.78
CA TRP D 18 -17.33 -0.65 11.80
C TRP D 18 -18.06 -1.98 11.77
N ILE D 19 -19.37 -1.95 11.59
CA ILE D 19 -20.13 -3.19 11.48
C ILE D 19 -19.72 -3.96 10.23
N PHE D 20 -19.66 -3.28 9.09
CA PHE D 20 -19.26 -3.94 7.86
C PHE D 20 -17.87 -4.55 7.99
N PHE D 21 -16.96 -3.85 8.66
CA PHE D 21 -15.58 -4.29 8.76
C PHE D 21 -15.41 -5.42 9.76
N ALA D 22 -16.19 -5.43 10.83
CA ALA D 22 -16.21 -6.60 11.70
C ALA D 22 -16.73 -7.81 10.95
N GLY D 23 -17.80 -7.64 10.17
CA GLY D 23 -18.28 -8.72 9.34
C GLY D 23 -17.24 -9.20 8.34
N LEU D 24 -16.51 -8.26 7.75
CA LEU D 24 -15.50 -8.62 6.76
C LEU D 24 -14.33 -9.35 7.41
N LEU D 25 -13.91 -8.91 8.59
CA LEU D 25 -12.85 -9.62 9.30
C LEU D 25 -13.29 -11.03 9.64
N PHE D 26 -14.54 -11.20 10.06
CA PHE D 26 -15.04 -12.54 10.31
C PHE D 26 -15.00 -13.38 9.05
N TYR D 27 -15.44 -12.81 7.93
CA TYR D 27 -15.45 -13.54 6.67
C TYR D 27 -14.04 -13.92 6.23
N LEU D 28 -13.07 -13.02 6.40
CA LEU D 28 -11.70 -13.29 6.00
C LEU D 28 -11.06 -14.34 6.88
N ARG D 29 -11.26 -14.21 8.20
CA ARG D 29 -10.71 -15.19 9.11
C ARG D 29 -11.36 -16.55 8.91
N ARG D 30 -12.59 -16.57 8.40
CA ARG D 30 -13.27 -17.80 8.04
C ARG D 30 -12.69 -18.42 6.79
N GLU D 31 -12.42 -17.61 5.77
CA GLU D 31 -11.75 -18.11 4.57
C GLU D 31 -10.36 -18.64 4.90
N ASP D 32 -9.70 -18.06 5.90
CA ASP D 32 -8.38 -18.52 6.30
C ASP D 32 -8.39 -19.96 6.78
N LYS D 33 -9.55 -20.50 7.15
CA LYS D 33 -9.64 -21.81 7.78
C LYS D 33 -10.04 -22.90 6.80
N ARG D 34 -9.68 -22.77 5.53
CA ARG D 34 -9.98 -23.78 4.54
C ARG D 34 -8.89 -24.83 4.42
N GLU D 35 -7.77 -24.66 5.12
CA GLU D 35 -6.74 -25.68 5.20
C GLU D 35 -6.31 -25.82 6.64
N GLY D 36 -5.99 -27.04 7.05
CA GLY D 36 -5.43 -27.26 8.37
C GLY D 36 -6.42 -27.38 9.49
N TYR D 37 -7.66 -27.77 9.19
CA TYR D 37 -8.69 -27.88 10.22
C TYR D 37 -9.48 -29.16 10.00
N PRO D 38 -10.01 -29.76 11.07
CA PRO D 38 -9.96 -29.33 12.46
C PRO D 38 -8.59 -29.42 13.09
N LEU D 39 -8.43 -28.78 14.24
CA LEU D 39 -7.15 -28.76 14.91
C LEU D 39 -6.86 -30.09 15.57
N VAL D 40 -5.58 -30.41 15.69
CA VAL D 40 -5.13 -31.62 16.37
C VAL D 40 -4.82 -31.26 17.81
N ALA D 41 -5.64 -31.74 18.74
CA ALA D 41 -5.41 -31.47 20.15
C ALA D 41 -4.14 -32.15 20.63
N ASP D 42 -3.42 -31.49 21.51
CA ASP D 42 -2.13 -31.98 21.97
C ASP D 42 -2.29 -32.73 23.29
N ALA D 43 -1.15 -33.04 23.92
CA ALA D 43 -1.13 -33.85 25.13
C ALA D 43 -1.99 -33.23 26.23
N GLY D 44 -2.76 -34.07 26.91
CA GLY D 44 -3.59 -33.62 28.01
C GLY D 44 -4.90 -32.98 27.60
N SER D 45 -5.27 -33.06 26.33
CA SER D 45 -6.50 -32.46 25.84
C SER D 45 -7.45 -33.57 25.41
N GLY D 46 -8.73 -33.39 25.74
CA GLY D 46 -9.73 -34.34 25.30
C GLY D 46 -9.88 -34.28 23.80
N THR D 47 -9.87 -35.44 23.16
CA THR D 47 -9.91 -35.52 21.71
C THR D 47 -11.28 -35.93 21.19
N ARG D 48 -12.31 -35.90 22.02
CA ARG D 48 -13.63 -36.35 21.60
C ARG D 48 -14.28 -35.35 20.64
N LEU D 49 -14.25 -34.08 21.00
CA LEU D 49 -14.83 -33.03 20.16
C LEU D 49 -13.74 -32.27 19.45
N ALA D 50 -14.05 -31.83 18.23
CA ALA D 50 -13.05 -31.15 17.42
C ALA D 50 -12.80 -29.73 17.91
N LYS D 51 -11.56 -29.28 17.74
CA LYS D 51 -11.18 -27.89 17.99
C LYS D 51 -11.16 -27.16 16.66
N ILE D 52 -11.94 -26.09 16.56
CA ILE D 52 -12.03 -25.38 15.28
C ILE D 52 -11.71 -23.89 15.42
N GLY D 53 -12.22 -23.24 16.45
CA GLY D 53 -12.06 -21.81 16.62
C GLY D 53 -13.37 -21.07 16.45
N VAL D 54 -13.32 -19.77 16.78
CA VAL D 54 -14.55 -18.99 16.88
C VAL D 54 -15.16 -18.64 15.53
N PRO D 55 -14.39 -18.35 14.46
CA PRO D 55 -14.97 -18.54 13.14
C PRO D 55 -14.78 -19.99 12.74
N ALA D 56 -15.84 -20.77 12.75
CA ALA D 56 -15.69 -22.17 12.37
C ALA D 56 -15.28 -22.26 10.91
N PRO D 57 -14.48 -23.26 10.55
CA PRO D 57 -14.13 -23.46 9.16
C PRO D 57 -15.38 -23.59 8.30
N PRO D 58 -15.36 -23.06 7.09
CA PRO D 58 -16.52 -23.18 6.22
C PRO D 58 -16.63 -24.58 5.64
N ASP D 59 -17.72 -24.79 4.91
CA ASP D 59 -17.91 -26.06 4.23
C ASP D 59 -16.83 -26.25 3.17
N PRO D 60 -16.48 -27.50 2.86
CA PRO D 60 -15.42 -27.74 1.89
C PRO D 60 -15.72 -27.10 0.55
N LYS D 61 -14.70 -26.50 -0.04
CA LYS D 61 -14.85 -25.76 -1.28
C LYS D 61 -14.40 -26.61 -2.45
N THR D 62 -15.16 -26.57 -3.54
CA THR D 62 -14.95 -27.44 -4.67
C THR D 62 -14.47 -26.62 -5.86
N TYR D 63 -13.25 -26.87 -6.30
CA TYR D 63 -12.68 -26.24 -7.48
C TYR D 63 -12.84 -27.16 -8.67
N LEU D 64 -13.13 -26.57 -9.83
CA LEU D 64 -13.21 -27.28 -11.08
C LEU D 64 -11.87 -27.16 -11.80
N LEU D 65 -11.33 -28.29 -12.24
CA LEU D 65 -10.08 -28.28 -12.98
C LEU D 65 -10.35 -28.40 -14.47
N ARG D 66 -9.29 -28.30 -15.27
CA ARG D 66 -9.45 -28.17 -16.71
C ARG D 66 -10.09 -29.41 -17.32
N GLY D 67 -9.51 -30.57 -17.08
CA GLY D 67 -10.01 -31.77 -17.72
C GLY D 67 -11.26 -32.30 -17.08
N GLY D 68 -12.20 -31.42 -16.73
CA GLY D 68 -13.39 -31.81 -16.02
C GLY D 68 -13.17 -32.37 -14.64
N ALA D 69 -11.92 -32.47 -14.19
CA ALA D 69 -11.62 -32.99 -12.87
C ALA D 69 -12.10 -31.99 -11.81
N THR D 70 -11.87 -32.35 -10.56
CA THR D 70 -12.44 -31.60 -9.44
C THR D 70 -11.60 -31.82 -8.21
N LYS D 71 -11.31 -30.74 -7.50
CA LYS D 71 -10.53 -30.81 -6.27
C LYS D 71 -11.28 -30.12 -5.14
N THR D 72 -11.49 -30.82 -4.05
CA THR D 72 -12.17 -30.25 -2.89
C THR D 72 -11.14 -29.96 -1.81
N VAL D 73 -11.06 -28.70 -1.39
CA VAL D 73 -10.22 -28.32 -0.26
C VAL D 73 -11.11 -28.25 0.97
N PRO D 74 -10.59 -28.54 2.18
CA PRO D 74 -9.21 -28.86 2.56
C PRO D 74 -8.63 -30.13 1.92
N SER D 75 -7.33 -30.10 1.67
CA SER D 75 -6.62 -31.26 1.11
C SER D 75 -6.12 -32.14 2.26
N THR D 76 -7.08 -32.86 2.85
CA THR D 76 -6.76 -33.64 4.05
C THR D 76 -5.82 -34.80 3.74
N SER D 77 -5.83 -35.31 2.51
CA SER D 77 -4.92 -36.39 2.15
C SER D 77 -3.47 -35.93 2.06
N ASN D 78 -3.21 -34.63 2.06
CA ASN D 78 -1.86 -34.11 1.98
C ASN D 78 -1.21 -33.96 3.34
N ASP D 79 -1.92 -34.28 4.42
CA ASP D 79 -1.47 -33.86 5.75
C ASP D 79 -0.26 -34.64 6.24
N ARG D 80 -0.16 -35.93 5.89
CA ARG D 80 0.81 -36.83 6.50
C ARG D 80 0.71 -36.72 8.02
N PRO D 81 -0.39 -37.16 8.61
CA PRO D 81 -0.61 -36.92 10.04
C PRO D 81 0.40 -37.62 10.93
N ASN D 82 0.56 -38.92 10.76
CA ASN D 82 1.44 -39.72 11.58
C ASN D 82 2.79 -39.87 10.88
N VAL D 83 3.85 -39.41 11.54
CA VAL D 83 5.20 -39.45 11.02
C VAL D 83 6.13 -39.99 12.10
N ALA D 84 7.43 -40.03 11.77
CA ALA D 84 8.44 -40.62 12.65
C ALA D 84 8.93 -39.57 13.64
N LEU D 85 8.11 -39.30 14.64
CA LEU D 85 8.42 -38.27 15.62
C LEU D 85 7.95 -38.72 16.99
N THR D 86 8.67 -38.29 18.02
CA THR D 86 8.24 -38.59 19.38
C THR D 86 8.35 -37.35 20.26
N PRO D 87 7.37 -37.10 21.12
CA PRO D 87 7.40 -35.88 21.92
C PRO D 87 8.60 -35.85 22.85
N ALA D 88 9.32 -34.73 22.83
CA ALA D 88 10.46 -34.54 23.70
C ALA D 88 10.07 -34.35 25.16
N ALA D 89 8.78 -34.26 25.46
CA ALA D 89 8.30 -34.06 26.82
C ALA D 89 6.81 -34.32 26.85
N PRO D 90 6.28 -34.76 27.98
CA PRO D 90 4.85 -35.11 28.04
C PRO D 90 3.91 -33.92 28.09
N TRP D 91 4.40 -32.73 28.30
CA TRP D 91 3.47 -31.63 28.47
C TRP D 91 3.06 -31.06 27.13
N PRO D 92 1.94 -30.35 27.08
CA PRO D 92 1.52 -29.73 25.81
C PRO D 92 2.52 -28.70 25.32
N GLY D 93 2.54 -28.51 24.01
CA GLY D 93 3.47 -27.56 23.42
C GLY D 93 4.90 -28.00 23.35
N ALA D 94 5.22 -29.21 23.80
CA ALA D 94 6.58 -29.67 23.74
C ALA D 94 6.95 -30.01 22.29
N PRO D 95 8.19 -29.75 21.89
CA PRO D 95 8.61 -30.11 20.54
C PRO D 95 8.79 -31.61 20.39
N PHE D 96 8.94 -32.03 19.14
CA PHE D 96 9.12 -33.43 18.83
C PHE D 96 10.54 -33.69 18.38
N VAL D 97 10.97 -34.93 18.55
CA VAL D 97 12.32 -35.37 18.20
C VAL D 97 12.18 -36.43 17.12
N PRO D 98 12.94 -36.36 16.04
CA PRO D 98 12.86 -37.39 15.00
C PRO D 98 13.43 -38.70 15.51
N THR D 99 12.61 -39.75 15.46
CA THR D 99 13.05 -41.05 15.94
C THR D 99 14.09 -41.66 15.01
N GLY D 100 13.92 -41.50 13.70
CA GLY D 100 14.84 -42.08 12.75
C GLY D 100 15.73 -41.08 12.06
N ASN D 101 15.86 -41.22 10.73
CA ASN D 101 16.68 -40.30 9.95
C ASN D 101 15.78 -39.22 9.37
N PRO D 102 15.89 -37.97 9.81
CA PRO D 102 14.96 -36.94 9.34
C PRO D 102 15.03 -36.67 7.85
N PHE D 103 16.09 -37.12 7.18
CA PHE D 103 16.15 -36.98 5.73
C PHE D 103 15.21 -37.95 5.04
N ALA D 104 15.11 -39.17 5.56
CA ALA D 104 14.21 -40.17 4.98
C ALA D 104 12.81 -40.10 5.55
N ASP D 105 12.67 -39.70 6.81
CA ASP D 105 11.34 -39.62 7.41
C ASP D 105 10.54 -38.46 6.84
N GLY D 106 11.20 -37.37 6.47
CA GLY D 106 10.48 -36.19 6.06
C GLY D 106 9.83 -35.51 7.25
N VAL D 107 10.64 -35.09 8.22
CA VAL D 107 10.15 -34.42 9.41
C VAL D 107 10.94 -33.13 9.60
N GLY D 108 10.34 -32.20 10.31
CA GLY D 108 10.95 -30.92 10.58
C GLY D 108 11.12 -30.09 9.32
N PRO D 109 12.25 -29.39 9.21
CA PRO D 109 12.56 -28.69 7.96
C PRO D 109 12.62 -29.61 6.75
N GLY D 110 12.67 -30.92 6.96
CA GLY D 110 12.66 -31.88 5.87
C GLY D 110 11.32 -32.48 5.55
N SER D 111 10.24 -31.90 6.07
CA SER D 111 8.91 -32.44 5.83
C SER D 111 8.42 -32.11 4.44
N TYR D 112 7.53 -32.94 3.93
CA TYR D 112 6.86 -32.69 2.66
C TYR D 112 5.39 -33.04 2.81
N ALA D 113 4.60 -32.61 1.84
CA ALA D 113 3.18 -32.92 1.80
C ALA D 113 2.94 -34.08 0.84
N GLN D 114 1.93 -34.87 1.15
CA GLN D 114 1.53 -35.98 0.29
C GLN D 114 0.77 -35.43 -0.91
N ARG D 115 1.51 -34.75 -1.78
CA ARG D 115 0.92 -34.19 -2.99
C ARG D 115 0.58 -35.31 -3.98
N ALA D 116 -0.17 -34.93 -5.00
CA ALA D 116 -0.53 -35.90 -6.04
C ALA D 116 0.72 -36.34 -6.78
N ASP D 117 0.82 -37.65 -7.02
CA ASP D 117 1.99 -38.20 -7.71
C ASP D 117 1.76 -38.11 -9.22
N VAL D 118 1.72 -36.88 -9.69
CA VAL D 118 1.49 -36.57 -11.10
C VAL D 118 2.07 -35.19 -11.37
N PRO D 119 2.65 -34.95 -12.53
CA PRO D 119 3.24 -33.63 -12.79
C PRO D 119 2.17 -32.57 -13.03
N GLU D 120 2.60 -31.32 -12.98
CA GLU D 120 1.73 -30.21 -13.34
C GLU D 120 1.64 -30.12 -14.86
N LEU D 121 0.42 -30.02 -15.38
CA LEU D 121 0.20 -30.07 -16.81
C LEU D 121 0.09 -28.71 -17.47
N GLY D 122 0.05 -27.63 -16.69
CA GLY D 122 0.03 -26.31 -17.28
C GLY D 122 -1.19 -26.01 -18.12
N LEU D 123 -1.01 -25.89 -19.43
CA LEU D 123 -2.14 -25.52 -20.28
C LEU D 123 -2.35 -26.45 -21.46
N ASP D 124 -1.27 -26.93 -22.08
CA ASP D 124 -1.38 -27.86 -23.19
C ASP D 124 -1.37 -29.31 -22.75
N ASN D 125 -1.71 -29.57 -21.48
CA ASN D 125 -1.80 -30.92 -20.94
C ASN D 125 -0.47 -31.65 -21.07
N LEU D 126 0.63 -30.94 -20.86
CA LEU D 126 1.95 -31.52 -20.85
C LEU D 126 2.69 -31.05 -19.60
N PRO D 127 3.58 -31.87 -19.06
CA PRO D 127 4.37 -31.44 -17.89
C PRO D 127 5.10 -30.14 -18.17
N ILE D 128 5.05 -29.22 -17.22
CA ILE D 128 5.70 -27.93 -17.40
C ILE D 128 7.15 -27.95 -16.95
N ILE D 129 7.50 -28.80 -15.99
CA ILE D 129 8.88 -28.92 -15.53
C ILE D 129 9.50 -30.08 -16.30
N VAL D 130 10.36 -29.75 -17.25
CA VAL D 130 10.95 -30.76 -18.13
C VAL D 130 12.42 -30.47 -18.33
N PRO D 131 13.20 -31.50 -18.66
CA PRO D 131 14.60 -31.25 -19.03
C PRO D 131 14.67 -30.48 -20.33
N LEU D 132 15.74 -29.70 -20.49
CA LEU D 132 15.87 -28.90 -21.71
C LEU D 132 15.96 -29.79 -22.95
N ARG D 133 16.44 -31.02 -22.81
CA ARG D 133 16.42 -31.97 -23.91
C ARG D 133 15.00 -32.30 -24.35
N ALA D 134 13.99 -32.01 -23.51
CA ALA D 134 12.61 -32.33 -23.83
C ALA D 134 11.77 -31.11 -24.15
N ALA D 135 12.32 -29.90 -24.05
CA ALA D 135 11.61 -28.67 -24.37
C ALA D 135 12.38 -27.99 -25.50
N LYS D 136 12.07 -28.37 -26.73
CA LYS D 136 12.77 -27.83 -27.88
C LYS D 136 12.26 -26.43 -28.19
N GLY D 137 13.19 -25.53 -28.48
CA GLY D 137 12.89 -24.13 -28.68
C GLY D 137 13.41 -23.23 -27.58
N MET D 138 13.86 -23.80 -26.46
CA MET D 138 14.37 -23.02 -25.34
C MET D 138 15.87 -23.22 -25.23
N PHE D 139 16.53 -22.23 -24.63
CA PHE D 139 17.99 -22.22 -24.56
C PHE D 139 18.41 -21.38 -23.37
N LEU D 140 19.59 -21.69 -22.84
CA LEU D 140 20.02 -21.16 -21.56
C LEU D 140 20.40 -19.69 -21.59
N ASP D 141 20.32 -19.00 -22.74
CA ASP D 141 20.62 -17.57 -22.79
C ASP D 141 22.04 -17.31 -22.31
N PRO D 142 23.05 -17.56 -23.14
CA PRO D 142 24.44 -17.57 -22.65
C PRO D 142 24.89 -16.29 -21.98
N ARG D 143 24.01 -15.29 -21.91
CA ARG D 143 24.30 -14.09 -21.13
C ARG D 143 24.68 -14.42 -19.69
N ASP D 144 24.16 -15.51 -19.17
CA ASP D 144 24.49 -16.01 -17.84
C ASP D 144 25.35 -17.26 -17.93
N PRO D 145 25.96 -17.70 -16.83
CA PRO D 145 26.78 -18.91 -16.88
C PRO D 145 25.95 -20.13 -17.24
N ASN D 146 26.64 -21.16 -17.72
CA ASN D 146 26.00 -22.42 -18.06
C ASN D 146 26.31 -23.45 -16.99
N PRO D 147 25.32 -23.98 -16.29
CA PRO D 147 25.61 -24.94 -15.22
C PRO D 147 26.11 -26.27 -15.72
N VAL D 148 25.70 -26.70 -16.92
CA VAL D 148 25.98 -28.06 -17.35
C VAL D 148 27.48 -28.28 -17.45
N GLY D 149 27.93 -29.45 -17.02
CA GLY D 149 29.34 -29.77 -17.02
C GLY D 149 30.00 -29.52 -15.69
N MET D 150 29.64 -28.42 -15.03
CA MET D 150 30.20 -28.11 -13.72
C MET D 150 29.91 -29.26 -12.76
N PRO D 151 30.91 -29.79 -12.09
CA PRO D 151 30.65 -30.82 -11.06
C PRO D 151 30.17 -30.17 -9.77
N VAL D 152 29.06 -30.67 -9.26
CA VAL D 152 28.45 -30.13 -8.05
C VAL D 152 29.16 -30.68 -6.84
N VAL D 153 29.38 -29.81 -5.86
CA VAL D 153 30.15 -30.11 -4.66
C VAL D 153 29.26 -29.94 -3.45
N GLY D 154 29.49 -30.77 -2.43
CA GLY D 154 28.69 -30.74 -1.22
C GLY D 154 28.90 -29.51 -0.37
N CYS D 155 28.54 -29.60 0.91
CA CYS D 155 28.79 -28.51 1.85
C CYS D 155 30.14 -28.66 2.55
N ASP D 156 30.58 -29.89 2.77
CA ASP D 156 31.87 -30.15 3.37
C ASP D 156 33.00 -30.18 2.35
N GLY D 157 32.76 -29.64 1.15
CA GLY D 157 33.79 -29.54 0.14
C GLY D 157 33.97 -30.79 -0.71
N VAL D 158 33.31 -31.89 -0.38
CA VAL D 158 33.39 -33.09 -1.20
C VAL D 158 32.54 -32.89 -2.44
N VAL D 159 33.12 -33.20 -3.60
CA VAL D 159 32.35 -33.17 -4.84
C VAL D 159 31.26 -34.22 -4.77
N GLY D 160 30.05 -33.84 -5.14
CA GLY D 160 28.92 -34.73 -5.04
C GLY D 160 28.60 -35.43 -6.34
N GLY D 161 28.76 -34.71 -7.44
CA GLY D 161 28.47 -35.28 -8.73
C GLY D 161 28.76 -34.31 -9.86
N THR D 162 28.09 -34.46 -10.99
CA THR D 162 28.28 -33.54 -12.12
C THR D 162 26.92 -33.11 -12.66
N VAL D 163 26.78 -31.81 -12.93
CA VAL D 163 25.55 -31.30 -13.49
C VAL D 163 25.42 -31.77 -14.93
N THR D 164 24.33 -32.48 -15.23
CA THR D 164 24.09 -33.10 -16.51
C THR D 164 23.06 -32.37 -17.35
N GLU D 165 21.98 -31.89 -16.73
CA GLU D 165 20.91 -31.27 -17.48
C GLU D 165 20.22 -30.23 -16.61
N VAL D 166 19.67 -29.21 -17.26
CA VAL D 166 18.93 -28.15 -16.58
C VAL D 166 17.45 -28.37 -16.85
N TRP D 167 16.68 -28.52 -15.79
CA TRP D 167 15.23 -28.66 -15.90
C TRP D 167 14.60 -27.28 -15.82
N VAL D 168 13.68 -27.01 -16.75
CA VAL D 168 13.08 -25.69 -16.85
C VAL D 168 11.56 -25.81 -16.81
N ASP D 169 10.94 -24.69 -16.48
CA ASP D 169 9.49 -24.56 -16.44
C ASP D 169 9.03 -23.94 -17.75
N ARG D 170 8.08 -24.58 -18.42
CA ARG D 170 7.53 -24.03 -19.64
C ARG D 170 6.44 -23.01 -19.33
N ALA D 171 6.30 -22.03 -20.23
CA ALA D 171 5.29 -20.98 -20.16
C ALA D 171 5.61 -20.01 -19.03
N GLU D 172 6.56 -20.36 -18.18
CA GLU D 172 7.21 -19.44 -17.25
C GLU D 172 8.69 -19.77 -17.42
N VAL D 173 9.34 -19.12 -18.38
CA VAL D 173 10.69 -19.54 -18.74
C VAL D 173 11.61 -19.31 -17.55
N LEU D 174 12.08 -20.40 -16.96
CA LEU D 174 12.77 -20.33 -15.68
C LEU D 174 13.40 -21.70 -15.41
N ALA D 175 14.64 -21.69 -14.92
CA ALA D 175 15.30 -22.92 -14.54
C ALA D 175 14.88 -23.32 -13.14
N ARG D 176 14.34 -24.51 -12.98
CA ARG D 176 13.88 -24.98 -11.68
C ARG D 176 14.80 -26.01 -11.05
N TYR D 177 15.33 -26.96 -11.82
CA TYR D 177 16.14 -28.01 -11.27
C TYR D 177 17.38 -28.23 -12.12
N LEU D 178 18.45 -28.65 -11.46
CA LEU D 178 19.65 -29.16 -12.12
C LEU D 178 19.69 -30.66 -11.96
N GLU D 179 19.80 -31.38 -13.06
CA GLU D 179 20.03 -32.81 -12.98
C GLU D 179 21.48 -33.05 -12.62
N VAL D 180 21.73 -34.01 -11.74
CA VAL D 180 23.06 -34.30 -11.25
C VAL D 180 23.32 -35.78 -11.41
N GLU D 181 24.27 -36.12 -12.25
CA GLU D 181 24.86 -37.45 -12.28
C GLU D 181 25.63 -37.64 -10.99
N VAL D 182 25.14 -38.52 -10.11
CA VAL D 182 25.81 -38.72 -8.84
C VAL D 182 27.21 -39.28 -9.09
N ALA D 183 28.04 -39.25 -8.05
CA ALA D 183 29.48 -39.40 -8.20
C ALA D 183 29.89 -40.67 -8.93
N LYS D 184 29.60 -41.83 -8.36
CA LYS D 184 30.08 -43.09 -8.93
C LYS D 184 29.08 -44.21 -8.73
N SER D 185 27.80 -43.94 -8.95
CA SER D 185 26.79 -44.99 -8.95
C SER D 185 25.89 -44.94 -10.16
N ARG D 186 26.14 -44.03 -11.11
CA ARG D 186 25.34 -43.89 -12.32
C ARG D 186 23.86 -43.72 -11.98
N LYS D 187 23.59 -42.61 -11.28
CA LYS D 187 22.23 -42.26 -10.89
C LYS D 187 22.07 -40.76 -11.01
N ARG D 188 20.91 -40.33 -11.46
CA ARG D 188 20.62 -38.92 -11.67
C ARG D 188 19.60 -38.44 -10.65
N VAL D 189 19.94 -37.37 -9.95
CA VAL D 189 19.06 -36.80 -8.93
C VAL D 189 18.86 -35.33 -9.22
N LEU D 190 17.71 -34.81 -8.81
CA LEU D 190 17.40 -33.41 -9.05
C LEU D 190 17.94 -32.54 -7.91
N LEU D 191 18.27 -31.31 -8.26
CA LEU D 191 18.74 -30.33 -7.29
C LEU D 191 17.99 -29.03 -7.53
N PRO D 192 17.17 -28.57 -6.59
CA PRO D 192 16.45 -27.31 -6.81
C PRO D 192 17.42 -26.15 -6.95
N VAL D 193 17.15 -25.29 -7.94
CA VAL D 193 18.02 -24.14 -8.19
C VAL D 193 18.18 -23.25 -6.97
N PRO D 194 17.13 -22.89 -6.22
CA PRO D 194 17.33 -22.04 -5.05
C PRO D 194 18.24 -22.64 -4.00
N PHE D 195 18.42 -23.95 -4.00
CA PHE D 195 19.32 -24.60 -3.05
C PHE D 195 20.73 -24.72 -3.57
N ALA D 196 21.05 -24.07 -4.68
CA ALA D 196 22.37 -24.17 -5.27
C ALA D 196 22.89 -22.78 -5.60
N LEU D 197 24.20 -22.61 -5.48
CA LEU D 197 24.87 -21.37 -5.87
C LEU D 197 25.52 -21.63 -7.23
N ILE D 198 24.74 -21.44 -8.29
CA ILE D 198 25.25 -21.61 -9.65
C ILE D 198 25.82 -20.26 -10.07
N ASN D 199 27.05 -20.02 -9.64
CA ASN D 199 27.78 -18.83 -10.01
C ASN D 199 29.18 -19.14 -10.48
N ASP D 200 29.64 -20.37 -10.34
CA ASP D 200 31.03 -20.74 -10.56
C ASP D 200 31.90 -19.88 -9.65
N PRO D 201 31.85 -20.09 -8.32
CA PRO D 201 32.77 -19.37 -7.44
C PRO D 201 34.19 -19.61 -7.86
N PHE D 202 34.59 -20.88 -7.84
CA PHE D 202 35.91 -21.28 -8.30
C PHE D 202 35.86 -21.96 -9.68
N GLY D 203 35.23 -23.12 -9.75
CA GLY D 203 35.03 -23.79 -11.03
C GLY D 203 33.69 -24.49 -11.14
N LYS D 204 32.91 -24.51 -10.06
CA LYS D 204 31.86 -25.49 -9.91
C LYS D 204 30.63 -24.82 -9.31
N VAL D 205 29.60 -25.63 -9.05
CA VAL D 205 28.39 -25.19 -8.37
C VAL D 205 28.35 -25.84 -7.00
N SER D 206 28.01 -25.05 -5.99
CA SER D 206 28.14 -25.47 -4.60
C SER D 206 26.77 -25.47 -3.91
N VAL D 207 26.53 -26.54 -3.15
CA VAL D 207 25.32 -26.68 -2.36
C VAL D 207 25.74 -26.85 -0.91
N ASP D 208 25.32 -25.92 -0.06
CA ASP D 208 25.72 -25.93 1.34
C ASP D 208 24.69 -26.58 2.26
N ALA D 209 23.58 -27.06 1.72
CA ALA D 209 22.56 -27.66 2.56
C ALA D 209 22.97 -29.04 3.03
N ILE D 210 23.36 -29.91 2.11
CA ILE D 210 23.84 -31.24 2.43
C ILE D 210 25.30 -31.32 2.03
N ARG D 211 25.95 -32.40 2.46
CA ARG D 211 27.35 -32.60 2.12
C ARG D 211 27.46 -33.49 0.89
N GLY D 212 28.69 -33.79 0.48
CA GLY D 212 28.93 -34.35 -0.84
C GLY D 212 28.32 -35.72 -1.04
N ASP D 213 28.41 -36.59 -0.04
CA ASP D 213 27.90 -37.95 -0.23
C ASP D 213 26.39 -38.00 -0.22
N GLN D 214 25.75 -37.08 0.52
CA GLN D 214 24.30 -37.11 0.67
C GLN D 214 23.56 -36.99 -0.65
N PHE D 215 24.22 -36.59 -1.72
CA PHE D 215 23.58 -36.55 -3.03
C PHE D 215 23.13 -37.93 -3.48
N ALA D 216 23.66 -38.98 -2.87
CA ALA D 216 23.16 -40.31 -3.19
C ALA D 216 21.74 -40.52 -2.69
N GLY D 217 21.37 -39.87 -1.60
CA GLY D 217 20.09 -40.09 -0.98
C GLY D 217 18.96 -39.20 -1.44
N VAL D 218 19.22 -38.26 -2.35
CA VAL D 218 18.16 -37.39 -2.85
C VAL D 218 17.08 -38.25 -3.50
N PRO D 219 15.80 -38.02 -3.19
CA PRO D 219 14.75 -38.85 -3.78
C PRO D 219 14.71 -38.72 -5.29
N THR D 220 14.76 -39.85 -5.98
CA THR D 220 14.81 -39.86 -7.43
C THR D 220 13.42 -39.88 -8.04
N THR D 221 13.29 -39.24 -9.20
CA THR D 221 12.03 -39.21 -9.92
C THR D 221 11.82 -40.52 -10.66
N SER D 222 10.56 -40.97 -10.70
CA SER D 222 10.27 -42.28 -11.28
C SER D 222 10.43 -42.26 -12.80
N LYS D 223 9.84 -41.28 -13.46
CA LYS D 223 10.07 -41.10 -14.89
C LYS D 223 11.44 -40.48 -15.09
N GLY D 224 11.79 -40.17 -16.33
CA GLY D 224 13.09 -39.62 -16.62
C GLY D 224 13.01 -38.20 -17.16
N ASP D 225 11.92 -37.86 -17.84
CA ASP D 225 11.78 -36.55 -18.45
C ASP D 225 10.60 -35.78 -17.87
N GLN D 226 10.09 -36.20 -16.72
CA GLN D 226 9.03 -35.46 -16.05
C GLN D 226 9.09 -35.78 -14.57
N VAL D 227 8.70 -34.80 -13.76
CA VAL D 227 8.74 -34.92 -12.32
C VAL D 227 7.36 -34.57 -11.77
N SER D 228 6.89 -35.38 -10.82
CA SER D 228 5.58 -35.17 -10.23
C SER D 228 5.67 -34.20 -9.06
N LYS D 229 4.51 -33.69 -8.66
CA LYS D 229 4.45 -32.78 -7.51
C LYS D 229 4.97 -33.46 -6.25
N LEU D 230 4.68 -34.74 -6.10
CA LEU D 230 5.14 -35.47 -4.93
C LEU D 230 6.66 -35.54 -4.89
N GLU D 231 7.27 -35.87 -6.02
CA GLU D 231 8.72 -35.89 -6.08
C GLU D 231 9.32 -34.50 -5.89
N GLU D 232 8.62 -33.46 -6.37
CA GLU D 232 9.07 -32.10 -6.14
C GLU D 232 9.16 -31.79 -4.65
N ASP D 233 8.07 -32.06 -3.91
CA ASP D 233 8.16 -31.84 -2.47
C ASP D 233 9.21 -32.72 -1.83
N LYS D 234 9.34 -33.97 -2.28
CA LYS D 234 10.31 -34.85 -1.64
C LYS D 234 11.74 -34.34 -1.85
N ILE D 235 12.04 -33.81 -3.03
CA ILE D 235 13.40 -33.34 -3.30
C ILE D 235 13.67 -32.05 -2.53
N CYS D 236 12.77 -31.07 -2.64
CA CYS D 236 12.97 -29.84 -1.88
C CYS D 236 13.01 -30.10 -0.39
N ALA D 237 12.30 -31.11 0.09
CA ALA D 237 12.30 -31.44 1.51
C ALA D 237 13.59 -32.12 1.92
N TYR D 238 14.11 -33.01 1.07
CA TYR D 238 15.41 -33.60 1.36
C TYR D 238 16.47 -32.53 1.47
N TYR D 239 16.39 -31.51 0.63
CA TYR D 239 17.39 -30.44 0.73
C TYR D 239 17.12 -29.50 1.90
N GLY D 240 15.86 -29.27 2.25
CA GLY D 240 15.56 -28.46 3.41
C GLY D 240 15.92 -29.11 4.72
N ALA D 241 15.93 -30.44 4.77
CA ALA D 241 16.31 -31.14 5.99
C ALA D 241 17.73 -30.77 6.40
N GLY D 242 18.62 -30.55 5.44
CA GLY D 242 19.98 -30.22 5.76
C GLY D 242 20.15 -28.89 6.45
N THR D 243 19.17 -28.00 6.33
CA THR D 243 19.26 -26.71 6.99
C THR D 243 19.26 -26.84 8.51
N LEU D 244 18.87 -27.99 9.04
CA LEU D 244 18.82 -28.16 10.48
C LEU D 244 19.54 -29.43 10.92
N TYR D 245 19.55 -30.45 10.07
CA TYR D 245 20.03 -31.76 10.48
C TYR D 245 21.33 -32.18 9.83
N ALA D 246 21.79 -31.50 8.78
CA ALA D 246 23.07 -31.90 8.18
C ALA D 246 24.25 -31.36 8.97
N THR D 247 24.44 -30.02 8.93
CA THR D 247 25.60 -29.34 9.49
C THR D 247 26.85 -30.19 9.33
N PRO D 248 27.31 -30.40 8.09
CA PRO D 248 28.24 -31.51 7.84
C PRO D 248 29.60 -31.35 8.49
N LEU D 249 29.61 -31.47 9.83
CA LEU D 249 30.83 -31.48 10.66
C LEU D 249 31.83 -30.42 10.23
N ARG D 250 31.33 -29.30 9.72
CA ARG D 250 32.17 -28.23 9.21
C ARG D 250 32.73 -27.35 10.31
N SER D 251 32.71 -27.82 11.55
CA SER D 251 33.27 -27.06 12.67
C SER D 251 34.76 -27.32 12.81
N TRP E 2 38.11 0.10 -32.28
CA TRP E 2 37.71 0.41 -30.93
C TRP E 2 36.57 -0.48 -30.52
N ARG E 3 36.80 -1.24 -29.46
CA ARG E 3 35.87 -2.26 -29.02
C ARG E 3 34.88 -1.74 -28.00
N ILE E 4 34.86 -0.43 -27.76
CA ILE E 4 33.73 0.13 -27.01
C ILE E 4 32.47 -0.10 -27.80
N TRP E 5 32.59 -0.18 -29.13
CA TRP E 5 31.48 -0.63 -29.94
C TRP E 5 31.16 -2.09 -29.68
N LEU E 6 32.16 -2.88 -29.27
CA LEU E 6 31.88 -4.27 -28.94
C LEU E 6 31.15 -4.38 -27.62
N LEU E 7 31.50 -3.53 -26.65
CA LEU E 7 30.73 -3.46 -25.42
C LEU E 7 29.40 -2.76 -25.65
N PHE E 8 29.37 -1.78 -26.55
CA PHE E 8 28.20 -0.95 -26.77
C PHE E 8 27.79 -1.04 -28.23
N ASP E 9 26.70 -1.76 -28.48
CA ASP E 9 26.17 -1.88 -29.83
C ASP E 9 25.87 -0.51 -30.43
N PRO E 10 26.51 -0.15 -31.52
CA PRO E 10 26.26 1.17 -32.12
C PRO E 10 24.79 1.44 -32.41
N ARG E 11 23.98 0.40 -32.55
CA ARG E 11 22.56 0.59 -32.71
C ARG E 11 21.93 1.29 -31.52
N ARG E 12 22.62 1.33 -30.38
CA ARG E 12 22.10 2.03 -29.22
C ARG E 12 23.12 3.01 -28.67
N ALA E 13 24.40 2.73 -28.84
CA ALA E 13 25.43 3.67 -28.42
C ALA E 13 25.68 4.77 -29.43
N LEU E 14 24.79 4.94 -30.39
CA LEU E 14 24.82 6.09 -31.27
C LEU E 14 23.54 6.89 -31.22
N VAL E 15 22.41 6.26 -30.91
CA VAL E 15 21.20 7.04 -30.71
C VAL E 15 21.25 7.75 -29.36
N LEU E 16 21.90 7.17 -28.37
CA LEU E 16 22.05 7.87 -27.10
C LEU E 16 23.03 9.03 -27.22
N LEU E 17 24.12 8.82 -27.96
CA LEU E 17 25.01 9.94 -28.26
C LEU E 17 24.26 11.08 -28.92
N PHE E 18 23.35 10.76 -29.84
CA PHE E 18 22.66 11.82 -30.55
C PHE E 18 21.62 12.51 -29.67
N VAL E 19 20.90 11.74 -28.85
CA VAL E 19 19.96 12.41 -27.96
C VAL E 19 20.71 13.30 -26.97
N PHE E 20 21.91 12.89 -26.57
CA PHE E 20 22.69 13.71 -25.65
C PHE E 20 23.21 14.97 -26.33
N LEU E 21 23.73 14.84 -27.55
CA LEU E 21 24.18 16.02 -28.28
C LEU E 21 23.04 16.99 -28.52
N PHE E 22 21.84 16.47 -28.82
CA PHE E 22 20.70 17.35 -29.01
C PHE E 22 20.34 18.06 -27.71
N GLY E 23 20.30 17.32 -26.60
CA GLY E 23 20.03 17.95 -25.32
C GLY E 23 21.03 19.04 -25.00
N LEU E 24 22.31 18.79 -25.30
CA LEU E 24 23.35 19.77 -24.99
C LEU E 24 23.19 21.02 -25.86
N ALA E 25 22.92 20.84 -27.15
CA ALA E 25 22.75 22.00 -28.03
C ALA E 25 21.54 22.81 -27.61
N ILE E 26 20.44 22.13 -27.23
CA ILE E 26 19.27 22.84 -26.72
C ILE E 26 19.62 23.63 -25.47
N ILE E 27 20.36 23.01 -24.55
CA ILE E 27 20.68 23.69 -23.29
C ILE E 27 21.52 24.92 -23.56
N ILE E 28 22.51 24.82 -24.45
CA ILE E 28 23.38 25.95 -24.71
C ILE E 28 22.62 27.07 -25.39
N HIS E 29 21.77 26.73 -26.37
CA HIS E 29 20.96 27.75 -27.02
C HIS E 29 20.03 28.44 -26.03
N PHE E 30 19.45 27.67 -25.11
CA PHE E 30 18.58 28.26 -24.09
C PHE E 30 19.36 29.21 -23.20
N ILE E 31 20.56 28.80 -22.78
CA ILE E 31 21.38 29.67 -21.94
C ILE E 31 21.66 30.98 -22.65
N LEU E 32 22.08 30.91 -23.91
CA LEU E 32 22.38 32.13 -24.66
C LEU E 32 21.15 32.98 -24.84
N LEU E 33 20.00 32.35 -25.09
CA LEU E 33 18.76 33.07 -25.30
C LEU E 33 18.22 33.69 -24.02
N SER E 34 18.67 33.20 -22.86
CA SER E 34 18.25 33.79 -21.61
C SER E 34 19.11 34.98 -21.21
N THR E 35 20.34 35.06 -21.70
CA THR E 35 21.17 36.22 -21.43
C THR E 35 20.65 37.43 -22.19
N SER E 36 21.00 38.61 -21.69
CA SER E 36 20.60 39.83 -22.39
C SER E 36 21.56 40.15 -23.53
N ARG E 37 22.83 39.81 -23.39
CA ARG E 37 23.80 40.16 -24.42
C ARG E 37 23.70 39.24 -25.63
N PHE E 38 23.59 37.94 -25.40
CA PHE E 38 23.67 36.97 -26.48
C PHE E 38 22.32 36.54 -27.01
N ASN E 39 21.25 37.21 -26.59
CA ASN E 39 19.94 36.94 -27.18
C ASN E 39 19.90 37.51 -28.59
N TRP E 40 19.51 36.68 -29.55
CA TRP E 40 19.36 37.12 -30.93
C TRP E 40 17.90 37.26 -31.33
N LEU E 41 16.99 37.25 -30.37
CA LEU E 41 15.56 37.44 -30.61
C LEU E 41 15.06 38.33 -29.48
N ASP E 42 14.69 39.56 -29.79
CA ASP E 42 14.43 40.58 -28.78
C ASP E 42 15.71 40.85 -27.99
N GLY E 43 16.80 41.11 -28.71
CA GLY E 43 18.11 40.80 -28.21
C GLY E 43 18.49 41.41 -26.87
N PRO E 44 18.81 42.69 -26.86
CA PRO E 44 19.27 43.30 -25.61
C PRO E 44 18.15 43.87 -24.78
N ARG E 45 18.11 43.54 -23.49
CA ARG E 45 17.11 44.09 -22.60
C ARG E 45 17.52 45.49 -22.17
N ALA E 46 16.66 46.11 -21.36
CA ALA E 46 16.89 47.46 -20.83
C ALA E 46 17.23 48.47 -21.92
N ILE F 6 30.38 -8.12 -23.78
CA ILE F 6 30.26 -7.91 -25.21
C ILE F 6 28.83 -8.18 -25.68
N SER F 7 28.37 -7.38 -26.61
CA SER F 7 27.08 -7.59 -27.24
C SER F 7 27.26 -8.39 -28.53
N GLY F 8 26.22 -8.48 -29.34
CA GLY F 8 26.21 -9.38 -30.47
C GLY F 8 26.75 -8.81 -31.77
N LEU F 9 27.93 -8.18 -31.73
CA LEU F 9 28.60 -7.77 -32.94
C LEU F 9 30.04 -8.26 -32.90
N SER F 10 30.75 -8.04 -34.00
CA SER F 10 32.11 -8.55 -34.17
C SER F 10 33.03 -7.42 -34.60
N GLU F 11 34.27 -7.77 -34.89
CA GLU F 11 35.26 -6.82 -35.39
C GLU F 11 35.11 -6.58 -36.88
N ALA F 12 34.28 -7.36 -37.57
CA ALA F 12 34.11 -7.19 -39.01
C ALA F 12 33.59 -5.81 -39.35
N GLU F 13 32.69 -5.28 -38.53
CA GLU F 13 32.13 -3.96 -38.76
C GLU F 13 32.88 -2.86 -38.00
N ALA F 14 33.17 -3.09 -36.73
CA ALA F 14 33.84 -2.11 -35.90
C ALA F 14 35.25 -1.82 -36.34
N LYS F 15 35.75 -2.43 -37.41
CA LYS F 15 37.09 -2.10 -37.87
C LYS F 15 37.11 -0.76 -38.58
N GLU F 16 36.04 -0.44 -39.31
CA GLU F 16 35.95 0.82 -40.02
C GLU F 16 34.65 1.56 -39.75
N PHE F 17 33.67 0.94 -39.10
CA PHE F 17 32.57 1.70 -38.53
C PHE F 17 33.11 2.81 -37.65
N HIS F 18 34.05 2.48 -36.77
CA HIS F 18 34.73 3.49 -36.00
C HIS F 18 35.43 4.50 -36.89
N SER F 19 35.89 4.08 -38.07
CA SER F 19 36.54 5.03 -38.97
C SER F 19 35.54 6.05 -39.52
N ILE F 20 34.41 5.59 -40.02
CA ILE F 20 33.42 6.51 -40.54
C ILE F 20 32.86 7.37 -39.41
N PHE F 21 32.77 6.81 -38.19
CA PHE F 21 32.37 7.59 -37.04
C PHE F 21 33.35 8.71 -36.79
N VAL F 22 34.65 8.44 -36.93
CA VAL F 22 35.64 9.48 -36.74
C VAL F 22 35.51 10.55 -37.81
N THR F 23 35.32 10.14 -39.07
CA THR F 23 35.18 11.14 -40.13
C THR F 23 33.97 12.03 -39.91
N SER F 24 32.83 11.42 -39.55
CA SER F 24 31.63 12.21 -39.29
C SER F 24 31.82 13.13 -38.08
N PHE F 25 32.40 12.60 -37.00
CA PHE F 25 32.65 13.42 -35.82
C PHE F 25 33.56 14.59 -36.15
N PHE F 26 34.52 14.38 -37.05
N PHE F 26 34.51 14.39 -37.06
CA PHE F 26 35.43 15.45 -37.43
CA PHE F 26 35.43 15.46 -37.42
C PHE F 26 34.73 16.49 -38.28
C PHE F 26 34.74 16.50 -38.29
N LEU F 27 33.87 16.07 -39.19
CA LEU F 27 33.08 17.02 -39.97
C LEU F 27 32.21 17.85 -39.04
N PHE F 28 31.64 17.20 -38.02
CA PHE F 28 30.88 17.91 -37.00
C PHE F 28 31.74 18.95 -36.30
N ILE F 29 32.95 18.56 -35.87
CA ILE F 29 33.79 19.48 -35.13
C ILE F 29 34.20 20.67 -36.00
N VAL F 30 34.51 20.44 -37.26
CA VAL F 30 34.98 21.56 -38.09
C VAL F 30 33.84 22.52 -38.39
N VAL F 31 32.65 22.00 -38.71
CA VAL F 31 31.55 22.92 -38.94
C VAL F 31 31.19 23.65 -37.66
N ALA F 32 31.37 23.00 -36.51
CA ALA F 32 31.08 23.65 -35.23
C ALA F 32 32.07 24.78 -34.96
N VAL F 33 33.35 24.59 -35.28
CA VAL F 33 34.29 25.67 -35.02
C VAL F 33 34.05 26.82 -35.99
N VAL F 34 33.61 26.52 -37.21
CA VAL F 34 33.19 27.62 -38.09
C VAL F 34 32.03 28.39 -37.47
N ALA F 35 31.06 27.66 -36.91
CA ALA F 35 29.94 28.31 -36.25
C ALA F 35 30.41 29.18 -35.08
N HIS F 36 31.38 28.69 -34.31
CA HIS F 36 31.87 29.46 -33.17
C HIS F 36 32.58 30.72 -33.62
N ILE F 37 33.35 30.62 -34.71
CA ILE F 37 34.01 31.82 -35.24
C ILE F 37 32.97 32.85 -35.64
N LEU F 38 31.93 32.42 -36.36
CA LEU F 38 30.90 33.36 -36.77
C LEU F 38 30.20 33.97 -35.56
N ALA F 39 29.92 33.16 -34.54
CA ALA F 39 29.27 33.67 -33.34
C ALA F 39 30.15 34.69 -32.64
N TRP F 40 31.46 34.42 -32.56
CA TRP F 40 32.38 35.37 -31.96
C TRP F 40 32.38 36.68 -32.74
N MET F 41 32.29 36.59 -34.07
CA MET F 41 32.22 37.81 -34.85
C MET F 41 30.94 38.58 -34.57
N TRP F 42 29.83 37.87 -34.35
CA TRP F 42 28.60 38.55 -33.98
C TRP F 42 28.73 39.21 -32.61
N ARG F 43 29.15 38.44 -31.60
CA ARG F 43 29.42 38.95 -30.27
C ARG F 43 30.52 38.16 -29.59
N PRO F 44 31.59 38.81 -29.16
CA PRO F 44 32.60 38.11 -28.37
C PRO F 44 32.08 37.86 -26.96
N TRP F 45 32.61 36.81 -26.35
CA TRP F 45 32.35 36.50 -24.96
C TRP F 45 33.65 36.56 -24.17
N LEU F 46 33.62 36.09 -22.94
CA LEU F 46 34.77 36.08 -22.06
C LEU F 46 35.29 37.48 -21.84
N PRO F 47 34.52 38.34 -21.17
CA PRO F 47 34.98 39.71 -20.94
C PRO F 47 36.04 39.72 -19.85
N LYS F 48 36.45 40.93 -19.48
CA LYS F 48 37.35 41.14 -18.35
C LYS F 48 36.57 41.81 -17.22
N ALA F 49 37.09 41.64 -16.01
CA ALA F 49 36.35 42.05 -14.81
C ALA F 49 35.87 43.49 -14.88
N THR F 50 36.47 44.32 -15.72
CA THR F 50 35.98 45.67 -15.92
C THR F 50 34.62 45.68 -16.62
N GLY F 51 34.35 44.66 -17.43
CA GLY F 51 33.16 44.57 -18.24
C GLY F 51 33.52 44.33 -19.69
N TYR F 52 32.63 44.71 -20.59
CA TYR F 52 32.87 44.55 -22.01
C TYR F 52 33.36 45.84 -22.63
N TRP G 2 31.13 -13.54 8.64
CA TRP G 2 31.04 -12.30 7.88
C TRP G 2 29.89 -12.29 6.87
N ARG G 3 28.79 -11.64 7.25
CA ARG G 3 27.61 -11.55 6.37
C ARG G 3 26.91 -10.22 6.66
N ILE G 4 27.21 -9.20 5.84
CA ILE G 4 26.36 -8.01 5.84
C ILE G 4 25.93 -7.72 4.41
N TRP G 5 26.74 -8.13 3.44
CA TRP G 5 26.35 -8.04 2.04
C TRP G 5 25.46 -9.20 1.63
N LEU G 6 25.33 -10.19 2.50
CA LEU G 6 24.24 -11.14 2.38
C LEU G 6 22.90 -10.46 2.58
N LEU G 7 22.87 -9.33 3.26
CA LEU G 7 21.63 -8.60 3.48
C LEU G 7 21.28 -7.73 2.28
N PHE G 8 22.12 -6.75 1.97
CA PHE G 8 21.86 -5.80 0.91
C PHE G 8 22.62 -6.19 -0.35
N ASP G 9 22.03 -5.85 -1.49
CA ASP G 9 22.71 -6.03 -2.75
C ASP G 9 23.87 -5.04 -2.81
N PRO G 10 25.09 -5.50 -3.07
CA PRO G 10 26.22 -4.56 -3.18
C PRO G 10 26.00 -3.44 -4.17
N ARG G 11 25.49 -3.73 -5.37
CA ARG G 11 25.42 -2.68 -6.38
C ARG G 11 24.42 -1.60 -6.00
N ARG G 12 23.23 -1.99 -5.56
CA ARG G 12 22.21 -1.01 -5.21
C ARG G 12 22.64 -0.18 -4.00
N ALA G 13 23.15 -0.84 -2.96
CA ALA G 13 23.57 -0.12 -1.77
C ALA G 13 24.75 0.81 -2.08
N LEU G 14 25.65 0.39 -2.98
CA LEU G 14 26.75 1.25 -3.35
C LEU G 14 26.27 2.47 -4.13
N VAL G 15 25.30 2.27 -5.01
CA VAL G 15 24.73 3.41 -5.73
C VAL G 15 24.09 4.37 -4.75
N LEU G 16 23.34 3.85 -3.79
CA LEU G 16 22.72 4.71 -2.77
C LEU G 16 23.78 5.47 -1.97
N LEU G 17 24.83 4.77 -1.55
CA LEU G 17 25.86 5.41 -0.73
C LEU G 17 26.60 6.47 -1.52
N PHE G 18 26.82 6.23 -2.81
CA PHE G 18 27.52 7.22 -3.61
C PHE G 18 26.64 8.42 -3.90
N VAL G 19 25.34 8.21 -4.05
CA VAL G 19 24.42 9.33 -4.17
C VAL G 19 24.41 10.14 -2.88
N PHE G 20 24.43 9.46 -1.73
CA PHE G 20 24.50 10.17 -0.46
C PHE G 20 25.77 10.98 -0.35
N LEU G 21 26.91 10.38 -0.70
CA LEU G 21 28.19 11.08 -0.60
C LEU G 21 28.23 12.28 -1.55
N PHE G 22 27.69 12.11 -2.76
CA PHE G 22 27.64 13.23 -3.69
C PHE G 22 26.79 14.37 -3.14
N GLY G 23 25.60 14.05 -2.64
CA GLY G 23 24.75 15.09 -2.08
C GLY G 23 25.40 15.78 -0.89
N LEU G 24 26.11 15.01 -0.06
CA LEU G 24 26.76 15.59 1.10
C LEU G 24 27.88 16.54 0.68
N ALA G 25 28.72 16.10 -0.26
CA ALA G 25 29.76 16.98 -0.78
C ALA G 25 29.15 18.24 -1.39
N ILE G 26 28.04 18.10 -2.11
CA ILE G 26 27.41 19.24 -2.75
C ILE G 26 26.92 20.24 -1.71
N ILE G 27 26.18 19.76 -0.70
CA ILE G 27 25.62 20.68 0.28
C ILE G 27 26.74 21.33 1.10
N ILE G 28 27.82 20.59 1.37
CA ILE G 28 28.90 21.19 2.14
C ILE G 28 29.62 22.24 1.31
N HIS G 29 29.86 21.96 0.03
CA HIS G 29 30.49 22.97 -0.82
C HIS G 29 29.62 24.20 -0.96
N PHE G 30 28.29 24.00 -1.02
CA PHE G 30 27.40 25.15 -1.16
C PHE G 30 27.39 25.99 0.11
N ILE G 31 27.27 25.36 1.28
CA ILE G 31 27.33 26.15 2.50
C ILE G 31 28.71 26.76 2.70
N LEU G 32 29.74 26.13 2.14
CA LEU G 32 31.09 26.69 2.23
C LEU G 32 31.20 27.97 1.43
N LEU G 33 31.00 27.88 0.11
CA LEU G 33 31.03 29.07 -0.73
C LEU G 33 29.86 30.00 -0.47
N SER G 34 28.97 29.66 0.46
CA SER G 34 27.93 30.58 0.87
C SER G 34 28.44 31.62 1.87
N THR G 35 29.46 31.27 2.64
CA THR G 35 30.01 32.20 3.62
C THR G 35 30.84 33.27 2.92
N SER G 36 31.29 34.24 3.71
CA SER G 36 32.13 35.31 3.20
C SER G 36 33.61 35.07 3.48
N ARG G 37 33.96 33.98 4.16
CA ARG G 37 35.36 33.65 4.42
C ARG G 37 35.85 32.52 3.53
N PHE G 38 35.11 31.42 3.48
CA PHE G 38 35.46 30.29 2.63
C PHE G 38 34.68 30.32 1.33
N ASN G 39 34.93 31.35 0.54
CA ASN G 39 34.27 31.53 -0.76
C ASN G 39 35.33 31.83 -1.79
N TRP G 40 35.86 30.78 -2.42
CA TRP G 40 36.92 30.96 -3.40
C TRP G 40 36.42 31.56 -4.70
N LEU G 41 35.11 31.64 -4.90
CA LEU G 41 34.51 32.33 -6.02
C LEU G 41 33.81 33.58 -5.52
N ASP G 42 34.05 34.71 -6.18
CA ASP G 42 33.58 36.03 -5.80
C ASP G 42 34.22 36.53 -4.52
N GLY G 43 35.04 35.73 -3.85
CA GLY G 43 35.85 36.18 -2.75
C GLY G 43 35.07 36.60 -1.52
N PRO G 44 35.74 37.32 -0.62
CA PRO G 44 35.08 37.78 0.60
C PRO G 44 34.11 38.91 0.35
N ARG G 45 33.55 39.47 1.41
CA ARG G 45 32.53 40.52 1.32
C ARG G 45 31.33 40.03 0.50
N ALA G 46 30.82 38.86 0.88
CA ALA G 46 29.70 38.27 0.18
C ALA G 46 28.44 38.39 1.02
N ILE H 6 19.86 -11.95 1.78
CA ILE H 6 18.60 -11.59 1.15
C ILE H 6 18.82 -11.32 -0.33
N SER H 7 19.85 -10.54 -0.65
CA SER H 7 20.24 -10.35 -2.03
C SER H 7 21.09 -11.53 -2.46
N GLY H 8 20.66 -12.24 -3.50
CA GLY H 8 21.35 -13.45 -3.91
C GLY H 8 22.80 -13.19 -4.22
N LEU H 9 23.68 -13.59 -3.31
CA LEU H 9 25.10 -13.31 -3.42
C LEU H 9 25.83 -14.12 -2.37
N SER H 10 26.95 -14.73 -2.76
CA SER H 10 27.64 -15.69 -1.92
C SER H 10 28.58 -14.99 -0.94
N GLU H 11 29.15 -15.77 -0.03
CA GLU H 11 30.05 -15.19 0.96
C GLU H 11 31.40 -14.84 0.33
N ALA H 12 31.79 -15.55 -0.73
CA ALA H 12 33.02 -15.18 -1.43
C ALA H 12 32.88 -13.82 -2.09
N GLU H 13 31.80 -13.63 -2.85
CA GLU H 13 31.54 -12.33 -3.47
C GLU H 13 31.38 -11.27 -2.40
N ALA H 14 30.67 -11.58 -1.32
CA ALA H 14 30.50 -10.61 -0.24
C ALA H 14 31.83 -10.18 0.34
N LYS H 15 32.70 -11.15 0.62
CA LYS H 15 33.97 -10.84 1.26
C LYS H 15 34.88 -10.06 0.32
N GLU H 16 34.92 -10.44 -0.96
CA GLU H 16 35.80 -9.73 -1.88
C GLU H 16 35.29 -8.32 -2.16
N PHE H 17 33.98 -8.19 -2.36
CA PHE H 17 33.40 -6.87 -2.55
C PHE H 17 33.58 -6.02 -1.30
N HIS H 18 33.59 -6.64 -0.12
CA HIS H 18 33.79 -5.88 1.10
C HIS H 18 35.22 -5.41 1.22
N SER H 19 36.18 -6.24 0.83
CA SER H 19 37.57 -5.80 0.77
C SER H 19 37.72 -4.61 -0.17
N ILE H 20 37.13 -4.72 -1.36
CA ILE H 20 37.15 -3.60 -2.29
C ILE H 20 36.52 -2.36 -1.67
N PHE H 21 35.39 -2.53 -0.99
CA PHE H 21 34.70 -1.40 -0.39
C PHE H 21 35.55 -0.72 0.66
N VAL H 22 36.24 -1.50 1.50
CA VAL H 22 37.00 -0.89 2.58
C VAL H 22 38.24 -0.19 2.03
N THR H 23 38.90 -0.78 1.03
CA THR H 23 40.06 -0.07 0.48
C THR H 23 39.62 1.21 -0.24
N SER H 24 38.47 1.19 -0.91
CA SER H 24 37.96 2.41 -1.52
C SER H 24 37.65 3.46 -0.48
N PHE H 25 37.04 3.04 0.64
CA PHE H 25 36.75 3.96 1.73
C PHE H 25 38.03 4.59 2.28
N PHE H 26 39.07 3.77 2.46
N PHE H 26 39.07 3.77 2.47
CA PHE H 26 40.31 4.29 3.02
CA PHE H 26 40.33 4.27 3.01
C PHE H 26 40.97 5.29 2.06
C PHE H 26 40.96 5.29 2.06
N LEU H 27 40.96 4.99 0.76
CA LEU H 27 41.52 5.93 -0.20
C LEU H 27 40.71 7.22 -0.23
N PHE H 28 39.39 7.11 -0.17
CA PHE H 28 38.56 8.31 -0.08
C PHE H 28 38.93 9.14 1.13
N ILE H 29 39.13 8.50 2.28
CA ILE H 29 39.40 9.26 3.50
C ILE H 29 40.79 9.89 3.45
N VAL H 30 41.77 9.22 2.85
CA VAL H 30 43.10 9.83 2.82
C VAL H 30 43.10 11.02 1.85
N VAL H 31 42.43 10.91 0.72
CA VAL H 31 42.29 12.08 -0.14
C VAL H 31 41.52 13.18 0.59
N ALA H 32 40.53 12.79 1.40
CA ALA H 32 39.78 13.80 2.16
C ALA H 32 40.69 14.57 3.09
N VAL H 33 41.58 13.86 3.81
CA VAL H 33 42.41 14.56 4.78
C VAL H 33 43.46 15.41 4.08
N VAL H 34 43.97 14.97 2.93
CA VAL H 34 44.91 15.84 2.24
C VAL H 34 44.19 17.07 1.68
N ALA H 35 42.93 16.92 1.25
CA ALA H 35 42.16 18.08 0.83
C ALA H 35 41.93 19.03 1.98
N HIS H 36 41.66 18.50 3.17
CA HIS H 36 41.46 19.36 4.34
C HIS H 36 42.72 20.13 4.65
N ILE H 37 43.88 19.48 4.60
CA ILE H 37 45.08 20.19 4.98
C ILE H 37 45.44 21.23 3.93
N LEU H 38 45.16 20.96 2.65
CA LEU H 38 45.36 21.99 1.65
C LEU H 38 44.42 23.17 1.87
N ALA H 39 43.15 22.89 2.21
CA ALA H 39 42.23 23.97 2.51
C ALA H 39 42.70 24.78 3.70
N TRP H 40 43.28 24.12 4.70
CA TRP H 40 43.84 24.85 5.83
C TRP H 40 44.99 25.74 5.38
N MET H 41 45.83 25.24 4.47
CA MET H 41 46.82 26.10 3.85
C MET H 41 46.16 27.33 3.26
N TRP H 42 44.97 27.17 2.67
CA TRP H 42 44.25 28.34 2.17
C TRP H 42 43.63 29.14 3.31
N ARG H 43 42.76 28.50 4.09
CA ARG H 43 42.08 29.15 5.20
C ARG H 43 42.19 28.31 6.46
N PRO H 44 42.93 28.76 7.45
CA PRO H 44 42.83 28.12 8.76
C PRO H 44 41.50 28.46 9.40
N TRP H 45 40.63 27.46 9.57
CA TRP H 45 39.28 27.71 10.07
C TRP H 45 39.20 27.71 11.59
N LEU H 46 40.33 27.84 12.29
CA LEU H 46 40.35 27.87 13.74
C LEU H 46 41.11 29.12 14.19
N PRO H 47 40.40 30.23 14.43
CA PRO H 47 41.03 31.50 14.85
C PRO H 47 41.63 31.43 16.24
N TRP I 2 43.98 -5.65 -12.66
CA TRP I 2 43.14 -5.37 -11.49
C TRP I 2 41.87 -6.20 -11.62
N ARG I 3 41.39 -6.31 -12.85
CA ARG I 3 40.49 -7.38 -13.32
C ARG I 3 39.11 -7.35 -12.69
N ILE I 4 38.84 -6.49 -11.72
CA ILE I 4 37.63 -6.62 -10.90
C ILE I 4 36.56 -5.70 -11.48
N TRP I 5 35.77 -6.26 -12.41
CA TRP I 5 34.50 -5.67 -12.82
C TRP I 5 33.41 -6.73 -12.82
N LEU I 6 33.53 -7.76 -12.00
CA LEU I 6 32.67 -8.92 -12.08
C LEU I 6 31.33 -8.71 -11.37
N LEU I 7 31.16 -7.62 -10.63
CA LEU I 7 29.91 -7.35 -9.95
C LEU I 7 29.05 -6.32 -10.67
N PHE I 8 29.67 -5.36 -11.35
CA PHE I 8 28.96 -4.32 -12.08
C PHE I 8 29.21 -4.53 -13.56
N ASP I 9 28.15 -4.89 -14.28
CA ASP I 9 28.23 -5.02 -15.73
C ASP I 9 28.78 -3.73 -16.34
N PRO I 10 29.97 -3.78 -16.95
CA PRO I 10 30.65 -2.55 -17.35
C PRO I 10 29.82 -1.59 -18.17
N ARG I 11 28.80 -2.08 -18.89
CA ARG I 11 27.97 -1.16 -19.67
C ARG I 11 27.14 -0.27 -18.75
N ARG I 12 26.46 -0.86 -17.77
CA ARG I 12 25.65 -0.05 -16.86
C ARG I 12 26.51 0.88 -16.03
N ALA I 13 27.60 0.36 -15.45
CA ALA I 13 28.47 1.19 -14.63
C ALA I 13 29.08 2.32 -15.45
N LEU I 14 29.46 2.03 -16.70
CA LEU I 14 30.11 3.07 -17.50
C LEU I 14 29.11 4.14 -17.93
N VAL I 15 27.90 3.74 -18.31
CA VAL I 15 26.92 4.75 -18.70
C VAL I 15 26.55 5.60 -17.50
N LEU I 16 26.50 5.00 -16.31
CA LEU I 16 26.20 5.81 -15.13
C LEU I 16 27.36 6.73 -14.79
N LEU I 17 28.59 6.26 -14.98
CA LEU I 17 29.74 7.14 -14.77
C LEU I 17 29.73 8.32 -15.73
N PHE I 18 29.43 8.07 -17.01
CA PHE I 18 29.39 9.16 -17.97
C PHE I 18 28.29 10.14 -17.66
N VAL I 19 27.10 9.65 -17.31
CA VAL I 19 26.05 10.61 -16.99
C VAL I 19 26.41 11.38 -15.73
N PHE I 20 27.15 10.77 -14.81
CA PHE I 20 27.59 11.52 -13.64
C PHE I 20 28.61 12.58 -14.02
N LEU I 21 29.59 12.24 -14.84
CA LEU I 21 30.59 13.21 -15.26
C LEU I 21 29.95 14.39 -15.97
N PHE I 22 28.99 14.11 -16.85
CA PHE I 22 28.29 15.17 -17.56
C PHE I 22 27.53 16.04 -16.58
N GLY I 23 26.80 15.42 -15.66
CA GLY I 23 26.08 16.19 -14.66
C GLY I 23 27.00 17.07 -13.84
N LEU I 24 28.18 16.56 -13.50
CA LEU I 24 29.12 17.32 -12.69
C LEU I 24 29.66 18.53 -13.46
N ALA I 25 30.06 18.31 -14.71
CA ALA I 25 30.52 19.44 -15.52
C ALA I 25 29.43 20.50 -15.66
N ILE I 26 28.18 20.05 -15.86
CA ILE I 26 27.06 20.97 -15.93
C ILE I 26 26.93 21.77 -14.64
N ILE I 27 27.01 21.09 -13.51
CA ILE I 27 26.87 21.76 -12.22
C ILE I 27 27.93 22.84 -12.06
N ILE I 28 29.18 22.49 -12.37
CA ILE I 28 30.27 23.45 -12.18
C ILE I 28 30.09 24.64 -13.10
N HIS I 29 29.74 24.40 -14.36
CA HIS I 29 29.53 25.50 -15.29
C HIS I 29 28.40 26.41 -14.83
N PHE I 30 27.31 25.82 -14.32
CA PHE I 30 26.18 26.63 -13.87
C PHE I 30 26.54 27.45 -12.65
N ILE I 31 27.32 26.86 -11.74
CA ILE I 31 27.80 27.62 -10.58
C ILE I 31 28.64 28.80 -11.03
N LEU I 32 29.57 28.56 -11.96
CA LEU I 32 30.41 29.64 -12.46
C LEU I 32 29.56 30.74 -13.10
N LEU I 33 28.57 30.36 -13.90
CA LEU I 33 27.67 31.34 -14.49
C LEU I 33 26.94 32.14 -13.42
N SER I 34 26.58 31.49 -12.31
CA SER I 34 25.82 32.15 -11.27
C SER I 34 26.62 33.24 -10.59
N THR I 35 27.94 33.09 -10.54
CA THR I 35 28.78 34.11 -9.94
C THR I 35 28.81 35.36 -10.82
N SER I 36 29.35 36.43 -10.26
CA SER I 36 29.55 37.66 -11.01
C SER I 36 30.96 37.76 -11.58
N ARG I 37 31.96 37.23 -10.89
CA ARG I 37 33.32 37.36 -11.36
C ARG I 37 33.63 36.38 -12.49
N PHE I 38 33.06 35.18 -12.43
CA PHE I 38 33.38 34.11 -13.36
C PHE I 38 32.27 33.86 -14.36
N ASN I 39 31.60 34.91 -14.79
CA ASN I 39 30.48 34.81 -15.73
C ASN I 39 30.96 35.32 -17.08
N TRP I 40 31.29 34.40 -17.98
CA TRP I 40 31.79 34.77 -19.30
C TRP I 40 30.69 35.22 -20.25
N LEU I 41 29.44 35.14 -19.84
CA LEU I 41 28.32 35.71 -20.59
C LEU I 41 27.73 36.84 -19.77
N ASP I 42 27.32 37.91 -20.44
CA ASP I 42 26.70 39.05 -19.78
C ASP I 42 27.66 39.75 -18.82
N GLY I 43 28.88 39.25 -18.70
CA GLY I 43 29.90 39.91 -17.92
C GLY I 43 29.59 40.01 -16.44
N PRO I 44 30.36 40.83 -15.73
CA PRO I 44 30.18 40.96 -14.28
C PRO I 44 29.09 41.97 -13.94
N ARG I 45 28.29 41.62 -12.94
CA ARG I 45 27.15 42.45 -12.57
C ARG I 45 27.60 43.67 -11.77
N ALA I 46 26.89 44.78 -11.99
CA ALA I 46 27.14 46.04 -11.31
C ALA I 46 28.60 46.48 -11.45
N SER J 7 25.53 -11.06 -12.20
CA SER J 7 26.97 -11.05 -12.30
C SER J 7 27.45 -10.10 -13.38
N GLY J 8 28.66 -10.34 -13.88
CA GLY J 8 29.26 -9.47 -14.87
C GLY J 8 29.60 -10.13 -16.18
N LEU J 9 30.90 -10.32 -16.44
CA LEU J 9 31.40 -10.66 -17.75
C LEU J 9 32.57 -11.62 -17.60
N SER J 10 33.33 -11.80 -18.69
CA SER J 10 34.47 -12.70 -18.70
C SER J 10 35.69 -12.01 -18.07
N GLU J 11 36.84 -12.69 -18.11
CA GLU J 11 38.02 -12.24 -17.38
C GLU J 11 38.92 -11.35 -18.23
N ALA J 12 39.43 -11.89 -19.35
CA ALA J 12 40.25 -11.06 -20.22
C ALA J 12 39.48 -9.82 -20.68
N GLU J 13 38.18 -9.96 -20.86
CA GLU J 13 37.31 -8.80 -21.06
C GLU J 13 37.51 -7.78 -19.94
N ALA J 14 37.49 -8.24 -18.68
CA ALA J 14 37.64 -7.33 -17.56
C ALA J 14 39.01 -6.67 -17.53
N LYS J 15 40.07 -7.44 -17.82
CA LYS J 15 41.41 -6.87 -17.76
C LYS J 15 41.60 -5.82 -18.85
N GLU J 16 41.08 -6.07 -20.04
CA GLU J 16 41.18 -5.04 -21.06
C GLU J 16 40.26 -3.86 -20.75
N PHE J 17 39.14 -4.12 -20.07
CA PHE J 17 38.29 -3.02 -19.65
C PHE J 17 39.03 -2.07 -18.71
N HIS J 18 39.76 -2.63 -17.75
CA HIS J 18 40.61 -1.78 -16.91
C HIS J 18 41.69 -1.08 -17.74
N SER J 19 42.34 -1.81 -18.64
CA SER J 19 43.48 -1.24 -19.36
C SER J 19 43.05 -0.09 -20.26
N ILE J 20 41.80 -0.08 -20.70
CA ILE J 20 41.31 1.04 -21.50
C ILE J 20 40.66 2.12 -20.62
N PHE J 21 39.98 1.70 -19.56
CA PHE J 21 39.33 2.64 -18.65
C PHE J 21 40.34 3.60 -18.04
N VAL J 22 41.45 3.07 -17.54
CA VAL J 22 42.43 3.93 -16.89
C VAL J 22 43.11 4.82 -17.92
N THR J 23 43.38 4.31 -19.11
CA THR J 23 44.08 5.13 -20.09
C THR J 23 43.19 6.21 -20.68
N SER J 24 41.87 6.06 -20.58
CA SER J 24 41.00 7.17 -20.95
C SER J 24 40.84 8.16 -19.81
N PHE J 25 40.69 7.64 -18.59
CA PHE J 25 40.60 8.49 -17.40
C PHE J 25 41.81 9.41 -17.27
N PHE J 26 43.00 8.89 -17.55
CA PHE J 26 44.20 9.69 -17.46
C PHE J 26 44.17 10.85 -18.47
N LEU J 27 43.85 10.56 -19.72
CA LEU J 27 43.85 11.62 -20.72
C LEU J 27 42.75 12.64 -20.44
N PHE J 28 41.62 12.17 -19.87
CA PHE J 28 40.58 13.10 -19.44
C PHE J 28 41.11 14.07 -18.39
N ILE J 29 41.86 13.56 -17.40
CA ILE J 29 42.45 14.46 -16.42
C ILE J 29 43.45 15.40 -17.08
N VAL J 30 44.18 14.91 -18.08
CA VAL J 30 45.16 15.76 -18.76
C VAL J 30 44.47 16.95 -19.42
N VAL J 31 43.40 16.68 -20.16
CA VAL J 31 42.72 17.77 -20.86
C VAL J 31 42.01 18.68 -19.86
N ALA J 32 41.50 18.12 -18.76
CA ALA J 32 40.94 18.96 -17.71
C ALA J 32 41.98 19.92 -17.16
N VAL J 33 43.20 19.44 -16.94
CA VAL J 33 44.25 20.29 -16.39
C VAL J 33 44.63 21.38 -17.38
N VAL J 34 44.80 21.02 -18.65
CA VAL J 34 45.18 22.04 -19.62
C VAL J 34 44.05 23.05 -19.77
N ALA J 35 42.80 22.64 -19.49
CA ALA J 35 41.71 23.60 -19.48
C ALA J 35 41.80 24.55 -18.28
N HIS J 36 42.04 24.00 -17.10
CA HIS J 36 42.10 24.84 -15.91
C HIS J 36 43.24 25.85 -15.99
N ILE J 37 44.31 25.51 -16.69
CA ILE J 37 45.42 26.45 -16.81
C ILE J 37 44.96 27.75 -17.44
N LEU J 38 44.40 27.68 -18.65
CA LEU J 38 44.00 28.93 -19.27
C LEU J 38 42.73 29.49 -18.67
N ALA J 39 41.93 28.68 -17.97
CA ALA J 39 40.86 29.25 -17.15
C ALA J 39 41.43 30.19 -16.10
N TRP J 40 42.43 29.72 -15.35
CA TRP J 40 43.11 30.57 -14.38
C TRP J 40 43.73 31.77 -15.06
N MET J 41 44.26 31.58 -16.27
CA MET J 41 44.71 32.73 -17.05
C MET J 41 43.61 33.76 -17.21
N TRP J 42 42.39 33.31 -17.48
CA TRP J 42 41.29 34.25 -17.64
C TRP J 42 40.87 34.85 -16.31
N ARG J 43 40.56 34.01 -15.34
CA ARG J 43 40.22 34.48 -14.00
C ARG J 43 40.89 33.60 -12.97
N PRO J 44 41.82 34.14 -12.18
CA PRO J 44 42.37 33.36 -11.06
C PRO J 44 41.37 33.29 -9.92
N TRP J 45 41.07 32.08 -9.47
CA TRP J 45 40.21 31.92 -8.31
C TRP J 45 41.05 31.84 -7.06
N LEU J 46 40.44 31.43 -5.95
CA LEU J 46 41.09 31.27 -4.66
C LEU J 46 41.72 32.58 -4.21
N PRO J 47 40.93 33.57 -3.84
CA PRO J 47 41.48 34.84 -3.36
C PRO J 47 41.91 34.70 -1.91
N LYS J 48 42.41 35.80 -1.37
CA LYS J 48 42.76 35.89 0.04
C LYS J 48 41.67 36.64 0.79
N ALA J 49 41.74 36.60 2.11
CA ALA J 49 40.78 37.34 2.92
C ALA J 49 40.78 38.83 2.59
N THR J 50 41.88 39.33 2.03
CA THR J 50 41.87 40.68 1.47
C THR J 50 40.84 40.79 0.35
N GLY J 51 40.92 39.89 -0.62
CA GLY J 51 40.06 39.93 -1.78
C GLY J 51 40.84 39.47 -3.00
N TYR J 52 40.37 39.90 -4.17
CA TYR J 52 41.04 39.56 -5.41
C TYR J 52 42.02 40.67 -5.81
N TRP K 2 26.96 6.14 -47.08
CA TRP K 2 25.75 5.40 -47.39
C TRP K 2 25.67 4.11 -46.59
N ARG K 3 26.81 3.68 -46.05
CA ARG K 3 26.89 2.42 -45.33
C ARG K 3 26.05 2.40 -44.06
N ILE K 4 25.47 3.54 -43.66
CA ILE K 4 24.78 3.62 -42.38
C ILE K 4 23.63 2.62 -42.33
N TRP K 5 22.78 2.65 -43.36
CA TRP K 5 21.53 1.90 -43.34
C TRP K 5 21.72 0.40 -43.21
N LEU K 6 22.94 -0.09 -43.39
CA LEU K 6 23.19 -1.50 -43.10
C LEU K 6 23.08 -1.79 -41.62
N LEU K 7 23.19 -0.75 -40.78
CA LEU K 7 23.14 -0.89 -39.33
C LEU K 7 21.84 -0.39 -38.72
N PHE K 8 21.20 0.59 -39.33
CA PHE K 8 20.00 1.20 -38.79
C PHE K 8 18.79 0.79 -39.62
N ASP K 9 17.75 0.34 -38.95
CA ASP K 9 16.53 -0.07 -39.64
C ASP K 9 15.79 1.16 -40.14
N PRO K 10 15.66 1.34 -41.46
CA PRO K 10 14.96 2.53 -41.96
C PRO K 10 13.54 2.67 -41.45
N ARG K 11 12.82 1.56 -41.32
CA ARG K 11 11.46 1.61 -40.77
C ARG K 11 11.43 2.30 -39.42
N ARG K 12 12.52 2.23 -38.66
CA ARG K 12 12.60 2.90 -37.37
C ARG K 12 13.43 4.17 -37.42
N ALA K 13 14.54 4.17 -38.14
CA ALA K 13 15.38 5.36 -38.21
C ALA K 13 14.61 6.53 -38.81
N LEU K 14 13.86 6.28 -39.87
CA LEU K 14 13.15 7.37 -40.53
C LEU K 14 12.02 7.89 -39.66
N VAL K 15 11.35 7.00 -38.93
CA VAL K 15 10.29 7.43 -38.02
C VAL K 15 10.87 8.30 -36.91
N LEU K 16 11.99 7.88 -36.34
CA LEU K 16 12.61 8.69 -35.29
C LEU K 16 13.09 10.03 -35.84
N LEU K 17 13.63 10.04 -37.05
CA LEU K 17 14.04 11.29 -37.66
C LEU K 17 12.85 12.22 -37.84
N PHE K 18 11.71 11.69 -38.26
CA PHE K 18 10.55 12.54 -38.51
C PHE K 18 9.96 13.06 -37.21
N VAL K 19 9.91 12.22 -36.18
CA VAL K 19 9.43 12.71 -34.89
C VAL K 19 10.36 13.79 -34.35
N PHE K 20 11.67 13.59 -34.50
CA PHE K 20 12.62 14.59 -34.02
C PHE K 20 12.49 15.89 -34.78
N LEU K 21 12.33 15.82 -36.11
CA LEU K 21 12.22 17.05 -36.88
C LEU K 21 10.93 17.79 -36.58
N PHE K 22 9.82 17.06 -36.44
CA PHE K 22 8.59 17.73 -36.05
C PHE K 22 8.71 18.38 -34.68
N GLY K 23 9.34 17.70 -33.73
CA GLY K 23 9.51 18.27 -32.42
C GLY K 23 10.38 19.51 -32.42
N LEU K 24 11.46 19.49 -33.19
CA LEU K 24 12.31 20.66 -33.29
C LEU K 24 11.59 21.82 -33.95
N ALA K 25 10.84 21.55 -35.03
CA ALA K 25 10.07 22.61 -35.68
C ALA K 25 9.06 23.22 -34.73
N ILE K 26 8.37 22.38 -33.95
CA ILE K 26 7.40 22.89 -32.98
C ILE K 26 8.10 23.75 -31.94
N ILE K 27 9.26 23.31 -31.46
CA ILE K 27 9.97 24.06 -30.44
C ILE K 27 10.38 25.43 -30.97
N ILE K 28 10.92 25.47 -32.17
CA ILE K 28 11.39 26.74 -32.72
C ILE K 28 10.22 27.68 -32.97
N HIS K 29 9.13 27.15 -33.54
CA HIS K 29 7.94 27.96 -33.77
C HIS K 29 7.42 28.54 -32.46
N PHE K 30 7.39 27.74 -31.40
CA PHE K 30 6.89 28.22 -30.12
C PHE K 30 7.82 29.27 -29.53
N ILE K 31 9.13 29.09 -29.67
CA ILE K 31 10.07 30.09 -29.17
C ILE K 31 9.83 31.41 -29.87
N LEU K 32 9.70 31.39 -31.19
CA LEU K 32 9.38 32.61 -31.91
C LEU K 32 8.06 33.21 -31.45
N LEU K 33 7.06 32.36 -31.25
CA LEU K 33 5.75 32.82 -30.82
C LEU K 33 5.79 33.49 -29.46
N SER K 34 6.72 33.07 -28.60
CA SER K 34 6.80 33.65 -27.26
C SER K 34 7.50 35.00 -27.27
N THR K 35 8.36 35.25 -28.24
CA THR K 35 9.04 36.54 -28.32
C THR K 35 8.05 37.65 -28.65
N SER K 36 8.44 38.87 -28.35
CA SER K 36 7.61 40.01 -28.72
C SER K 36 7.87 40.46 -30.16
N ARG K 37 9.08 40.29 -30.65
CA ARG K 37 9.42 40.77 -31.98
C ARG K 37 8.95 39.81 -33.06
N PHE K 38 9.19 38.52 -32.89
CA PHE K 38 8.94 37.54 -33.94
C PHE K 38 7.58 36.89 -33.82
N ASN K 39 6.71 37.39 -32.95
CA ASN K 39 5.35 36.89 -32.87
C ASN K 39 4.55 37.37 -34.07
N TRP K 40 4.06 36.43 -34.89
CA TRP K 40 3.31 36.77 -36.08
C TRP K 40 1.80 36.73 -35.85
N LEU K 41 1.36 36.39 -34.66
CA LEU K 41 -0.04 36.46 -34.26
C LEU K 41 -0.13 37.39 -33.08
N ASP K 42 -0.99 38.41 -33.20
CA ASP K 42 -1.12 39.47 -32.19
C ASP K 42 0.07 40.42 -32.23
N GLY K 43 1.09 40.07 -33.00
CA GLY K 43 2.24 40.92 -33.20
C GLY K 43 2.95 41.31 -31.92
N PRO K 44 3.61 42.46 -31.94
CA PRO K 44 4.42 42.88 -30.79
C PRO K 44 3.55 43.24 -29.59
N ARG K 45 4.22 43.37 -28.46
CA ARG K 45 3.57 43.73 -27.21
C ARG K 45 4.02 45.12 -26.77
N ALA K 46 3.09 45.84 -26.15
CA ALA K 46 3.35 47.20 -25.64
C ALA K 46 3.85 48.13 -26.73
N ILE L 6 22.79 -5.66 -37.59
CA ILE L 6 22.58 -5.58 -39.03
C ILE L 6 21.10 -5.51 -39.33
N SER L 7 20.72 -4.63 -40.25
CA SER L 7 19.35 -4.54 -40.72
C SER L 7 19.15 -5.49 -41.90
N GLY L 8 17.90 -5.92 -42.06
CA GLY L 8 17.58 -6.86 -43.13
C GLY L 8 17.56 -6.19 -44.48
N LEU L 9 18.69 -5.60 -44.89
CA LEU L 9 18.80 -4.92 -46.16
C LEU L 9 20.12 -5.32 -46.81
N SER L 10 20.08 -5.61 -48.10
CA SER L 10 21.30 -5.88 -48.84
C SER L 10 21.91 -4.56 -49.28
N GLU L 11 22.91 -4.63 -50.17
CA GLU L 11 23.67 -3.45 -50.54
C GLU L 11 22.94 -2.60 -51.56
N ALA L 12 22.22 -3.20 -52.50
CA ALA L 12 21.58 -2.45 -53.58
C ALA L 12 20.52 -1.50 -53.03
N GLU L 13 19.53 -2.04 -52.32
CA GLU L 13 18.52 -1.18 -51.74
C GLU L 13 19.12 -0.24 -50.71
N ALA L 14 20.19 -0.65 -50.03
CA ALA L 14 20.87 0.27 -49.12
C ALA L 14 21.29 1.53 -49.86
N LYS L 15 22.02 1.39 -50.96
CA LYS L 15 22.50 2.59 -51.64
C LYS L 15 21.37 3.37 -52.29
N GLU L 16 20.39 2.68 -52.86
CA GLU L 16 19.36 3.47 -53.57
C GLU L 16 18.44 4.17 -52.57
N PHE L 17 18.12 3.51 -51.46
CA PHE L 17 17.47 4.18 -50.34
C PHE L 17 18.27 5.38 -49.88
N HIS L 18 19.59 5.23 -49.74
CA HIS L 18 20.40 6.35 -49.29
C HIS L 18 20.37 7.48 -50.30
N SER L 19 20.29 7.15 -51.59
CA SER L 19 20.20 8.19 -52.61
C SER L 19 18.90 8.96 -52.49
N ILE L 20 17.79 8.24 -52.33
CA ILE L 20 16.51 8.92 -52.13
C ILE L 20 16.54 9.76 -50.86
N PHE L 21 17.17 9.24 -49.82
CA PHE L 21 17.27 9.97 -48.56
C PHE L 21 18.00 11.28 -48.78
N VAL L 22 19.18 11.24 -49.38
CA VAL L 22 19.96 12.46 -49.54
C VAL L 22 19.24 13.45 -50.46
N THR L 23 18.57 12.96 -51.51
CA THR L 23 17.93 13.92 -52.41
C THR L 23 16.74 14.60 -51.74
N SER L 24 15.92 13.85 -51.00
CA SER L 24 14.79 14.49 -50.32
C SER L 24 15.27 15.38 -49.18
N PHE L 25 16.32 14.95 -48.48
CA PHE L 25 16.97 15.79 -47.48
C PHE L 25 17.41 17.11 -48.08
N PHE L 26 17.95 17.09 -49.29
N PHE L 26 17.95 17.09 -49.29
CA PHE L 26 18.40 18.32 -49.92
CA PHE L 26 18.40 18.32 -49.93
C PHE L 26 17.23 19.19 -50.35
C PHE L 26 17.22 19.19 -50.34
N LEU L 27 16.15 18.58 -50.85
CA LEU L 27 14.98 19.37 -51.19
C LEU L 27 14.40 20.04 -49.95
N PHE L 28 14.37 19.31 -48.83
CA PHE L 28 13.93 19.89 -47.57
C PHE L 28 14.82 21.04 -47.15
N ILE L 29 16.14 20.89 -47.30
CA ILE L 29 17.05 21.97 -46.94
C ILE L 29 16.80 23.20 -47.79
N VAL L 30 16.62 23.02 -49.11
CA VAL L 30 16.52 24.21 -49.95
C VAL L 30 15.19 24.93 -49.71
N VAL L 31 14.12 24.17 -49.44
CA VAL L 31 12.88 24.87 -49.12
C VAL L 31 12.97 25.54 -47.75
N ALA L 32 13.69 24.93 -46.80
CA ALA L 32 13.92 25.62 -45.53
C ALA L 32 14.74 26.88 -45.72
N VAL L 33 15.67 26.88 -46.67
CA VAL L 33 16.51 28.05 -46.90
C VAL L 33 15.70 29.18 -47.49
N VAL L 34 14.83 28.89 -48.46
CA VAL L 34 13.99 29.96 -48.97
C VAL L 34 13.02 30.44 -47.90
N ALA L 35 12.58 29.54 -47.02
CA ALA L 35 11.76 29.96 -45.89
C ALA L 35 12.50 30.95 -45.00
N HIS L 36 13.78 30.68 -44.73
CA HIS L 36 14.56 31.60 -43.91
C HIS L 36 14.79 32.93 -44.61
N ILE L 37 14.96 32.91 -45.93
CA ILE L 37 15.09 34.18 -46.66
C ILE L 37 13.83 35.01 -46.48
N LEU L 38 12.66 34.38 -46.65
CA LEU L 38 11.41 35.09 -46.43
C LEU L 38 11.30 35.60 -44.99
N ALA L 39 11.66 34.77 -44.02
CA ALA L 39 11.55 35.16 -42.63
C ALA L 39 12.46 36.35 -42.31
N TRP L 40 13.64 36.36 -42.92
CA TRP L 40 14.55 37.49 -42.73
C TRP L 40 13.99 38.75 -43.37
N MET L 41 13.40 38.63 -44.56
CA MET L 41 12.76 39.78 -45.16
C MET L 41 11.62 40.31 -44.29
N TRP L 42 10.94 39.42 -43.58
CA TRP L 42 9.87 39.86 -42.70
C TRP L 42 10.44 40.52 -41.45
N ARG L 43 11.38 39.86 -40.78
CA ARG L 43 12.07 40.40 -39.62
C ARG L 43 13.48 39.84 -39.47
N PRO L 44 14.49 40.65 -39.67
CA PRO L 44 15.86 40.18 -39.43
C PRO L 44 16.11 39.95 -37.95
N TRP L 45 16.86 38.90 -37.66
CA TRP L 45 17.33 38.63 -36.31
C TRP L 45 18.79 39.04 -36.19
N LEU L 46 19.42 38.66 -35.09
CA LEU L 46 20.82 38.96 -34.79
C LEU L 46 21.05 40.46 -34.75
N PRO L 47 20.55 41.14 -33.74
CA PRO L 47 20.77 42.58 -33.67
C PRO L 47 22.20 42.92 -33.30
N LYS L 48 22.52 44.21 -33.26
CA LYS L 48 23.81 44.64 -32.77
C LYS L 48 23.79 44.70 -31.25
N ALA L 49 24.90 45.12 -30.64
CA ALA L 49 25.03 45.04 -29.19
C ALA L 49 24.04 45.94 -28.47
N THR L 50 23.46 46.91 -29.16
CA THR L 50 22.50 47.81 -28.54
C THR L 50 21.06 47.57 -28.99
N GLY L 51 20.85 46.77 -30.03
CA GLY L 51 19.50 46.42 -30.43
C GLY L 51 19.25 46.52 -31.91
N TYR L 52 18.02 46.81 -32.28
CA TYR L 52 17.67 46.99 -33.68
C TYR L 52 17.48 48.46 -33.98
N TRP M 2 7.68 6.41 -55.01
CA TRP M 2 6.73 5.36 -54.61
C TRP M 2 7.38 4.29 -53.73
N ARG M 3 8.71 4.24 -53.77
CA ARG M 3 9.42 3.22 -53.02
C ARG M 3 9.30 3.41 -51.51
N ILE M 4 8.85 4.59 -51.07
CA ILE M 4 8.60 4.80 -49.64
C ILE M 4 7.63 3.77 -49.10
N TRP M 5 6.76 3.25 -49.95
CA TRP M 5 5.78 2.26 -49.53
C TRP M 5 6.31 0.84 -49.62
N LEU M 6 7.48 0.65 -50.21
CA LEU M 6 8.08 -0.68 -50.22
C LEU M 6 8.62 -1.07 -48.86
N LEU M 7 8.87 -0.12 -47.96
CA LEU M 7 9.28 -0.46 -46.61
C LEU M 7 8.35 0.08 -45.54
N PHE M 8 7.48 1.01 -45.84
CA PHE M 8 6.46 1.47 -44.92
C PHE M 8 5.13 0.86 -45.31
N ASP M 9 4.59 0.01 -44.46
CA ASP M 9 3.29 -0.57 -44.74
C ASP M 9 2.25 0.53 -44.73
N PRO M 10 1.52 0.74 -45.82
CA PRO M 10 0.62 1.89 -45.89
C PRO M 10 -0.38 1.98 -44.77
N ARG M 11 -0.72 0.87 -44.12
CA ARG M 11 -1.69 0.95 -43.03
C ARG M 11 -1.14 1.76 -41.86
N ARG M 12 -0.03 1.32 -41.28
CA ARG M 12 0.56 2.04 -40.15
C ARG M 12 0.94 3.46 -40.55
N ALA M 13 1.65 3.59 -41.67
CA ALA M 13 2.07 4.89 -42.15
C ALA M 13 0.89 5.84 -42.23
N LEU M 14 -0.18 5.41 -42.89
CA LEU M 14 -1.29 6.31 -43.15
C LEU M 14 -2.09 6.60 -41.88
N VAL M 15 -2.22 5.63 -40.98
CA VAL M 15 -2.98 5.90 -39.77
C VAL M 15 -2.23 6.87 -38.87
N LEU M 16 -0.91 6.72 -38.74
CA LEU M 16 -0.19 7.66 -37.91
C LEU M 16 -0.06 9.00 -38.59
N LEU M 17 -0.02 9.03 -39.92
CA LEU M 17 -0.07 10.29 -40.64
C LEU M 17 -1.36 11.03 -40.36
N PHE M 18 -2.49 10.33 -40.39
CA PHE M 18 -3.76 10.97 -40.07
C PHE M 18 -3.78 11.47 -38.63
N VAL M 19 -3.30 10.65 -37.70
CA VAL M 19 -3.26 11.08 -36.31
C VAL M 19 -2.43 12.33 -36.16
N PHE M 20 -1.27 12.38 -36.81
CA PHE M 20 -0.39 13.53 -36.68
C PHE M 20 -0.99 14.77 -37.32
N LEU M 21 -1.61 14.62 -38.48
CA LEU M 21 -2.21 15.77 -39.14
C LEU M 21 -3.35 16.33 -38.32
N PHE M 22 -4.18 15.46 -37.75
CA PHE M 22 -5.26 15.94 -36.92
C PHE M 22 -4.72 16.60 -35.66
N GLY M 23 -3.66 16.05 -35.07
CA GLY M 23 -3.07 16.68 -33.91
C GLY M 23 -2.53 18.06 -34.20
N LEU M 24 -1.86 18.20 -35.33
CA LEU M 24 -1.35 19.51 -35.72
C LEU M 24 -2.48 20.49 -35.96
N ALA M 25 -3.54 20.06 -36.63
CA ALA M 25 -4.67 20.94 -36.88
C ALA M 25 -5.31 21.39 -35.56
N ILE M 26 -5.47 20.46 -34.61
CA ILE M 26 -6.02 20.82 -33.31
C ILE M 26 -5.12 21.82 -32.61
N ILE M 27 -3.81 21.60 -32.66
CA ILE M 27 -2.89 22.51 -31.97
C ILE M 27 -2.97 23.91 -32.56
N ILE M 28 -3.06 24.00 -33.90
CA ILE M 28 -3.10 25.31 -34.53
C ILE M 28 -4.42 26.02 -34.24
N HIS M 29 -5.52 25.28 -34.29
CA HIS M 29 -6.80 25.88 -33.93
C HIS M 29 -6.81 26.37 -32.49
N PHE M 30 -6.21 25.58 -31.58
CA PHE M 30 -6.12 25.98 -30.18
C PHE M 30 -5.30 27.24 -30.02
N ILE M 31 -4.16 27.33 -30.72
CA ILE M 31 -3.31 28.50 -30.60
C ILE M 31 -4.04 29.73 -31.11
N LEU M 32 -4.71 29.61 -32.26
CA LEU M 32 -5.46 30.74 -32.79
C LEU M 32 -6.56 31.16 -31.81
N LEU M 33 -7.29 30.20 -31.26
CA LEU M 33 -8.34 30.49 -30.31
C LEU M 33 -7.83 31.12 -29.03
N SER M 34 -6.57 30.87 -28.67
CA SER M 34 -6.02 31.51 -27.47
C SER M 34 -5.71 32.98 -27.71
N THR M 35 -5.23 33.34 -28.89
CA THR M 35 -4.98 34.74 -29.20
C THR M 35 -6.29 35.51 -29.25
N SER M 36 -6.18 36.82 -29.05
CA SER M 36 -7.34 37.68 -29.14
C SER M 36 -7.62 38.16 -30.55
N ARG M 37 -6.60 38.22 -31.41
CA ARG M 37 -6.82 38.70 -32.76
C ARG M 37 -7.51 37.66 -33.61
N PHE M 38 -7.09 36.40 -33.51
CA PHE M 38 -7.61 35.34 -34.37
C PHE M 38 -8.66 34.50 -33.69
N ASN M 39 -9.24 35.00 -32.60
CA ASN M 39 -10.32 34.30 -31.91
C ASN M 39 -11.61 34.53 -32.67
N TRP M 40 -11.97 33.57 -33.54
CA TRP M 40 -13.15 33.72 -34.37
C TRP M 40 -14.45 33.55 -33.60
N LEU M 41 -14.39 33.00 -32.39
CA LEU M 41 -15.51 32.99 -31.47
C LEU M 41 -15.20 34.02 -30.39
N ASP M 42 -16.24 34.69 -29.89
CA ASP M 42 -16.14 35.72 -28.86
C ASP M 42 -15.43 36.97 -29.35
N GLY M 43 -14.88 36.96 -30.56
CA GLY M 43 -14.22 38.12 -31.12
C GLY M 43 -13.00 38.57 -30.35
N PRO M 44 -12.42 39.69 -30.76
CA PRO M 44 -11.29 40.25 -30.02
C PRO M 44 -11.73 40.81 -28.69
N ARG M 45 -10.76 40.98 -27.80
CA ARG M 45 -11.06 41.43 -26.46
C ARG M 45 -11.13 42.95 -26.40
N ALA M 46 -11.59 43.45 -25.25
CA ALA M 46 -11.77 44.88 -25.01
C ALA M 46 -12.69 45.51 -26.06
N ILE N 6 10.25 -5.63 -46.69
CA ILE N 6 9.68 -5.47 -48.01
C ILE N 6 8.23 -5.03 -47.88
N SER N 7 7.78 -4.81 -46.64
CA SER N 7 6.45 -4.28 -46.34
C SER N 7 5.34 -5.24 -46.73
N GLY N 8 5.68 -6.47 -47.06
CA GLY N 8 4.66 -7.44 -47.47
C GLY N 8 3.74 -6.92 -48.54
N LEU N 9 4.28 -6.16 -49.48
CA LEU N 9 3.45 -5.49 -50.47
C LEU N 9 4.17 -5.48 -51.81
N SER N 10 3.39 -5.55 -52.88
CA SER N 10 3.93 -5.69 -54.21
C SER N 10 4.65 -4.42 -54.64
N GLU N 11 5.10 -4.38 -55.89
CA GLU N 11 5.76 -3.19 -56.37
C GLU N 11 4.84 -2.31 -57.20
N ALA N 12 4.13 -2.89 -58.16
CA ALA N 12 3.14 -2.11 -58.89
C ALA N 12 1.97 -1.71 -58.01
N GLU N 13 1.64 -2.56 -57.04
CA GLU N 13 0.67 -2.18 -56.02
C GLU N 13 1.14 -0.95 -55.25
N ALA N 14 2.45 -0.84 -55.02
CA ALA N 14 3.00 0.37 -54.41
C ALA N 14 2.86 1.55 -55.34
N LYS N 15 3.05 1.35 -56.65
CA LYS N 15 2.78 2.41 -57.61
C LYS N 15 1.36 2.93 -57.48
N GLU N 16 0.40 2.01 -57.37
CA GLU N 16 -1.00 2.42 -57.30
C GLU N 16 -1.29 3.18 -56.01
N PHE N 17 -0.89 2.60 -54.88
CA PHE N 17 -1.10 3.30 -53.62
C PHE N 17 -0.43 4.66 -53.63
N HIS N 18 0.75 4.77 -54.23
CA HIS N 18 1.44 6.04 -54.24
C HIS N 18 0.70 7.06 -55.09
N SER N 19 0.16 6.64 -56.23
CA SER N 19 -0.59 7.57 -57.05
C SER N 19 -1.81 8.10 -56.30
N ILE N 20 -2.52 7.20 -55.61
CA ILE N 20 -3.71 7.65 -54.89
C ILE N 20 -3.32 8.54 -53.72
N PHE N 21 -2.22 8.19 -53.03
CA PHE N 21 -1.73 9.02 -51.94
C PHE N 21 -1.38 10.41 -52.42
N VAL N 22 -0.72 10.51 -53.56
CA VAL N 22 -0.32 11.82 -54.07
C VAL N 22 -1.54 12.64 -54.45
N THR N 23 -2.53 12.03 -55.10
CA THR N 23 -3.69 12.84 -55.48
C THR N 23 -4.48 13.29 -54.25
N SER N 24 -4.57 12.44 -53.23
CA SER N 24 -5.23 12.84 -52.00
C SER N 24 -4.48 13.98 -51.32
N PHE N 25 -3.17 13.82 -51.19
CA PHE N 25 -2.32 14.85 -50.61
C PHE N 25 -2.47 16.18 -51.34
N PHE N 26 -2.60 16.12 -52.66
N PHE N 26 -2.61 16.13 -52.66
CA PHE N 26 -2.69 17.34 -53.44
CA PHE N 26 -2.68 17.38 -53.42
C PHE N 26 -4.04 18.02 -53.30
C PHE N 26 -4.06 18.02 -53.30
N LEU N 27 -5.12 17.24 -53.29
CA LEU N 27 -6.43 17.84 -53.06
C LEU N 27 -6.50 18.44 -51.67
N PHE N 28 -5.88 17.77 -50.69
CA PHE N 28 -5.74 18.36 -49.37
C PHE N 28 -5.04 19.71 -49.42
N ILE N 29 -3.93 19.79 -50.13
CA ILE N 29 -3.16 21.03 -50.11
C ILE N 29 -3.91 22.14 -50.84
N VAL N 30 -4.67 21.81 -51.89
CA VAL N 30 -5.42 22.89 -52.54
C VAL N 30 -6.55 23.36 -51.65
N VAL N 31 -7.20 22.45 -50.92
CA VAL N 31 -8.22 22.90 -49.97
C VAL N 31 -7.59 23.79 -48.90
N ALA N 32 -6.40 23.42 -48.43
CA ALA N 32 -5.73 24.23 -47.42
C ALA N 32 -5.33 25.59 -47.96
N VAL N 33 -4.94 25.66 -49.23
CA VAL N 33 -4.54 26.94 -49.80
C VAL N 33 -5.74 27.86 -49.95
N VAL N 34 -6.87 27.31 -50.40
CA VAL N 34 -8.10 28.10 -50.41
C VAL N 34 -8.43 28.58 -49.00
N ALA N 35 -8.24 27.70 -48.02
CA ALA N 35 -8.52 28.05 -46.63
C ALA N 35 -7.67 29.21 -46.17
N HIS N 36 -6.37 29.18 -46.50
CA HIS N 36 -5.49 30.24 -46.02
C HIS N 36 -5.74 31.56 -46.73
N ILE N 37 -6.10 31.52 -48.02
CA ILE N 37 -6.52 32.74 -48.68
C ILE N 37 -7.73 33.34 -47.98
N LEU N 38 -8.71 32.49 -47.67
CA LEU N 38 -9.91 32.98 -46.99
C LEU N 38 -9.59 33.53 -45.61
N ALA N 39 -8.69 32.86 -44.88
CA ALA N 39 -8.33 33.31 -43.54
C ALA N 39 -7.58 34.63 -43.59
N TRP N 40 -6.67 34.79 -44.54
CA TRP N 40 -5.98 36.05 -44.70
C TRP N 40 -6.95 37.17 -45.03
N MET N 41 -7.95 36.87 -45.87
CA MET N 41 -8.94 37.90 -46.16
C MET N 41 -9.79 38.21 -44.94
N TRP N 42 -10.01 37.23 -44.06
CA TRP N 42 -10.70 37.53 -42.81
C TRP N 42 -9.79 38.29 -41.86
N ARG N 43 -8.55 37.82 -41.70
CA ARG N 43 -7.61 38.52 -40.84
C ARG N 43 -6.17 38.21 -41.22
N PRO N 44 -5.42 39.19 -41.68
CA PRO N 44 -4.03 38.94 -42.05
C PRO N 44 -3.17 38.74 -40.82
N TRP N 45 -2.05 38.05 -41.02
CA TRP N 45 -1.03 37.89 -40.01
C TRP N 45 0.28 38.47 -40.55
N LEU N 46 1.37 38.23 -39.82
CA LEU N 46 2.68 38.76 -40.14
C LEU N 46 2.67 40.28 -40.13
N PRO N 47 2.52 40.91 -38.99
CA PRO N 47 2.42 42.37 -38.92
C PRO N 47 3.78 43.02 -39.13
N LYS N 48 3.75 44.35 -39.12
CA LYS N 48 4.96 45.14 -39.11
C LYS N 48 5.56 45.19 -37.71
N ALA N 49 6.81 45.61 -37.62
CA ALA N 49 7.49 45.64 -36.32
C ALA N 49 6.78 46.54 -35.32
N THR N 50 5.97 47.47 -35.79
CA THR N 50 5.20 48.33 -34.91
C THR N 50 3.84 47.75 -34.54
N GLY N 51 3.31 46.83 -35.34
CA GLY N 51 2.00 46.27 -35.08
C GLY N 51 1.15 46.17 -36.33
N TYR N 52 -0.16 46.23 -36.17
CA TYR N 52 -1.06 46.20 -37.30
C TYR N 52 -1.58 47.60 -37.62
N TRP O 2 -11.74 3.59 -54.31
CA TRP O 2 -12.39 2.47 -53.67
C TRP O 2 -11.39 1.44 -53.18
N ARG O 3 -10.15 1.57 -53.61
CA ARG O 3 -9.12 0.62 -53.23
C ARG O 3 -8.58 0.86 -51.83
N ILE O 4 -8.92 1.98 -51.20
CA ILE O 4 -8.57 2.20 -49.81
C ILE O 4 -9.16 1.15 -48.90
N TRP O 5 -10.04 0.30 -49.42
CA TRP O 5 -10.63 -0.77 -48.65
C TRP O 5 -9.98 -2.11 -48.89
N LEU O 6 -9.11 -2.22 -49.89
CA LEU O 6 -8.36 -3.46 -50.07
C LEU O 6 -7.27 -3.62 -49.03
N LEU O 7 -6.91 -2.55 -48.33
CA LEU O 7 -5.93 -2.63 -47.26
C LEU O 7 -6.49 -2.26 -45.90
N PHE O 8 -7.50 -1.40 -45.83
CA PHE O 8 -8.12 -1.04 -44.57
C PHE O 8 -9.35 -1.89 -44.30
N ASP O 9 -9.44 -2.38 -43.08
CA ASP O 9 -10.61 -3.15 -42.69
C ASP O 9 -11.78 -2.21 -42.49
N PRO O 10 -12.88 -2.39 -43.21
CA PRO O 10 -14.05 -1.53 -42.97
C PRO O 10 -14.59 -1.62 -41.56
N ARG O 11 -14.60 -2.81 -40.97
CA ARG O 11 -15.13 -2.94 -39.62
C ARG O 11 -14.32 -2.13 -38.62
N ARG O 12 -13.03 -1.94 -38.90
CA ARG O 12 -12.16 -1.21 -37.99
C ARG O 12 -12.17 0.28 -38.30
N ALA O 13 -11.90 0.64 -39.55
CA ALA O 13 -11.86 2.03 -39.94
C ALA O 13 -13.20 2.70 -39.68
N LEU O 14 -14.29 1.99 -39.89
CA LEU O 14 -15.59 2.63 -39.77
C LEU O 14 -15.93 2.95 -38.31
N VAL O 15 -15.61 2.03 -37.40
CA VAL O 15 -15.92 2.29 -36.00
C VAL O 15 -14.98 3.34 -35.44
N LEU O 16 -13.71 3.35 -35.86
CA LEU O 16 -12.82 4.43 -35.45
C LEU O 16 -13.29 5.77 -35.98
N LEU O 17 -13.81 5.79 -37.21
CA LEU O 17 -14.31 7.04 -37.76
C LEU O 17 -15.51 7.54 -36.99
N PHE O 18 -16.43 6.65 -36.62
CA PHE O 18 -17.60 7.08 -35.87
C PHE O 18 -17.22 7.61 -34.49
N VAL O 19 -16.29 6.93 -33.82
CA VAL O 19 -15.83 7.42 -32.52
C VAL O 19 -15.18 8.79 -32.67
N PHE O 20 -14.34 8.95 -33.68
CA PHE O 20 -13.69 10.23 -33.89
C PHE O 20 -14.70 11.34 -34.15
N LEU O 21 -15.69 11.07 -35.00
CA LEU O 21 -16.68 12.08 -35.31
C LEU O 21 -17.49 12.47 -34.08
N PHE O 22 -17.86 11.50 -33.25
CA PHE O 22 -18.62 11.87 -32.07
C PHE O 22 -17.76 12.67 -31.09
N GLY O 23 -16.48 12.31 -30.94
CA GLY O 23 -15.62 13.08 -30.06
C GLY O 23 -15.45 14.51 -30.55
N LEU O 24 -15.23 14.68 -31.85
CA LEU O 24 -15.09 16.01 -32.41
C LEU O 24 -16.37 16.82 -32.24
N ALA O 25 -17.52 16.19 -32.45
CA ALA O 25 -18.79 16.89 -32.29
C ALA O 25 -19.00 17.33 -30.85
N ILE O 26 -18.68 16.46 -29.90
CA ILE O 26 -18.80 16.82 -28.49
C ILE O 26 -17.89 17.99 -28.16
N ILE O 27 -16.64 17.94 -28.65
CA ILE O 27 -15.70 19.02 -28.35
C ILE O 27 -16.21 20.34 -28.90
N ILE O 28 -16.71 20.34 -30.13
CA ILE O 28 -17.16 21.58 -30.73
C ILE O 28 -18.38 22.12 -29.99
N HIS O 29 -19.35 21.25 -29.68
CA HIS O 29 -20.53 21.70 -28.94
C HIS O 29 -20.14 22.29 -27.60
N PHE O 30 -19.18 21.66 -26.92
N PHE O 30 -19.19 21.65 -26.91
CA PHE O 30 -18.75 22.16 -25.62
CA PHE O 30 -18.73 22.15 -25.61
C PHE O 30 -18.08 23.51 -25.74
C PHE O 30 -18.09 23.52 -25.76
N ILE O 31 -17.22 23.68 -26.76
CA ILE O 31 -16.55 24.97 -26.95
C ILE O 31 -17.57 26.06 -27.24
N LEU O 32 -18.55 25.78 -28.09
CA LEU O 32 -19.57 26.78 -28.37
C LEU O 32 -20.38 27.10 -27.13
N LEU O 33 -20.70 26.07 -26.34
CA LEU O 33 -21.55 26.26 -25.18
C LEU O 33 -20.81 27.00 -24.06
N SER O 34 -19.49 26.98 -24.09
CA SER O 34 -18.73 27.71 -23.07
C SER O 34 -18.65 29.20 -23.40
N THR O 35 -18.66 29.55 -24.68
CA THR O 35 -18.65 30.95 -25.05
C THR O 35 -20.00 31.59 -24.76
N SER O 36 -19.99 32.90 -24.55
CA SER O 36 -21.24 33.60 -24.28
C SER O 36 -21.99 33.96 -25.54
N ARG O 37 -21.30 34.10 -26.67
CA ARG O 37 -21.98 34.50 -27.89
C ARG O 37 -22.76 33.35 -28.50
N PHE O 38 -22.20 32.14 -28.46
CA PHE O 38 -22.80 31.00 -29.13
C PHE O 38 -23.45 30.04 -28.16
N ASN O 39 -23.69 30.47 -26.93
CA ASN O 39 -24.49 29.69 -26.01
C ASN O 39 -25.95 29.78 -26.42
N TRP O 40 -26.58 28.63 -26.64
CA TRP O 40 -27.98 28.59 -27.01
C TRP O 40 -28.87 28.27 -25.81
N LEU O 41 -28.29 28.23 -24.61
CA LEU O 41 -29.01 27.92 -23.38
C LEU O 41 -28.53 28.93 -22.36
N ASP O 42 -29.37 29.88 -21.97
CA ASP O 42 -28.91 31.05 -21.22
C ASP O 42 -27.84 31.79 -22.02
N GLY O 43 -28.23 32.29 -23.18
CA GLY O 43 -27.27 32.60 -24.22
C GLY O 43 -26.16 33.54 -23.84
N PRO O 44 -26.44 34.82 -23.75
CA PRO O 44 -25.36 35.78 -23.46
C PRO O 44 -25.16 36.00 -21.97
N ARG O 45 -23.93 35.87 -21.51
CA ARG O 45 -23.62 36.17 -20.12
C ARG O 45 -23.66 37.67 -19.87
N ALA O 46 -23.76 38.03 -18.59
CA ALA O 46 -23.86 39.43 -18.16
C ALA O 46 -25.04 40.11 -18.84
N ILE P 6 -5.17 -7.17 -50.59
CA ILE P 6 -6.20 -8.16 -50.35
C ILE P 6 -6.31 -8.43 -48.85
N SER P 7 -5.83 -7.48 -48.05
CA SER P 7 -5.80 -7.65 -46.61
C SER P 7 -7.23 -7.47 -46.08
N GLY P 8 -7.97 -8.57 -46.04
CA GLY P 8 -9.23 -8.60 -45.34
C GLY P 8 -10.48 -8.73 -46.21
N LEU P 9 -10.52 -8.01 -47.32
CA LEU P 9 -11.75 -7.88 -48.10
C LEU P 9 -11.55 -8.35 -49.52
N SER P 10 -12.66 -8.66 -50.18
CA SER P 10 -12.66 -9.02 -51.58
C SER P 10 -12.51 -7.76 -52.43
N GLU P 11 -12.69 -7.88 -53.74
CA GLU P 11 -12.63 -6.71 -54.59
C GLU P 11 -14.00 -6.20 -55.01
N ALA P 12 -15.01 -7.07 -55.07
CA ALA P 12 -16.36 -6.60 -55.30
C ALA P 12 -16.97 -6.00 -54.04
N GLU P 13 -16.72 -6.65 -52.89
CA GLU P 13 -17.14 -6.07 -51.63
C GLU P 13 -16.48 -4.73 -51.38
N ALA P 14 -15.24 -4.55 -51.86
CA ALA P 14 -14.59 -3.25 -51.75
C ALA P 14 -15.38 -2.18 -52.48
N LYS P 15 -15.75 -2.46 -53.73
CA LYS P 15 -16.51 -1.47 -54.50
C LYS P 15 -17.85 -1.19 -53.87
N GLU P 16 -18.53 -2.23 -53.38
CA GLU P 16 -19.85 -2.02 -52.80
C GLU P 16 -19.76 -1.20 -51.52
N PHE P 17 -18.83 -1.57 -50.64
CA PHE P 17 -18.64 -0.80 -49.42
C PHE P 17 -18.26 0.64 -49.73
N HIS P 18 -17.42 0.85 -50.73
CA HIS P 18 -17.01 2.20 -51.05
C HIS P 18 -18.17 3.02 -51.58
N SER P 19 -19.04 2.40 -52.38
CA SER P 19 -20.23 3.10 -52.86
C SER P 19 -21.12 3.53 -51.71
N ILE P 20 -21.42 2.61 -50.80
CA ILE P 20 -22.26 2.95 -49.66
C ILE P 20 -21.58 3.99 -48.79
N PHE P 21 -20.26 3.90 -48.66
CA PHE P 21 -19.52 4.85 -47.84
C PHE P 21 -19.60 6.24 -48.42
N VAL P 22 -19.45 6.37 -49.73
CA VAL P 22 -19.53 7.70 -50.34
C VAL P 22 -20.92 8.27 -50.21
N THR P 23 -21.96 7.43 -50.41
CA THR P 23 -23.31 7.95 -50.26
C THR P 23 -23.57 8.43 -48.84
N SER P 24 -23.17 7.64 -47.84
CA SER P 24 -23.40 8.04 -46.45
C SER P 24 -22.57 9.27 -46.08
N PHE P 25 -21.32 9.31 -46.51
CA PHE P 25 -20.46 10.46 -46.22
C PHE P 25 -21.04 11.72 -46.82
N PHE P 26 -21.57 11.61 -48.04
N PHE P 26 -21.58 11.63 -48.04
CA PHE P 26 -22.15 12.76 -48.71
CA PHE P 26 -22.12 12.83 -48.66
C PHE P 26 -23.44 13.22 -48.04
C PHE P 26 -23.45 13.24 -48.04
N LEU P 27 -24.26 12.27 -47.58
CA LEU P 27 -25.47 12.65 -46.87
C LEU P 27 -25.13 13.34 -45.56
N PHE P 28 -24.12 12.84 -44.86
CA PHE P 28 -23.63 13.48 -43.65
C PHE P 28 -23.16 14.90 -43.95
N ILE P 29 -22.40 15.08 -45.03
CA ILE P 29 -21.88 16.39 -45.38
C ILE P 29 -23.01 17.36 -45.72
N VAL P 30 -24.03 16.88 -46.43
CA VAL P 30 -25.15 17.74 -46.79
C VAL P 30 -25.90 18.18 -45.54
N VAL P 31 -26.17 17.25 -44.64
CA VAL P 31 -26.86 17.59 -43.40
C VAL P 31 -26.05 18.61 -42.60
N ALA P 32 -24.73 18.41 -42.54
CA ALA P 32 -23.87 19.33 -41.82
C ALA P 32 -23.86 20.71 -42.46
N VAL P 33 -23.89 20.76 -43.79
CA VAL P 33 -23.88 22.06 -44.47
C VAL P 33 -25.17 22.80 -44.20
N VAL P 34 -26.31 22.10 -44.21
CA VAL P 34 -27.57 22.74 -43.84
C VAL P 34 -27.50 23.25 -42.41
N ALA P 35 -26.94 22.44 -41.51
CA ALA P 35 -26.82 22.84 -40.11
C ALA P 35 -25.97 24.09 -39.98
N HIS P 36 -24.91 24.23 -40.78
CA HIS P 36 -24.07 25.40 -40.67
C HIS P 36 -24.71 26.63 -41.29
N ILE P 37 -25.46 26.47 -42.38
CA ILE P 37 -26.20 27.61 -42.91
C ILE P 37 -27.18 28.12 -41.86
N LEU P 38 -27.90 27.20 -41.21
CA LEU P 38 -28.83 27.62 -40.16
C LEU P 38 -28.08 28.26 -38.99
N ALA P 39 -26.93 27.70 -38.61
CA ALA P 39 -26.18 28.26 -37.50
C ALA P 39 -25.67 29.65 -37.81
N TRP P 40 -25.20 29.87 -39.04
CA TRP P 40 -24.79 31.22 -39.44
C TRP P 40 -25.97 32.17 -39.39
N MET P 41 -27.15 31.71 -39.82
CA MET P 41 -28.32 32.56 -39.75
C MET P 41 -28.70 32.87 -38.31
N TRP P 42 -28.33 31.99 -37.38
CA TRP P 42 -28.58 32.28 -35.96
C TRP P 42 -27.49 33.18 -35.39
N ARG P 43 -26.23 32.81 -35.56
CA ARG P 43 -25.10 33.62 -35.11
C ARG P 43 -23.98 33.56 -36.12
N PRO P 44 -23.69 34.66 -36.81
CA PRO P 44 -22.46 34.71 -37.62
C PRO P 44 -21.24 34.64 -36.72
N TRP P 45 -20.27 33.85 -37.12
CA TRP P 45 -18.95 33.91 -36.52
C TRP P 45 -18.06 34.75 -37.44
N LEU P 46 -16.75 34.73 -37.18
CA LEU P 46 -15.77 35.49 -37.94
C LEU P 46 -16.07 36.99 -37.85
N PRO P 47 -15.83 37.61 -36.71
CA PRO P 47 -16.10 39.04 -36.57
C PRO P 47 -15.03 39.87 -37.27
N LYS P 48 -15.26 41.19 -37.28
CA LYS P 48 -14.22 42.12 -37.69
C LYS P 48 -13.21 42.29 -36.56
N ALA P 49 -12.00 42.72 -36.93
CA ALA P 49 -10.93 42.84 -35.96
C ALA P 49 -11.26 43.79 -34.82
N THR P 50 -12.36 44.51 -34.89
CA THR P 50 -12.83 45.36 -33.80
C THR P 50 -14.00 44.75 -33.05
N GLY P 51 -14.30 43.48 -33.28
CA GLY P 51 -15.43 42.82 -32.66
C GLY P 51 -16.62 42.74 -33.58
N TYR P 52 -17.77 42.43 -32.99
CA TYR P 52 -19.02 42.36 -33.73
C TYR P 52 -19.73 43.71 -33.71
N TRP Q 2 22.83 -26.72 44.83
CA TRP Q 2 23.03 -27.77 43.85
C TRP Q 2 21.68 -28.27 43.37
N ARG Q 3 20.70 -28.18 44.27
CA ARG Q 3 19.37 -28.68 43.94
C ARG Q 3 18.78 -27.91 42.79
N ILE Q 4 19.10 -26.62 42.68
CA ILE Q 4 18.67 -25.86 41.51
C ILE Q 4 19.37 -26.34 40.26
N TRP Q 5 20.51 -27.03 40.40
CA TRP Q 5 21.27 -27.46 39.24
C TRP Q 5 20.83 -28.83 38.72
N LEU Q 6 19.88 -29.47 39.39
CA LEU Q 6 19.22 -30.61 38.76
C LEU Q 6 18.23 -30.13 37.71
N LEU Q 7 17.61 -28.97 37.94
CA LEU Q 7 17.02 -28.17 36.88
C LEU Q 7 18.10 -27.27 36.30
N PHE Q 8 17.74 -26.54 35.25
CA PHE Q 8 18.55 -25.43 34.72
C PHE Q 8 20.02 -25.80 34.62
N ASP Q 9 20.32 -26.74 33.73
CA ASP Q 9 21.72 -27.11 33.52
C ASP Q 9 22.53 -25.84 33.24
N PRO Q 10 23.59 -25.59 34.01
CA PRO Q 10 24.25 -24.28 33.95
C PRO Q 10 24.92 -23.98 32.62
N ARG Q 11 25.06 -24.96 31.74
CA ARG Q 11 25.69 -24.67 30.45
C ARG Q 11 24.88 -23.71 29.60
N ARG Q 12 23.62 -23.46 29.97
CA ARG Q 12 22.83 -22.42 29.33
C ARG Q 12 22.09 -21.53 30.30
N ALA Q 13 21.93 -21.93 31.56
CA ALA Q 13 21.26 -21.09 32.54
C ALA Q 13 22.22 -20.13 33.23
N LEU Q 14 23.33 -19.82 32.58
CA LEU Q 14 24.31 -18.90 33.12
C LEU Q 14 24.46 -17.64 32.29
N VAL Q 15 24.57 -17.78 30.97
CA VAL Q 15 24.65 -16.60 30.12
C VAL Q 15 23.35 -15.81 30.19
N LEU Q 16 22.22 -16.50 30.41
CA LEU Q 16 20.97 -15.79 30.60
C LEU Q 16 21.01 -14.97 31.88
N LEU Q 17 21.51 -15.55 32.96
CA LEU Q 17 21.66 -14.80 34.20
C LEU Q 17 22.60 -13.63 34.02
N PHE Q 18 23.65 -13.79 33.22
CA PHE Q 18 24.57 -12.68 33.02
C PHE Q 18 23.93 -11.55 32.26
N VAL Q 19 23.20 -11.86 31.19
CA VAL Q 19 22.55 -10.77 30.46
C VAL Q 19 21.45 -10.15 31.31
N PHE Q 20 20.81 -10.92 32.18
CA PHE Q 20 19.82 -10.33 33.06
C PHE Q 20 20.46 -9.35 34.04
N LEU Q 21 21.57 -9.75 34.65
CA LEU Q 21 22.25 -8.86 35.57
C LEU Q 21 22.74 -7.60 34.86
N PHE Q 22 23.27 -7.76 33.65
CA PHE Q 22 23.72 -6.59 32.91
C PHE Q 22 22.55 -5.66 32.58
N GLY Q 23 21.43 -6.23 32.16
CA GLY Q 23 20.27 -5.40 31.86
C GLY Q 23 19.75 -4.68 33.09
N LEU Q 24 19.73 -5.35 34.23
CA LEU Q 24 19.27 -4.70 35.45
C LEU Q 24 20.21 -3.59 35.87
N ALA Q 25 21.53 -3.80 35.75
CA ALA Q 25 22.49 -2.75 36.03
C ALA Q 25 22.28 -1.55 35.12
N ILE Q 26 22.04 -1.79 33.84
CA ILE Q 26 21.81 -0.70 32.91
C ILE Q 26 20.54 0.06 33.28
N ILE Q 27 19.48 -0.66 33.65
CA ILE Q 27 18.24 0.00 34.02
C ILE Q 27 18.45 0.91 35.22
N ILE Q 28 19.18 0.41 36.23
CA ILE Q 28 19.36 1.21 37.44
C ILE Q 28 20.23 2.42 37.16
N HIS Q 29 21.25 2.26 36.30
CA HIS Q 29 22.08 3.41 35.96
C HIS Q 29 21.28 4.47 35.22
N PHE Q 30 20.40 4.05 34.30
CA PHE Q 30 19.60 5.01 33.55
C PHE Q 30 18.59 5.70 34.46
N ILE Q 31 18.04 4.96 35.41
CA ILE Q 31 17.14 5.56 36.39
C ILE Q 31 17.88 6.60 37.23
N LEU Q 32 19.13 6.31 37.59
CA LEU Q 32 19.91 7.28 38.35
C LEU Q 32 20.18 8.52 37.52
N LEU Q 33 20.60 8.34 36.26
CA LEU Q 33 20.81 9.47 35.37
C LEU Q 33 19.52 10.27 35.15
N SER Q 34 18.37 9.66 35.37
CA SER Q 34 17.11 10.38 35.27
C SER Q 34 17.00 11.49 36.31
N THR Q 35 17.51 11.25 37.51
CA THR Q 35 17.38 12.20 38.60
C THR Q 35 18.43 13.29 38.48
N SER Q 36 18.31 14.30 39.34
CA SER Q 36 19.30 15.35 39.42
C SER Q 36 20.31 15.14 40.53
N ARG Q 37 19.91 14.53 41.64
CA ARG Q 37 20.84 14.31 42.73
C ARG Q 37 21.89 13.26 42.38
N PHE Q 38 21.50 12.25 41.62
CA PHE Q 38 22.39 11.14 41.31
C PHE Q 38 22.85 11.14 39.87
N ASN Q 39 22.67 12.23 39.14
CA ASN Q 39 23.21 12.34 37.80
C ASN Q 39 24.67 12.78 37.93
N TRP Q 40 25.59 11.83 37.80
CA TRP Q 40 26.99 12.08 38.05
C TRP Q 40 27.73 12.60 36.83
N LEU Q 41 27.02 13.22 35.90
CA LEU Q 41 27.63 13.74 34.68
C LEU Q 41 27.52 15.25 34.58
N ILE R 6 17.43 -35.17 35.48
CA ILE R 6 17.02 -33.95 34.80
C ILE R 6 18.23 -33.05 34.57
N SER R 7 18.23 -32.38 33.41
CA SER R 7 19.25 -31.42 32.96
C SER R 7 20.55 -32.10 32.55
N GLY R 8 20.68 -33.41 32.72
CA GLY R 8 21.95 -34.06 32.43
C GLY R 8 23.06 -33.60 33.37
N LEU R 9 22.74 -33.40 34.64
CA LEU R 9 23.71 -32.90 35.60
C LEU R 9 23.59 -33.73 36.88
N SER R 10 24.66 -34.41 37.24
CA SER R 10 24.68 -35.27 38.41
C SER R 10 24.51 -34.46 39.69
N GLU R 11 24.14 -35.17 40.76
CA GLU R 11 24.09 -34.54 42.08
C GLU R 11 25.48 -34.09 42.52
N ALA R 12 26.49 -34.94 42.26
CA ALA R 12 27.86 -34.55 42.58
C ALA R 12 28.34 -33.43 41.69
N GLU R 13 28.02 -33.49 40.40
CA GLU R 13 28.35 -32.38 39.51
C GLU R 13 27.56 -31.13 39.85
N ALA R 14 26.30 -31.30 40.29
CA ALA R 14 25.53 -30.17 40.78
C ALA R 14 26.25 -29.49 41.94
N LYS R 15 26.72 -30.28 42.90
CA LYS R 15 27.41 -29.71 44.05
C LYS R 15 28.74 -29.06 43.65
N GLU R 16 29.48 -29.69 42.73
CA GLU R 16 30.79 -29.15 42.38
C GLU R 16 30.66 -27.85 41.59
N PHE R 17 29.62 -27.71 40.77
CA PHE R 17 29.39 -26.42 40.14
C PHE R 17 28.86 -25.42 41.16
N HIS R 18 27.97 -25.87 42.04
CA HIS R 18 27.40 -25.02 43.05
C HIS R 18 28.46 -24.39 43.93
N SER R 19 29.58 -25.09 44.15
CA SER R 19 30.67 -24.49 44.92
C SER R 19 31.13 -23.18 44.30
N ILE R 20 31.65 -23.25 43.07
CA ILE R 20 32.17 -22.05 42.43
C ILE R 20 31.06 -21.04 42.19
N PHE R 21 29.84 -21.51 41.95
CA PHE R 21 28.73 -20.59 41.76
C PHE R 21 28.50 -19.75 42.99
N VAL R 22 28.40 -20.39 44.16
CA VAL R 22 28.14 -19.61 45.36
C VAL R 22 29.32 -18.73 45.70
N THR R 23 30.55 -19.17 45.39
CA THR R 23 31.70 -18.31 45.67
C THR R 23 31.64 -17.04 44.84
N SER R 24 31.47 -17.17 43.52
CA SER R 24 31.44 -15.98 42.69
C SER R 24 30.19 -15.14 42.96
N PHE R 25 29.10 -15.77 43.38
CA PHE R 25 27.92 -15.02 43.77
C PHE R 25 28.20 -14.15 44.98
N PHE R 26 28.88 -14.70 45.99
CA PHE R 26 29.18 -13.91 47.17
C PHE R 26 30.25 -12.87 46.91
N LEU R 27 31.17 -13.15 45.99
CA LEU R 27 32.10 -12.11 45.56
C LEU R 27 31.37 -10.95 44.91
N PHE R 28 30.42 -11.26 44.03
CA PHE R 28 29.59 -10.23 43.43
C PHE R 28 28.83 -9.44 44.48
N ILE R 29 28.29 -10.13 45.49
CA ILE R 29 27.53 -9.45 46.53
C ILE R 29 28.43 -8.52 47.34
N VAL R 30 29.66 -8.96 47.63
CA VAL R 30 30.58 -8.12 48.37
C VAL R 30 30.93 -6.87 47.58
N VAL R 31 31.20 -7.05 46.29
CA VAL R 31 31.53 -5.88 45.47
C VAL R 31 30.36 -4.92 45.39
N ALA R 32 29.14 -5.45 45.27
CA ALA R 32 27.97 -4.59 45.23
C ALA R 32 27.78 -3.84 46.54
N VAL R 33 28.01 -4.52 47.66
CA VAL R 33 27.85 -3.87 48.97
C VAL R 33 28.86 -2.77 49.14
N VAL R 34 30.09 -2.98 48.68
CA VAL R 34 31.10 -1.93 48.77
C VAL R 34 30.74 -0.76 47.88
N ALA R 35 30.25 -1.05 46.66
CA ALA R 35 29.82 0.01 45.77
C ALA R 35 28.69 0.83 46.40
N HIS R 36 27.79 0.16 47.13
CA HIS R 36 26.70 0.88 47.76
C HIS R 36 27.18 1.73 48.92
N ILE R 37 28.12 1.22 49.71
CA ILE R 37 28.69 2.04 50.78
C ILE R 37 29.34 3.28 50.20
N LEU R 38 30.09 3.12 49.11
CA LEU R 38 30.68 4.28 48.46
C LEU R 38 29.62 5.24 47.95
N ALA R 39 28.57 4.71 47.31
CA ALA R 39 27.53 5.58 46.79
C ALA R 39 26.82 6.34 47.89
N TRP R 40 26.60 5.68 49.03
CA TRP R 40 25.96 6.36 50.15
C TRP R 40 26.84 7.43 50.74
N MET R 41 28.14 7.14 50.89
CA MET R 41 29.04 8.18 51.38
C MET R 41 29.12 9.34 50.41
N TRP R 42 28.89 9.08 49.12
CA TRP R 42 28.83 10.17 48.16
C TRP R 42 27.57 11.01 48.37
N ARG R 43 26.40 10.40 48.21
CA ARG R 43 25.13 11.09 48.34
C ARG R 43 24.08 10.11 48.86
N PRO R 44 23.62 10.28 50.09
CA PRO R 44 22.61 9.35 50.61
C PRO R 44 21.28 9.51 49.90
N TRP R 45 20.52 8.42 49.86
CA TRP R 45 19.18 8.45 49.33
C TRP R 45 18.20 8.20 50.46
N LEU R 46 16.93 8.07 50.10
CA LEU R 46 15.82 7.94 51.04
C LEU R 46 15.70 9.20 51.89
N PRO R 47 15.37 10.34 51.32
CA PRO R 47 15.24 11.54 52.13
C PRO R 47 13.99 11.51 53.01
N LYS R 48 13.79 12.57 53.79
CA LYS R 48 12.57 12.71 54.57
C LYS R 48 11.50 13.39 53.72
N ALA R 49 10.28 13.39 54.22
CA ALA R 49 9.15 13.89 53.44
C ALA R 49 9.30 15.37 53.07
N THR R 50 10.31 16.05 53.58
CA THR R 50 10.58 17.43 53.24
C THR R 50 11.69 17.58 52.20
N GLY R 51 12.83 16.95 52.43
CA GLY R 51 13.92 17.00 51.49
C GLY R 51 15.20 16.56 52.16
N TYR R 52 16.28 16.63 51.39
CA TYR R 52 17.57 16.23 51.89
C TYR R 52 18.16 17.29 52.82
N TRP S 2 0.39 -29.59 46.12
CA TRP S 2 1.53 -30.17 45.44
C TRP S 2 1.13 -30.73 44.09
N ARG S 3 -0.16 -31.02 43.95
CA ARG S 3 -0.69 -31.58 42.70
C ARG S 3 -0.54 -30.62 41.54
N ILE S 4 -0.30 -29.33 41.80
CA ILE S 4 -0.11 -28.36 40.73
C ILE S 4 1.08 -28.71 39.86
N TRP S 5 2.00 -29.51 40.36
CA TRP S 5 3.17 -29.90 39.58
C TRP S 5 2.95 -31.18 38.79
N LEU S 6 1.78 -31.78 38.91
CA LEU S 6 1.39 -32.80 37.95
C LEU S 6 0.80 -32.20 36.70
N LEU S 7 0.42 -30.92 36.75
CA LEU S 7 -0.12 -30.20 35.62
C LEU S 7 0.93 -29.42 34.86
N PHE S 8 1.75 -28.67 35.57
CA PHE S 8 2.72 -27.76 34.95
C PHE S 8 4.13 -28.24 35.19
N ASP S 9 4.93 -28.28 34.14
CA ASP S 9 6.34 -28.59 34.27
C ASP S 9 7.01 -27.56 35.15
N PRO S 10 7.80 -27.97 36.14
CA PRO S 10 8.34 -26.99 37.09
C PRO S 10 9.39 -26.06 36.51
N ARG S 11 10.22 -26.50 35.56
CA ARG S 11 11.22 -25.60 35.00
C ARG S 11 10.59 -24.39 34.34
N ARG S 12 9.70 -24.63 33.38
CA ARG S 12 9.14 -23.53 32.61
C ARG S 12 8.19 -22.70 33.46
N ALA S 13 7.41 -23.35 34.31
CA ALA S 13 6.53 -22.59 35.21
C ALA S 13 7.35 -21.70 36.12
N LEU S 14 8.48 -22.20 36.62
CA LEU S 14 9.30 -21.42 37.54
C LEU S 14 9.93 -20.23 36.83
N VAL S 15 10.46 -20.45 35.63
CA VAL S 15 11.08 -19.36 34.89
C VAL S 15 10.05 -18.30 34.52
N LEU S 16 8.86 -18.75 34.12
CA LEU S 16 7.82 -17.79 33.76
C LEU S 16 7.33 -17.01 34.98
N LEU S 17 7.22 -17.67 36.13
CA LEU S 17 6.88 -16.98 37.35
C LEU S 17 7.94 -15.95 37.72
N PHE S 18 9.21 -16.28 37.50
CA PHE S 18 10.26 -15.33 37.80
C PHE S 18 10.19 -14.12 36.89
N VAL S 19 9.94 -14.34 35.60
CA VAL S 19 9.79 -13.21 34.68
C VAL S 19 8.62 -12.34 35.09
N PHE S 20 7.49 -12.96 35.45
CA PHE S 20 6.33 -12.21 35.87
C PHE S 20 6.63 -11.38 37.11
N LEU S 21 7.29 -11.99 38.10
CA LEU S 21 7.56 -11.28 39.34
C LEU S 21 8.53 -10.13 39.13
N PHE S 22 9.54 -10.33 38.28
CA PHE S 22 10.47 -9.25 38.00
C PHE S 22 9.77 -8.11 37.28
N GLY S 23 8.89 -8.42 36.34
CA GLY S 23 8.18 -7.36 35.64
C GLY S 23 7.26 -6.59 36.58
N LEU S 24 6.58 -7.29 37.48
CA LEU S 24 5.73 -6.63 38.45
C LEU S 24 6.56 -5.72 39.37
N ALA S 25 7.72 -6.21 39.81
CA ALA S 25 8.57 -5.38 40.66
C ALA S 25 9.07 -4.15 39.91
N ILE S 26 9.44 -4.31 38.64
CA ILE S 26 9.89 -3.17 37.84
C ILE S 26 8.77 -2.14 37.73
N ILE S 27 7.55 -2.60 37.51
CA ILE S 27 6.45 -1.66 37.32
C ILE S 27 6.14 -0.93 38.62
N ILE S 28 6.14 -1.64 39.75
CA ILE S 28 5.82 -0.97 41.01
C ILE S 28 6.92 0.01 41.39
N HIS S 29 8.17 -0.33 41.11
CA HIS S 29 9.26 0.60 41.37
C HIS S 29 9.16 1.84 40.50
N PHE S 30 8.86 1.68 39.21
CA PHE S 30 8.62 2.85 38.37
C PHE S 30 7.48 3.70 38.89
N ILE S 31 6.37 3.06 39.29
CA ILE S 31 5.22 3.83 39.75
C ILE S 31 5.57 4.64 40.99
N LEU S 32 6.28 4.02 41.93
CA LEU S 32 6.71 4.75 43.11
C LEU S 32 7.63 5.91 42.74
N LEU S 33 8.57 5.66 41.84
CA LEU S 33 9.54 6.67 41.44
C LEU S 33 8.92 7.83 40.67
N SER S 34 7.78 7.61 40.02
CA SER S 34 7.12 8.69 39.28
C SER S 34 6.35 9.63 40.19
N THR S 35 5.94 9.19 41.37
CA THR S 35 5.25 10.07 42.29
C THR S 35 6.22 11.06 42.90
N SER S 36 5.66 12.01 43.63
CA SER S 36 6.47 12.97 44.38
C SER S 36 6.75 12.50 45.79
N ARG S 37 5.79 11.83 46.43
CA ARG S 37 5.96 11.45 47.82
C ARG S 37 6.93 10.29 47.95
N PHE S 38 6.92 9.37 47.00
CA PHE S 38 7.71 8.14 47.11
C PHE S 38 8.90 8.14 46.17
N ASN S 39 9.36 9.30 45.76
CA ASN S 39 10.60 9.40 44.99
C ASN S 39 11.74 9.35 45.99
N TRP S 40 12.31 8.18 46.18
CA TRP S 40 13.40 8.00 47.16
C TRP S 40 14.74 8.46 46.63
N LEU S 41 14.81 9.02 45.43
CA LEU S 41 16.06 9.50 44.87
C LEU S 41 16.18 11.01 44.88
N ASP S 42 15.12 11.72 44.52
CA ASP S 42 15.14 13.17 44.52
C ASP S 42 14.26 13.80 45.59
N GLY S 43 13.34 13.06 46.18
CA GLY S 43 12.42 13.63 47.12
C GLY S 43 11.29 14.34 46.43
N PRO S 44 10.48 15.07 47.21
CA PRO S 44 9.31 15.74 46.63
C PRO S 44 9.70 16.85 45.68
N ARG S 45 8.71 17.31 44.91
CA ARG S 45 8.96 18.41 43.98
C ARG S 45 9.21 19.72 44.70
N ALA S 46 8.54 19.93 45.84
CA ALA S 46 8.65 21.14 46.62
C ALA S 46 8.39 22.39 45.77
N SER T 5 1.48 -38.46 34.24
CA SER T 5 0.99 -37.11 34.49
C SER T 5 1.24 -36.22 33.29
N ILE T 6 0.70 -35.01 33.33
CA ILE T 6 0.88 -34.07 32.23
C ILE T 6 2.28 -33.49 32.26
N SER T 7 2.74 -33.02 33.42
CA SER T 7 4.09 -32.48 33.49
C SER T 7 5.15 -33.55 33.37
N GLY T 8 4.80 -34.81 33.64
CA GLY T 8 5.77 -35.86 33.66
C GLY T 8 6.45 -36.07 34.99
N LEU T 9 5.95 -35.45 36.05
CA LEU T 9 6.48 -35.64 37.39
C LEU T 9 5.67 -36.70 38.11
N SER T 10 6.37 -37.68 38.71
CA SER T 10 5.70 -38.57 39.64
C SER T 10 5.33 -37.80 40.89
N GLU T 11 4.30 -38.27 41.59
CA GLU T 11 3.86 -37.55 42.78
C GLU T 11 4.95 -37.44 43.82
N ALA T 12 5.90 -38.38 43.83
CA ALA T 12 7.06 -38.23 44.69
C ALA T 12 7.84 -36.97 44.33
N GLU T 13 8.19 -36.83 43.05
CA GLU T 13 8.93 -35.66 42.62
C GLU T 13 8.10 -34.39 42.74
N ALA T 14 6.80 -34.48 42.50
CA ALA T 14 5.95 -33.30 42.67
C ALA T 14 5.95 -32.83 44.12
N LYS T 15 5.81 -33.75 45.06
CA LYS T 15 5.87 -33.37 46.48
C LYS T 15 7.24 -32.83 46.85
N GLU T 16 8.30 -33.44 46.32
CA GLU T 16 9.64 -32.95 46.62
C GLU T 16 9.84 -31.52 46.12
N PHE T 17 9.40 -31.25 44.89
CA PHE T 17 9.55 -29.90 44.36
C PHE T 17 8.67 -28.93 45.12
N HIS T 18 7.47 -29.35 45.50
CA HIS T 18 6.55 -28.45 46.18
C HIS T 18 7.07 -28.05 47.55
N SER T 19 7.77 -28.95 48.25
CA SER T 19 8.35 -28.57 49.53
C SER T 19 9.32 -27.41 49.37
N ILE T 20 10.28 -27.53 48.46
CA ILE T 20 11.24 -26.47 48.24
C ILE T 20 10.56 -25.23 47.69
N PHE T 21 9.52 -25.40 46.88
CA PHE T 21 8.80 -24.26 46.34
C PHE T 21 8.15 -23.46 47.45
N VAL T 22 7.47 -24.12 48.37
CA VAL T 22 6.80 -23.35 49.43
C VAL T 22 7.82 -22.77 50.38
N THR T 23 8.94 -23.46 50.60
CA THR T 23 9.99 -22.87 51.42
C THR T 23 10.50 -21.57 50.80
N SER T 24 10.77 -21.60 49.50
CA SER T 24 11.27 -20.40 48.82
C SER T 24 10.21 -19.32 48.77
N PHE T 25 8.97 -19.69 48.50
CA PHE T 25 7.90 -18.70 48.46
C PHE T 25 7.74 -18.03 49.81
N PHE T 26 7.88 -18.78 50.90
N PHE T 26 7.89 -18.80 50.89
CA PHE T 26 7.70 -18.19 52.22
CA PHE T 26 7.72 -18.24 52.23
C PHE T 26 8.90 -17.33 52.62
C PHE T 26 8.89 -17.34 52.61
N LEU T 27 10.11 -17.72 52.23
CA LEU T 27 11.24 -16.83 52.46
C LEU T 27 11.07 -15.53 51.68
N PHE T 28 10.62 -15.63 50.43
CA PHE T 28 10.33 -14.45 49.64
C PHE T 28 9.28 -13.57 50.30
N ILE T 29 8.24 -14.19 50.87
CA ILE T 29 7.18 -13.42 51.49
C ILE T 29 7.69 -12.73 52.76
N VAL T 30 8.53 -13.41 53.53
CA VAL T 30 9.06 -12.81 54.75
C VAL T 30 9.96 -11.62 54.41
N VAL T 31 10.80 -11.77 53.38
CA VAL T 31 11.65 -10.65 52.97
C VAL T 31 10.79 -9.49 52.49
N ALA T 32 9.74 -9.79 51.73
CA ALA T 32 8.84 -8.74 51.26
C ALA T 32 8.15 -8.05 52.43
N VAL T 33 7.83 -8.80 53.48
CA VAL T 33 7.15 -8.20 54.63
C VAL T 33 8.08 -7.26 55.37
N VAL T 34 9.34 -7.66 55.60
CA VAL T 34 10.22 -6.73 56.29
C VAL T 34 10.52 -5.53 55.40
N ALA T 35 10.55 -5.72 54.08
CA ALA T 35 10.73 -4.59 53.18
C ALA T 35 9.57 -3.61 53.28
N HIS T 36 8.34 -4.13 53.38
CA HIS T 36 7.20 -3.23 53.48
C HIS T 36 7.15 -2.53 54.82
N ILE T 37 7.57 -3.21 55.89
CA ILE T 37 7.66 -2.53 57.18
C ILE T 37 8.66 -1.39 57.10
N LEU T 38 9.82 -1.64 56.50
CA LEU T 38 10.80 -0.57 56.34
C LEU T 38 10.27 0.57 55.49
N ALA T 39 9.64 0.24 54.37
CA ALA T 39 9.09 1.27 53.50
C ALA T 39 8.05 2.11 54.21
N TRP T 40 7.20 1.47 55.02
CA TRP T 40 6.22 2.23 55.78
C TRP T 40 6.91 3.14 56.79
N MET T 41 7.96 2.64 57.44
CA MET T 41 8.70 3.50 58.35
C MET T 41 9.36 4.67 57.63
N TRP T 42 9.60 4.54 56.33
CA TRP T 42 10.14 5.66 55.56
C TRP T 42 9.05 6.56 55.00
N ARG T 43 8.00 5.98 54.43
CA ARG T 43 6.89 6.75 53.86
C ARG T 43 5.62 5.92 54.01
N PRO T 44 4.76 6.27 54.94
CA PRO T 44 3.46 5.61 55.00
C PRO T 44 2.60 6.02 53.82
N TRP T 45 1.85 5.07 53.29
CA TRP T 45 0.87 5.34 52.26
C TRP T 45 -0.52 5.37 52.88
N LEU T 46 -1.55 5.38 52.03
CA LEU T 46 -2.95 5.40 52.45
C LEU T 46 -3.28 6.66 53.23
N PRO T 47 -3.32 7.82 52.59
CA PRO T 47 -3.61 9.06 53.31
C PRO T 47 -5.05 9.20 53.75
N LYS T 48 -5.35 10.28 54.46
CA LYS T 48 -6.71 10.63 54.78
C LYS T 48 -7.40 11.24 53.56
N ALA T 49 -8.72 11.39 53.64
CA ALA T 49 -9.45 11.97 52.52
C ALA T 49 -9.01 13.40 52.25
N THR T 50 -8.38 14.05 53.22
CA THR T 50 -7.88 15.40 53.05
C THR T 50 -6.43 15.45 52.60
N GLY T 51 -5.72 14.33 52.66
CA GLY T 51 -4.30 14.30 52.37
C GLY T 51 -3.49 13.92 53.61
N TYR T 52 -2.19 13.82 53.42
CA TYR T 52 -1.30 13.46 54.51
C TYR T 52 -1.19 14.59 55.51
N TRP U 2 -28.66 -2.43 -44.74
CA TRP U 2 -28.63 -3.64 -43.93
C TRP U 2 -27.28 -4.33 -44.00
N ARG U 3 -26.49 -3.98 -45.00
CA ARG U 3 -25.18 -4.61 -45.16
C ARG U 3 -24.25 -4.26 -44.01
N ILE U 4 -24.53 -3.20 -43.27
CA ILE U 4 -23.70 -2.85 -42.12
C ILE U 4 -23.70 -3.99 -41.11
N TRP U 5 -24.78 -4.77 -41.05
CA TRP U 5 -24.86 -5.86 -40.11
C TRP U 5 -24.06 -7.07 -40.53
N LEU U 6 -23.44 -7.02 -41.71
CA LEU U 6 -22.41 -7.99 -42.04
C LEU U 6 -21.07 -7.57 -41.46
N LEU U 7 -20.86 -6.27 -41.28
CA LEU U 7 -19.63 -5.75 -40.72
C LEU U 7 -19.65 -5.76 -39.20
N PHE U 8 -20.70 -5.19 -38.62
CA PHE U 8 -20.76 -5.05 -37.18
C PHE U 8 -21.42 -6.26 -36.54
N ASP U 9 -20.89 -6.66 -35.41
CA ASP U 9 -21.56 -7.66 -34.59
C ASP U 9 -22.79 -7.02 -33.98
N PRO U 10 -24.00 -7.50 -34.31
CA PRO U 10 -25.20 -6.85 -33.76
C PRO U 10 -25.23 -6.80 -32.24
N ARG U 11 -24.65 -7.79 -31.56
CA ARG U 11 -24.70 -7.81 -30.11
C ARG U 11 -23.88 -6.68 -29.51
N ARG U 12 -22.60 -6.60 -29.87
CA ARG U 12 -21.77 -5.56 -29.31
C ARG U 12 -22.13 -4.20 -29.87
N ALA U 13 -22.59 -4.14 -31.12
CA ALA U 13 -23.11 -2.88 -31.63
C ALA U 13 -24.28 -2.40 -30.80
N LEU U 14 -25.15 -3.32 -30.40
CA LEU U 14 -26.34 -2.91 -29.67
C LEU U 14 -26.00 -2.50 -28.25
N VAL U 15 -25.05 -3.20 -27.62
CA VAL U 15 -24.69 -2.80 -26.26
C VAL U 15 -23.98 -1.45 -26.27
N LEU U 16 -23.12 -1.21 -27.27
CA LEU U 16 -22.46 0.08 -27.37
C LEU U 16 -23.48 1.17 -27.65
N LEU U 17 -24.45 0.91 -28.53
CA LEU U 17 -25.47 1.90 -28.82
C LEU U 17 -26.27 2.26 -27.59
N PHE U 18 -26.62 1.26 -26.77
CA PHE U 18 -27.42 1.55 -25.59
C PHE U 18 -26.61 2.34 -24.56
N VAL U 19 -25.38 1.91 -24.29
CA VAL U 19 -24.56 2.64 -23.32
C VAL U 19 -24.34 4.06 -23.80
N PHE U 20 -24.04 4.22 -25.10
CA PHE U 20 -23.81 5.54 -25.66
C PHE U 20 -25.03 6.43 -25.53
N LEU U 21 -26.20 5.91 -25.89
CA LEU U 21 -27.41 6.71 -25.82
C LEU U 21 -27.73 7.12 -24.40
N PHE U 22 -27.58 6.20 -23.46
CA PHE U 22 -27.86 6.56 -22.07
C PHE U 22 -26.89 7.61 -21.57
N GLY U 23 -25.62 7.49 -21.94
CA GLY U 23 -24.64 8.48 -21.52
C GLY U 23 -24.92 9.85 -22.11
N LEU U 24 -25.30 9.88 -23.38
CA LEU U 24 -25.65 11.16 -24.02
C LEU U 24 -26.86 11.79 -23.34
N ALA U 25 -27.88 10.98 -23.04
CA ALA U 25 -29.06 11.53 -22.38
C ALA U 25 -28.72 12.08 -21.00
N ILE U 26 -27.88 11.36 -20.25
CA ILE U 26 -27.48 11.82 -18.93
C ILE U 26 -26.71 13.14 -19.05
N ILE U 27 -25.80 13.23 -20.02
CA ILE U 27 -25.02 14.45 -20.20
C ILE U 27 -25.93 15.63 -20.51
N ILE U 28 -26.86 15.44 -21.44
CA ILE U 28 -27.73 16.55 -21.84
C ILE U 28 -28.64 16.96 -20.68
N HIS U 29 -29.20 15.99 -19.96
CA HIS U 29 -30.06 16.34 -18.83
C HIS U 29 -29.29 17.09 -17.76
N PHE U 30 -28.04 16.68 -17.50
CA PHE U 30 -27.22 17.38 -16.53
C PHE U 30 -26.93 18.80 -16.98
N ILE U 31 -26.60 18.98 -18.27
CA ILE U 31 -26.31 20.32 -18.77
C ILE U 31 -27.52 21.22 -18.64
N LEU U 32 -28.71 20.71 -18.99
CA LEU U 32 -29.91 21.51 -18.89
C LEU U 32 -30.26 21.80 -17.43
N LEU U 33 -30.07 20.83 -16.55
CA LEU U 33 -30.44 21.01 -15.16
C LEU U 33 -29.47 21.92 -14.43
N SER U 34 -28.26 22.10 -14.95
CA SER U 34 -27.31 23.01 -14.35
C SER U 34 -27.51 24.45 -14.81
N THR U 35 -28.19 24.68 -15.91
CA THR U 35 -28.43 26.03 -16.36
C THR U 35 -29.62 26.63 -15.62
N SER U 36 -29.90 27.90 -15.87
CA SER U 36 -30.98 28.56 -15.17
C SER U 36 -32.28 28.57 -15.97
N ARG U 37 -32.21 28.80 -17.28
CA ARG U 37 -33.42 28.84 -18.08
C ARG U 37 -34.12 27.49 -18.15
N PHE U 38 -33.33 26.42 -18.21
CA PHE U 38 -33.89 25.10 -18.50
C PHE U 38 -33.85 24.17 -17.29
N ASN U 39 -33.68 24.72 -16.10
CA ASN U 39 -33.80 23.93 -14.89
C ASN U 39 -35.28 23.79 -14.57
N TRP U 40 -35.80 22.58 -14.69
CA TRP U 40 -37.23 22.33 -14.50
C TRP U 40 -37.58 22.00 -13.05
N LEU U 41 -36.59 21.93 -12.17
CA LEU U 41 -36.79 21.72 -10.74
C LEU U 41 -36.29 22.95 -10.03
N ASP U 42 -37.19 23.71 -9.42
CA ASP U 42 -36.97 25.00 -8.77
C ASP U 42 -36.87 26.14 -9.78
N GLY U 43 -36.86 25.86 -11.07
CA GLY U 43 -36.96 26.90 -12.07
C GLY U 43 -35.77 27.81 -12.12
N PRO U 44 -35.96 29.00 -12.69
CA PRO U 44 -34.84 29.93 -12.87
C PRO U 44 -34.30 30.44 -11.54
N ARG U 45 -33.10 31.02 -11.62
CA ARG U 45 -32.47 31.61 -10.45
C ARG U 45 -33.01 33.03 -10.25
N ALA U 46 -32.53 33.68 -9.19
CA ALA U 46 -32.90 35.04 -8.84
C ALA U 46 -34.41 35.17 -8.65
N SER V 5 -14.68 -7.63 -42.86
CA SER V 5 -14.68 -8.46 -41.66
C SER V 5 -16.07 -9.01 -41.38
N ILE V 6 -16.45 -10.07 -42.11
CA ILE V 6 -17.76 -10.67 -41.89
C ILE V 6 -17.83 -11.21 -40.46
N SER V 7 -18.99 -11.04 -39.84
CA SER V 7 -19.19 -11.46 -38.46
C SER V 7 -20.69 -11.66 -38.27
N GLY V 8 -21.12 -12.90 -38.27
CA GLY V 8 -22.52 -13.25 -38.20
C GLY V 8 -23.04 -13.72 -39.53
N LEU V 9 -24.31 -14.13 -39.52
CA LEU V 9 -24.94 -14.68 -40.70
C LEU V 9 -25.14 -13.58 -41.74
N SER V 10 -25.73 -13.95 -42.88
CA SER V 10 -25.91 -13.02 -43.99
C SER V 10 -27.33 -13.17 -44.52
N GLU V 11 -28.13 -12.12 -44.31
CA GLU V 11 -29.52 -12.04 -44.78
C GLU V 11 -30.38 -13.16 -44.19
N ALA V 12 -29.78 -14.02 -43.37
CA ALA V 12 -30.55 -14.90 -42.52
C ALA V 12 -30.90 -14.22 -41.21
N GLU V 13 -30.08 -13.27 -40.80
CA GLU V 13 -30.36 -12.44 -39.64
C GLU V 13 -30.22 -10.97 -40.01
N ALA V 14 -29.26 -10.67 -40.90
CA ALA V 14 -28.91 -9.28 -41.17
C ALA V 14 -30.10 -8.48 -41.66
N LYS V 15 -30.95 -9.08 -42.49
CA LYS V 15 -32.09 -8.32 -43.01
C LYS V 15 -33.19 -8.20 -41.96
N GLU V 16 -33.50 -9.26 -41.23
CA GLU V 16 -34.52 -9.15 -40.20
C GLU V 16 -34.00 -8.35 -39.02
N PHE V 17 -32.73 -8.52 -38.67
CA PHE V 17 -32.15 -7.64 -37.65
C PHE V 17 -32.23 -6.20 -38.08
N HIS V 18 -31.93 -5.92 -39.36
CA HIS V 18 -32.01 -4.54 -39.82
C HIS V 18 -33.44 -4.02 -39.79
N SER V 19 -34.41 -4.88 -40.07
CA SER V 19 -35.81 -4.46 -40.00
C SER V 19 -36.18 -4.05 -38.58
N ILE V 20 -35.88 -4.91 -37.61
CA ILE V 20 -36.19 -4.62 -36.22
C ILE V 20 -35.42 -3.39 -35.76
N PHE V 21 -34.14 -3.29 -36.13
CA PHE V 21 -33.33 -2.17 -35.72
C PHE V 21 -33.87 -0.87 -36.27
N VAL V 22 -34.29 -0.87 -37.53
CA VAL V 22 -34.82 0.35 -38.13
C VAL V 22 -36.13 0.75 -37.47
N THR V 23 -37.02 -0.21 -37.23
CA THR V 23 -38.29 0.19 -36.62
C THR V 23 -38.08 0.68 -35.19
N SER V 24 -37.14 0.09 -34.46
CA SER V 24 -36.86 0.57 -33.11
C SER V 24 -36.23 1.95 -33.13
N PHE V 25 -35.25 2.16 -34.00
CA PHE V 25 -34.63 3.46 -34.15
C PHE V 25 -35.67 4.51 -34.51
N PHE V 26 -36.63 4.15 -35.35
N PHE V 26 -36.64 4.16 -35.33
CA PHE V 26 -37.66 5.08 -35.77
CA PHE V 26 -37.64 5.14 -35.74
C PHE V 26 -38.61 5.42 -34.63
C PHE V 26 -38.63 5.43 -34.62
N LEU V 27 -39.01 4.42 -33.84
CA LEU V 27 -39.83 4.69 -32.67
C LEU V 27 -39.11 5.63 -31.72
N PHE V 28 -37.82 5.38 -31.50
CA PHE V 28 -37.01 6.25 -30.66
C PHE V 28 -36.99 7.68 -31.19
N ILE V 29 -36.75 7.83 -32.49
CA ILE V 29 -36.66 9.17 -33.08
C ILE V 29 -38.00 9.89 -32.97
N VAL V 30 -39.10 9.17 -33.16
CA VAL V 30 -40.41 9.79 -33.11
C VAL V 30 -40.72 10.28 -31.70
N VAL V 31 -40.46 9.43 -30.70
CA VAL V 31 -40.67 9.85 -29.31
C VAL V 31 -39.81 11.07 -29.00
N ALA V 32 -38.56 11.07 -29.47
CA ALA V 32 -37.69 12.21 -29.23
C ALA V 32 -38.20 13.48 -29.90
N VAL V 33 -38.76 13.36 -31.10
CA VAL V 33 -39.27 14.54 -31.80
C VAL V 33 -40.47 15.11 -31.05
N VAL V 34 -41.35 14.25 -30.54
CA VAL V 34 -42.46 14.75 -29.73
C VAL V 34 -41.93 15.43 -28.46
N ALA V 35 -40.94 14.81 -27.83
CA ALA V 35 -40.34 15.40 -26.64
C ALA V 35 -39.77 16.78 -26.93
N HIS V 36 -39.12 16.96 -28.07
CA HIS V 36 -38.54 18.26 -28.40
C HIS V 36 -39.59 19.29 -28.76
N ILE V 37 -40.67 18.86 -29.43
CA ILE V 37 -41.77 19.79 -29.68
C ILE V 37 -42.32 20.30 -28.36
N LEU V 38 -42.53 19.39 -27.40
CA LEU V 38 -43.04 19.79 -26.09
C LEU V 38 -42.05 20.67 -25.36
N ALA V 39 -40.75 20.40 -25.50
CA ALA V 39 -39.75 21.20 -24.83
C ALA V 39 -39.66 22.60 -25.43
N TRP V 40 -39.88 22.73 -26.74
CA TRP V 40 -39.91 24.05 -27.34
C TRP V 40 -41.17 24.81 -26.93
N MET V 41 -42.29 24.10 -26.78
CA MET V 41 -43.46 24.78 -26.25
C MET V 41 -43.26 25.19 -24.79
N TRP V 42 -42.42 24.48 -24.06
CA TRP V 42 -42.13 24.88 -22.68
C TRP V 42 -41.12 26.01 -22.64
N ARG V 43 -39.95 25.81 -23.25
CA ARG V 43 -38.89 26.80 -23.27
C ARG V 43 -38.17 26.81 -24.60
N PRO V 44 -38.35 27.83 -25.42
CA PRO V 44 -37.55 27.93 -26.63
C PRO V 44 -36.09 28.13 -26.29
N TRP V 45 -35.23 27.67 -27.18
CA TRP V 45 -33.80 27.95 -27.08
C TRP V 45 -33.39 28.74 -28.31
N LEU V 46 -32.08 28.91 -28.49
CA LEU V 46 -31.53 29.73 -29.56
C LEU V 46 -31.99 31.17 -29.43
N PRO V 47 -31.51 31.91 -28.44
CA PRO V 47 -31.94 33.29 -28.26
C PRO V 47 -31.28 34.23 -29.27
N LYS V 48 -31.76 35.47 -29.27
CA LYS V 48 -31.11 36.51 -30.03
C LYS V 48 -29.73 36.82 -29.44
N ALA V 49 -28.93 37.57 -30.20
CA ALA V 49 -27.61 37.94 -29.73
C ALA V 49 -27.65 38.81 -28.49
N THR V 50 -28.81 39.27 -28.08
CA THR V 50 -28.97 40.06 -26.87
C THR V 50 -29.64 39.28 -25.74
N GLY V 51 -30.05 38.05 -25.99
CA GLY V 51 -30.74 37.25 -25.01
C GLY V 51 -32.19 37.03 -25.36
N TYR V 52 -32.97 36.67 -24.35
CA TYR V 52 -34.38 36.43 -24.55
C TYR V 52 -35.18 37.67 -24.18
N TRP W 2 -38.53 -10.38 -29.46
CA TRP W 2 -38.24 -11.41 -28.50
C TRP W 2 -36.86 -11.96 -28.78
N ARG W 3 -36.38 -11.69 -30.00
CA ARG W 3 -35.08 -12.19 -30.42
C ARG W 3 -33.93 -11.54 -29.68
N ILE W 4 -34.19 -10.44 -28.97
CA ILE W 4 -33.13 -9.77 -28.21
C ILE W 4 -32.50 -10.71 -27.20
N TRP W 5 -33.29 -11.63 -26.66
CA TRP W 5 -32.78 -12.56 -25.68
C TRP W 5 -31.95 -13.67 -26.30
N LEU W 6 -32.00 -13.81 -27.62
CA LEU W 6 -31.00 -14.65 -28.28
C LEU W 6 -29.63 -14.02 -28.18
N LEU W 7 -29.55 -12.70 -28.06
CA LEU W 7 -28.26 -12.02 -27.97
C LEU W 7 -27.72 -11.98 -26.54
N PHE W 8 -28.57 -11.63 -25.58
CA PHE W 8 -28.12 -11.34 -24.23
C PHE W 8 -28.59 -12.39 -23.25
N ASP W 9 -27.78 -12.62 -22.24
CA ASP W 9 -28.09 -13.53 -21.14
C ASP W 9 -29.19 -12.93 -20.28
N PRO W 10 -30.39 -13.50 -20.26
CA PRO W 10 -31.47 -12.90 -19.45
C PRO W 10 -31.12 -12.74 -17.98
N ARG W 11 -30.23 -13.57 -17.45
CA ARG W 11 -29.87 -13.43 -16.04
C ARG W 11 -29.00 -12.20 -15.82
N ARG W 12 -27.93 -12.07 -16.62
CA ARG W 12 -27.12 -10.86 -16.57
C ARG W 12 -27.95 -9.64 -16.94
N ALA W 13 -28.79 -9.76 -17.97
CA ALA W 13 -29.63 -8.65 -18.37
C ALA W 13 -30.52 -8.21 -17.21
N LEU W 14 -31.10 -9.15 -16.48
CA LEU W 14 -32.00 -8.79 -15.40
C LEU W 14 -31.24 -8.17 -14.24
N VAL W 15 -30.08 -8.71 -13.89
CA VAL W 15 -29.35 -8.14 -12.75
C VAL W 15 -28.83 -6.75 -13.08
N LEU W 16 -28.37 -6.55 -14.31
CA LEU W 16 -27.87 -5.23 -14.71
C LEU W 16 -29.01 -4.24 -14.82
N LEU W 17 -30.16 -4.67 -15.37
CA LEU W 17 -31.31 -3.81 -15.43
C LEU W 17 -31.78 -3.41 -14.04
N PHE W 18 -31.78 -4.36 -13.10
CA PHE W 18 -32.25 -4.04 -11.76
C PHE W 18 -31.31 -3.06 -11.07
N VAL W 19 -30.00 -3.25 -11.20
CA VAL W 19 -29.11 -2.32 -10.53
C VAL W 19 -29.17 -0.95 -11.20
N PHE W 20 -29.32 -0.91 -12.52
CA PHE W 20 -29.44 0.37 -13.21
C PHE W 20 -30.72 1.09 -12.82
N LEU W 21 -31.84 0.38 -12.76
CA LEU W 21 -33.10 1.01 -12.41
C LEU W 21 -33.09 1.50 -10.97
N PHE W 22 -32.54 0.71 -10.05
CA PHE W 22 -32.50 1.15 -8.67
C PHE W 22 -31.58 2.35 -8.49
N GLY W 23 -30.43 2.35 -9.17
CA GLY W 23 -29.55 3.50 -9.09
C GLY W 23 -30.19 4.76 -9.65
N LEU W 24 -30.85 4.63 -10.80
CA LEU W 24 -31.55 5.78 -11.38
C LEU W 24 -32.63 6.30 -10.45
N ALA W 25 -33.41 5.40 -9.86
CA ALA W 25 -34.49 5.84 -8.97
C ALA W 25 -33.93 6.52 -7.73
N ILE W 26 -32.87 5.96 -7.14
CA ILE W 26 -32.30 6.55 -5.94
C ILE W 26 -31.69 7.91 -6.23
N ILE W 27 -31.09 8.07 -7.41
CA ILE W 27 -30.51 9.35 -7.76
C ILE W 27 -31.59 10.39 -8.00
N ILE W 28 -32.68 10.01 -8.69
CA ILE W 28 -33.76 10.97 -8.90
C ILE W 28 -34.37 11.38 -7.58
N HIS W 29 -34.58 10.42 -6.67
CA HIS W 29 -35.14 10.75 -5.36
C HIS W 29 -34.24 11.70 -4.60
N PHE W 30 -32.93 11.48 -4.61
CA PHE W 30 -32.02 12.37 -3.89
C PHE W 30 -31.97 13.75 -4.53
N ILE W 31 -32.05 13.83 -5.86
CA ILE W 31 -32.11 15.14 -6.50
C ILE W 31 -33.35 15.89 -6.04
N LEU W 32 -34.51 15.21 -6.05
CA LEU W 32 -35.75 15.86 -5.64
C LEU W 32 -35.73 16.22 -4.16
N LEU W 33 -35.04 15.45 -3.34
CA LEU W 33 -34.98 15.76 -1.92
C LEU W 33 -34.03 16.91 -1.64
N SER W 34 -33.00 17.08 -2.46
CA SER W 34 -32.07 18.19 -2.26
C SER W 34 -32.61 19.51 -2.79
N THR W 35 -33.65 19.49 -3.59
CA THR W 35 -34.25 20.71 -4.09
C THR W 35 -35.28 21.23 -3.11
N SER W 36 -35.63 22.51 -3.26
CA SER W 36 -36.55 23.14 -2.33
C SER W 36 -37.99 22.80 -2.64
N ARG W 37 -38.36 22.84 -3.92
CA ARG W 37 -39.77 22.76 -4.27
C ARG W 37 -40.31 21.34 -4.11
N PHE W 38 -39.50 20.33 -4.44
CA PHE W 38 -39.98 18.96 -4.45
C PHE W 38 -39.52 18.17 -3.24
N ASN W 39 -39.08 18.85 -2.20
CA ASN W 39 -38.76 18.21 -0.94
C ASN W 39 -40.06 17.89 -0.21
N TRP W 40 -40.44 16.63 -0.20
CA TRP W 40 -41.72 16.22 0.36
C TRP W 40 -41.67 16.00 1.86
N LEU W 41 -40.51 16.14 2.48
CA LEU W 41 -40.41 15.86 3.91
C LEU W 41 -40.57 17.12 4.75
N ASP W 42 -39.64 18.06 4.63
CA ASP W 42 -39.70 19.25 5.45
C ASP W 42 -40.43 20.40 4.79
N GLY W 43 -40.56 20.41 3.48
CA GLY W 43 -41.27 21.46 2.80
C GLY W 43 -40.34 22.35 2.01
N PRO W 44 -40.88 23.46 1.53
CA PRO W 44 -40.17 24.26 0.52
C PRO W 44 -39.16 25.25 1.09
N ARG W 45 -38.32 24.81 2.02
CA ARG W 45 -37.13 25.54 2.44
C ARG W 45 -37.43 26.99 2.77
N ALA W 46 -38.24 27.17 3.82
CA ALA W 46 -38.63 28.49 4.31
C ALA W 46 -39.28 29.33 3.22
N SER X 5 -28.70 -19.28 -28.87
CA SER X 5 -27.47 -19.18 -29.63
C SER X 5 -26.37 -18.49 -28.83
N ILE X 6 -26.14 -17.21 -29.12
CA ILE X 6 -25.11 -16.45 -28.41
C ILE X 6 -25.42 -16.43 -26.92
N SER X 7 -26.68 -16.17 -26.56
CA SER X 7 -27.07 -16.21 -25.16
C SER X 7 -27.02 -17.63 -24.61
N GLY X 8 -27.75 -18.52 -25.26
CA GLY X 8 -27.85 -19.90 -24.79
C GLY X 8 -29.29 -20.37 -24.82
N LEU X 9 -30.20 -19.44 -25.04
CA LEU X 9 -31.61 -19.75 -25.14
C LEU X 9 -31.98 -20.05 -26.59
N SER X 10 -32.95 -20.93 -26.76
CA SER X 10 -33.55 -21.16 -28.07
C SER X 10 -34.85 -20.37 -28.14
N GLU X 11 -35.43 -20.34 -29.35
CA GLU X 11 -36.56 -19.47 -29.60
C GLU X 11 -37.72 -19.71 -28.65
N ALA X 12 -37.90 -20.95 -28.19
CA ALA X 12 -39.02 -21.24 -27.30
C ALA X 12 -38.86 -20.53 -25.96
N GLU X 13 -37.76 -20.81 -25.25
CA GLU X 13 -37.56 -20.18 -23.96
C GLU X 13 -37.29 -18.69 -24.12
N ALA X 14 -36.70 -18.27 -25.24
CA ALA X 14 -36.56 -16.85 -25.50
C ALA X 14 -37.92 -16.16 -25.56
N LYS X 15 -38.87 -16.76 -26.30
CA LYS X 15 -40.19 -16.17 -26.40
C LYS X 15 -40.91 -16.18 -25.06
N GLU X 16 -40.78 -17.26 -24.30
CA GLU X 16 -41.51 -17.32 -23.05
C GLU X 16 -40.87 -16.46 -21.96
N PHE X 17 -39.58 -16.16 -22.08
CA PHE X 17 -38.99 -15.15 -21.21
C PHE X 17 -39.43 -13.76 -21.64
N HIS X 18 -39.53 -13.53 -22.95
CA HIS X 18 -39.87 -12.21 -23.43
C HIS X 18 -41.30 -11.84 -23.10
N SER X 19 -42.21 -12.82 -23.10
CA SER X 19 -43.59 -12.52 -22.72
C SER X 19 -43.67 -12.06 -21.26
N ILE X 20 -42.99 -12.79 -20.36
CA ILE X 20 -42.98 -12.41 -18.95
C ILE X 20 -42.29 -11.06 -18.77
N PHE X 21 -41.19 -10.85 -19.49
CA PHE X 21 -40.49 -9.57 -19.42
C PHE X 21 -41.41 -8.43 -19.82
N VAL X 22 -42.12 -8.60 -20.93
CA VAL X 22 -42.98 -7.54 -21.43
C VAL X 22 -44.08 -7.25 -20.43
N THR X 23 -44.72 -8.28 -19.89
CA THR X 23 -45.81 -8.06 -18.96
C THR X 23 -45.33 -7.35 -17.70
N SER X 24 -44.22 -7.79 -17.14
CA SER X 24 -43.73 -7.20 -15.91
C SER X 24 -43.22 -5.78 -16.13
N PHE X 25 -42.49 -5.55 -17.21
CA PHE X 25 -42.08 -4.20 -17.57
C PHE X 25 -43.29 -3.29 -17.75
N PHE X 26 -44.37 -3.82 -18.30
N PHE X 26 -44.37 -3.82 -18.30
CA PHE X 26 -45.56 -3.02 -18.54
CA PHE X 26 -45.55 -3.00 -18.54
C PHE X 26 -46.27 -2.66 -17.24
C PHE X 26 -46.26 -2.64 -17.23
N LEU X 27 -46.38 -3.61 -16.31
CA LEU X 27 -46.99 -3.26 -15.03
C LEU X 27 -46.13 -2.25 -14.29
N PHE X 28 -44.81 -2.40 -14.41
CA PHE X 28 -43.91 -1.39 -13.87
C PHE X 28 -44.18 -0.01 -14.47
N ILE X 29 -44.38 0.05 -15.79
CA ILE X 29 -44.58 1.33 -16.44
C ILE X 29 -45.92 1.95 -16.05
N VAL X 30 -46.96 1.14 -15.88
CA VAL X 30 -48.24 1.73 -15.50
C VAL X 30 -48.21 2.21 -14.05
N VAL X 31 -47.48 1.50 -13.18
CA VAL X 31 -47.33 1.99 -11.82
C VAL X 31 -46.55 3.30 -11.82
N ALA X 32 -45.52 3.41 -12.67
CA ALA X 32 -44.77 4.65 -12.75
C ALA X 32 -45.61 5.78 -13.31
N VAL X 33 -46.50 5.48 -14.26
CA VAL X 33 -47.39 6.50 -14.81
C VAL X 33 -48.34 7.01 -13.74
N VAL X 34 -48.92 6.11 -12.96
CA VAL X 34 -49.77 6.54 -11.85
C VAL X 34 -48.97 7.40 -10.89
N ALA X 35 -47.75 6.98 -10.58
CA ALA X 35 -46.87 7.75 -9.69
C ALA X 35 -46.67 9.16 -10.21
N HIS X 36 -46.40 9.30 -11.51
CA HIS X 36 -46.13 10.62 -12.07
C HIS X 36 -47.37 11.49 -12.13
N ILE X 37 -48.54 10.89 -12.38
CA ILE X 37 -49.76 11.69 -12.34
C ILE X 37 -50.01 12.22 -10.93
N LEU X 38 -49.78 11.37 -9.92
CA LEU X 38 -49.95 11.83 -8.56
C LEU X 38 -48.93 12.90 -8.20
N ALA X 39 -47.68 12.73 -8.67
CA ALA X 39 -46.66 13.74 -8.41
C ALA X 39 -47.00 15.06 -9.07
N TRP X 40 -47.56 15.02 -10.27
CA TRP X 40 -47.95 16.26 -10.94
C TRP X 40 -49.10 16.92 -10.21
N MET X 41 -50.03 16.13 -9.69
CA MET X 41 -51.09 16.74 -8.89
C MET X 41 -50.54 17.33 -7.61
N TRP X 42 -49.43 16.78 -7.10
CA TRP X 42 -48.83 17.35 -5.90
C TRP X 42 -47.94 18.54 -6.24
N ARG X 43 -47.02 18.39 -7.19
CA ARG X 43 -46.11 19.46 -7.59
C ARG X 43 -45.90 19.40 -9.09
N PRO X 44 -46.51 20.29 -9.85
CA PRO X 44 -46.19 20.38 -11.27
C PRO X 44 -44.77 20.89 -11.46
N TRP X 45 -44.01 20.20 -12.29
CA TRP X 45 -42.73 20.73 -12.73
C TRP X 45 -42.97 21.52 -14.01
N LEU X 46 -41.90 21.88 -14.71
CA LEU X 46 -41.99 22.72 -15.90
C LEU X 46 -42.59 24.09 -15.59
N PRO X 47 -41.86 24.95 -14.89
CA PRO X 47 -42.39 26.28 -14.58
C PRO X 47 -42.39 27.20 -15.79
N LYS X 48 -42.98 28.37 -15.60
CA LYS X 48 -42.91 29.44 -16.57
C LYS X 48 -41.53 30.09 -16.54
N ALA X 49 -41.17 30.72 -17.67
CA ALA X 49 -39.86 31.36 -17.77
C ALA X 49 -39.65 32.42 -16.69
N THR X 50 -40.72 32.97 -16.14
CA THR X 50 -40.60 33.93 -15.04
C THR X 50 -40.37 33.24 -13.71
N GLY X 51 -40.82 32.02 -13.56
CA GLY X 51 -40.72 31.28 -12.33
C GLY X 51 -41.92 30.36 -12.17
N TYR X 52 -42.36 30.21 -10.93
CA TYR X 52 -43.55 29.41 -10.65
C TYR X 52 -44.72 30.30 -10.29
N TRP Y 2 -42.77 -17.54 -11.38
CA TRP Y 2 -42.01 -18.50 -10.59
C TRP Y 2 -40.74 -18.94 -11.29
N ARG Y 3 -40.69 -18.73 -12.60
CA ARG Y 3 -39.51 -19.12 -13.36
C ARG Y 3 -38.30 -18.28 -13.04
N ILE Y 4 -38.47 -17.16 -12.31
CA ILE Y 4 -37.33 -16.36 -11.89
C ILE Y 4 -36.36 -17.19 -11.07
N TRP Y 5 -36.88 -18.13 -10.29
CA TRP Y 5 -36.04 -18.98 -9.45
C TRP Y 5 -35.35 -20.08 -10.24
N LEU Y 6 -35.53 -20.10 -11.55
CA LEU Y 6 -34.67 -20.90 -12.41
C LEU Y 6 -33.44 -20.13 -12.86
N LEU Y 7 -33.40 -18.82 -12.62
CA LEU Y 7 -32.27 -17.98 -12.98
C LEU Y 7 -31.38 -17.67 -11.79
N PHE Y 8 -31.95 -17.29 -10.66
CA PHE Y 8 -31.20 -16.96 -9.47
C PHE Y 8 -31.50 -17.98 -8.39
N ASP Y 9 -30.45 -18.49 -7.76
CA ASP Y 9 -30.65 -19.46 -6.69
C ASP Y 9 -31.33 -18.76 -5.52
N PRO Y 10 -32.39 -19.33 -4.97
CA PRO Y 10 -33.14 -18.63 -3.91
C PRO Y 10 -32.32 -18.24 -2.70
N ARG Y 11 -31.22 -18.94 -2.44
CA ARG Y 11 -30.43 -18.63 -1.25
C ARG Y 11 -29.73 -17.28 -1.38
N ARG Y 12 -28.97 -17.10 -2.46
CA ARG Y 12 -28.33 -15.81 -2.71
C ARG Y 12 -29.37 -14.71 -2.89
N ALA Y 13 -30.40 -15.00 -3.68
CA ALA Y 13 -31.45 -14.01 -3.88
C ALA Y 13 -32.02 -13.55 -2.56
N LEU Y 14 -32.23 -14.48 -1.63
CA LEU Y 14 -32.87 -14.13 -0.38
C LEU Y 14 -31.94 -13.36 0.54
N VAL Y 15 -30.66 -13.74 0.59
CA VAL Y 15 -29.76 -13.00 1.47
C VAL Y 15 -29.51 -11.59 0.93
N LEU Y 16 -29.39 -11.46 -0.40
CA LEU Y 16 -29.22 -10.13 -0.97
C LEU Y 16 -30.48 -9.30 -0.81
N LEU Y 17 -31.65 -9.91 -0.93
CA LEU Y 17 -32.88 -9.18 -0.69
C LEU Y 17 -32.97 -8.70 0.74
N PHE Y 18 -32.57 -9.54 1.69
CA PHE Y 18 -32.67 -9.16 3.08
C PHE Y 18 -31.70 -8.03 3.40
N VAL Y 19 -30.45 -8.14 2.94
CA VAL Y 19 -29.50 -7.08 3.24
C VAL Y 19 -29.91 -5.78 2.56
N PHE Y 20 -30.46 -5.88 1.34
CA PHE Y 20 -30.91 -4.67 0.65
C PHE Y 20 -32.08 -4.02 1.37
N LEU Y 21 -33.06 -4.82 1.80
CA LEU Y 21 -34.22 -4.26 2.49
C LEU Y 21 -33.83 -3.66 3.82
N PHE Y 22 -32.92 -4.31 4.55
CA PHE Y 22 -32.52 -3.75 5.83
C PHE Y 22 -31.72 -2.48 5.65
N GLY Y 23 -30.84 -2.44 4.65
CA GLY Y 23 -30.13 -1.21 4.35
C GLY Y 23 -31.06 -0.08 3.98
N LEU Y 24 -32.06 -0.37 3.14
CA LEU Y 24 -33.03 0.65 2.75
C LEU Y 24 -33.82 1.16 3.96
N ALA Y 25 -34.26 0.24 4.82
CA ALA Y 25 -35.01 0.64 6.00
C ALA Y 25 -34.17 1.51 6.94
N ILE Y 26 -32.92 1.13 7.15
CA ILE Y 26 -32.02 1.94 7.98
C ILE Y 26 -31.85 3.32 7.37
N ILE Y 27 -31.62 3.39 6.07
CA ILE Y 27 -31.41 4.67 5.40
C ILE Y 27 -32.63 5.56 5.58
N ILE Y 28 -33.82 5.02 5.32
CA ILE Y 28 -35.02 5.83 5.41
C ILE Y 28 -35.26 6.31 6.84
N HIS Y 29 -35.04 5.43 7.82
CA HIS Y 29 -35.21 5.83 9.21
C HIS Y 29 -34.28 6.98 9.57
N PHE Y 30 -33.02 6.90 9.15
CA PHE Y 30 -32.09 7.98 9.49
C PHE Y 30 -32.42 9.26 8.73
N ILE Y 31 -32.88 9.14 7.48
CA ILE Y 31 -33.31 10.33 6.73
C ILE Y 31 -34.43 11.04 7.47
N LEU Y 32 -35.43 10.27 7.93
CA LEU Y 32 -36.51 10.88 8.71
C LEU Y 32 -35.99 11.48 10.00
N LEU Y 33 -35.08 10.78 10.67
CA LEU Y 33 -34.54 11.25 11.94
C LEU Y 33 -33.77 12.55 11.78
N SER Y 34 -33.19 12.78 10.60
CA SER Y 34 -32.44 14.01 10.37
C SER Y 34 -33.35 15.22 10.17
N THR Y 35 -34.60 15.02 9.80
CA THR Y 35 -35.50 16.14 9.60
C THR Y 35 -35.99 16.68 10.94
N SER Y 36 -36.64 17.84 10.87
CA SER Y 36 -37.31 18.38 12.04
C SER Y 36 -38.72 17.85 12.17
N ARG Y 37 -39.45 17.81 11.05
CA ARG Y 37 -40.86 17.45 11.11
C ARG Y 37 -41.04 15.98 11.48
N PHE Y 38 -40.20 15.11 10.95
CA PHE Y 38 -40.40 13.67 11.10
C PHE Y 38 -39.47 13.04 12.11
N ASN Y 39 -38.79 13.82 12.93
CA ASN Y 39 -37.98 13.29 14.02
C ASN Y 39 -38.92 12.91 15.15
N TRP Y 40 -39.03 11.62 15.42
CA TRP Y 40 -39.95 11.15 16.45
C TRP Y 40 -39.31 11.04 17.83
N LEU Y 41 -37.99 11.25 17.93
CA LEU Y 41 -37.33 11.08 19.21
C LEU Y 41 -37.20 12.40 19.97
N ASP Y 42 -36.49 13.37 19.40
CA ASP Y 42 -36.37 14.67 20.05
C ASP Y 42 -37.41 15.65 19.55
N GLY Y 43 -38.12 15.33 18.49
CA GLY Y 43 -39.19 16.18 18.01
C GLY Y 43 -38.68 17.31 17.16
N PRO Y 44 -39.57 18.22 16.79
CA PRO Y 44 -39.21 19.28 15.85
C PRO Y 44 -38.35 20.37 16.46
N ARG Y 45 -38.08 21.39 15.65
CA ARG Y 45 -37.34 22.58 16.07
C ARG Y 45 -35.93 22.21 16.54
N ALA Y 46 -35.17 21.64 15.62
CA ALA Y 46 -33.77 21.32 15.87
C ALA Y 46 -33.04 21.05 14.56
N SER Z 5 -28.91 -27.69 -18.45
CA SER Z 5 -30.02 -27.58 -17.52
C SER Z 5 -30.38 -26.13 -17.26
N ILE Z 6 -30.26 -25.71 -16.00
CA ILE Z 6 -30.60 -24.37 -15.54
C ILE Z 6 -29.64 -23.99 -14.43
N SER Z 7 -29.77 -22.75 -13.96
CA SER Z 7 -28.92 -22.23 -12.89
C SER Z 7 -29.58 -22.50 -11.53
N GLY Z 8 -29.51 -23.77 -11.13
CA GLY Z 8 -29.97 -24.16 -9.82
C GLY Z 8 -31.00 -25.26 -9.78
N LEU Z 9 -32.07 -25.02 -9.03
CA LEU Z 9 -33.05 -26.03 -8.66
C LEU Z 9 -34.15 -26.17 -9.71
N SER Z 10 -34.83 -27.32 -9.66
CA SER Z 10 -35.78 -27.72 -10.68
C SER Z 10 -37.14 -27.05 -10.44
N GLU Z 11 -38.05 -27.28 -11.38
CA GLU Z 11 -39.33 -26.57 -11.38
C GLU Z 11 -40.21 -26.97 -10.20
N ALA Z 12 -40.12 -28.23 -9.78
CA ALA Z 12 -40.97 -28.70 -8.68
C ALA Z 12 -40.78 -27.85 -7.44
N GLU Z 13 -39.53 -27.63 -7.04
CA GLU Z 13 -39.27 -26.81 -5.87
C GLU Z 13 -39.27 -25.32 -6.20
N ALA Z 14 -38.99 -24.95 -7.45
CA ALA Z 14 -39.09 -23.54 -7.83
C ALA Z 14 -40.50 -23.03 -7.61
N LYS Z 15 -41.50 -23.82 -7.96
CA LYS Z 15 -42.89 -23.37 -7.81
C LYS Z 15 -43.24 -23.17 -6.34
N GLU Z 16 -42.80 -24.06 -5.46
CA GLU Z 16 -43.18 -23.92 -4.06
C GLU Z 16 -42.39 -22.81 -3.38
N PHE Z 17 -41.12 -22.63 -3.77
CA PHE Z 17 -40.39 -21.47 -3.28
C PHE Z 17 -41.08 -20.19 -3.70
N HIS Z 18 -41.53 -20.12 -4.96
CA HIS Z 18 -42.20 -18.90 -5.39
C HIS Z 18 -43.52 -18.70 -4.68
N SER Z 19 -44.24 -19.76 -4.36
CA SER Z 19 -45.48 -19.60 -3.62
C SER Z 19 -45.22 -19.04 -2.23
N ILE Z 20 -44.27 -19.64 -1.51
CA ILE Z 20 -43.96 -19.13 -0.18
C ILE Z 20 -43.41 -17.70 -0.25
N PHE Z 21 -42.64 -17.41 -1.30
CA PHE Z 21 -42.09 -16.07 -1.48
C PHE Z 21 -43.19 -15.05 -1.72
N VAL Z 22 -44.18 -15.40 -2.53
CA VAL Z 22 -45.26 -14.46 -2.80
C VAL Z 22 -46.08 -14.23 -1.55
N THR Z 23 -46.33 -15.29 -0.78
CA THR Z 23 -47.05 -15.10 0.48
C THR Z 23 -46.27 -14.18 1.43
N SER Z 24 -44.97 -14.41 1.55
CA SER Z 24 -44.16 -13.61 2.47
C SER Z 24 -44.07 -12.16 2.01
N PHE Z 25 -43.88 -11.95 0.70
CA PHE Z 25 -43.83 -10.61 0.16
C PHE Z 25 -45.13 -9.87 0.37
N PHE Z 26 -46.26 -10.54 0.15
CA PHE Z 26 -47.56 -9.90 0.36
C PHE Z 26 -47.77 -9.56 1.83
N LEU Z 27 -47.38 -10.45 2.73
CA LEU Z 27 -47.50 -10.12 4.16
C LEU Z 27 -46.64 -8.93 4.54
N PHE Z 28 -45.41 -8.90 4.03
CA PHE Z 28 -44.52 -7.76 4.26
C PHE Z 28 -45.15 -6.47 3.76
N ILE Z 29 -45.74 -6.51 2.57
CA ILE Z 29 -46.37 -5.32 2.02
C ILE Z 29 -47.55 -4.89 2.87
N VAL Z 30 -48.31 -5.84 3.40
CA VAL Z 30 -49.48 -5.49 4.20
C VAL Z 30 -49.06 -4.83 5.50
N VAL Z 31 -48.06 -5.39 6.16
CA VAL Z 31 -47.56 -4.78 7.40
C VAL Z 31 -47.01 -3.40 7.10
N ALA Z 32 -46.32 -3.24 5.98
CA ALA Z 32 -45.77 -1.93 5.62
C ALA Z 32 -46.86 -0.92 5.33
N VAL Z 33 -47.96 -1.35 4.72
CA VAL Z 33 -49.05 -0.42 4.43
C VAL Z 33 -49.72 0.02 5.73
N VAL Z 34 -49.90 -0.89 6.68
CA VAL Z 34 -50.40 -0.47 7.99
C VAL Z 34 -49.43 0.53 8.62
N ALA Z 35 -48.12 0.25 8.53
CA ALA Z 35 -47.13 1.16 9.08
C ALA Z 35 -47.24 2.55 8.48
N HIS Z 36 -47.44 2.63 7.17
CA HIS Z 36 -47.52 3.93 6.52
C HIS Z 36 -48.82 4.65 6.84
N ILE Z 37 -49.92 3.91 7.01
CA ILE Z 37 -51.16 4.56 7.43
C ILE Z 37 -50.99 5.18 8.81
N LEU Z 38 -50.39 4.43 9.72
CA LEU Z 38 -50.12 4.96 11.05
C LEU Z 38 -49.19 6.17 10.98
N ALA Z 39 -48.14 6.09 10.15
CA ALA Z 39 -47.19 7.19 10.05
C ALA Z 39 -47.85 8.43 9.46
N TRP Z 40 -48.76 8.24 8.50
CA TRP Z 40 -49.45 9.39 7.92
C TRP Z 40 -50.37 10.04 8.94
N MET Z 41 -51.06 9.23 9.74
CA MET Z 41 -51.92 9.85 10.73
C MET Z 41 -51.12 10.44 11.89
N TRP Z 42 -49.88 10.02 12.08
CA TRP Z 42 -49.01 10.68 13.06
C TRP Z 42 -48.54 12.02 12.52
N ARG Z 43 -47.90 12.00 11.37
CA ARG Z 43 -47.52 13.25 10.72
C ARG Z 43 -47.55 13.06 9.20
N PRO Z 44 -48.46 13.72 8.51
CA PRO Z 44 -48.51 13.60 7.06
C PRO Z 44 -47.31 14.25 6.41
N TRP Z 45 -47.03 13.82 5.19
CA TRP Z 45 -45.98 14.40 4.37
C TRP Z 45 -46.63 14.97 3.10
N LEU Z 46 -45.79 15.35 2.14
CA LEU Z 46 -46.24 15.98 0.90
C LEU Z 46 -46.94 17.30 1.20
N PRO Z 47 -46.20 18.32 1.59
CA PRO Z 47 -46.82 19.60 1.93
C PRO Z 47 -47.34 20.35 0.72
N LYS Z 48 -47.98 21.49 0.97
CA LYS Z 48 -48.28 22.43 -0.09
C LYS Z 48 -47.01 23.15 -0.52
N ALA Z 49 -47.05 23.73 -1.72
CA ALA Z 49 -45.90 24.48 -2.18
C ALA Z 49 -45.60 25.69 -1.32
N THR Z 50 -46.42 25.95 -0.30
CA THR Z 50 -46.22 27.07 0.62
C THR Z 50 -45.90 26.60 2.03
N GLY Z 51 -45.62 25.32 2.22
CA GLY Z 51 -45.39 24.76 3.54
C GLY Z 51 -46.58 23.93 4.01
N TYR Z 52 -46.50 23.51 5.25
CA TYR Z 52 -47.57 22.67 5.81
C TYR Z 52 -48.68 23.53 6.40
N TRP AA 2 -41.52 -23.51 7.62
CA TRP AA 2 -40.47 -24.35 8.18
C TRP AA 2 -39.43 -24.70 7.14
N ARG AA 3 -39.82 -24.59 5.87
CA ARG AA 3 -38.91 -24.92 4.78
C ARG AA 3 -37.72 -24.00 4.69
N ILE AA 4 -37.73 -22.86 5.39
CA ILE AA 4 -36.60 -21.96 5.36
C ILE AA 4 -35.35 -22.63 5.90
N TRP AA 5 -35.52 -23.55 6.84
CA TRP AA 5 -34.41 -24.28 7.41
C TRP AA 5 -33.89 -25.37 6.50
N LEU AA 6 -34.59 -25.66 5.40
CA LEU AA 6 -33.98 -26.42 4.33
C LEU AA 6 -33.09 -25.55 3.48
N LEU AA 7 -33.37 -24.25 3.43
CA LEU AA 7 -32.54 -23.33 2.66
C LEU AA 7 -31.28 -22.96 3.42
N PHE AA 8 -31.38 -22.67 4.70
CA PHE AA 8 -30.28 -22.16 5.48
C PHE AA 8 -29.95 -23.11 6.63
N ASP AA 9 -28.67 -23.31 6.86
CA ASP AA 9 -28.23 -24.10 7.99
C ASP AA 9 -28.72 -23.46 9.28
N PRO AA 10 -29.50 -24.17 10.09
CA PRO AA 10 -30.01 -23.54 11.31
C PRO AA 10 -28.94 -23.05 12.25
N ARG AA 11 -27.75 -23.65 12.25
CA ARG AA 11 -26.69 -23.16 13.10
C ARG AA 11 -26.20 -21.79 12.66
N ARG AA 12 -25.84 -21.67 11.38
CA ARG AA 12 -25.37 -20.39 10.87
C ARG AA 12 -26.48 -19.36 10.91
N ALA AA 13 -27.70 -19.75 10.55
CA ALA AA 13 -28.82 -18.82 10.61
C ALA AA 13 -29.04 -18.32 12.03
N LEU AA 14 -28.95 -19.21 13.01
CA LEU AA 14 -29.23 -18.82 14.38
C LEU AA 14 -28.14 -17.92 14.93
N VAL AA 15 -26.88 -18.24 14.65
CA VAL AA 15 -25.79 -17.38 15.10
C VAL AA 15 -25.89 -16.00 14.44
N LEU AA 16 -26.20 -15.97 13.14
CA LEU AA 16 -26.30 -14.70 12.46
C LEU AA 16 -27.46 -13.87 12.99
N LEU AA 17 -28.59 -14.52 13.24
CA LEU AA 17 -29.74 -13.82 13.80
C LEU AA 17 -29.43 -13.26 15.18
N PHE AA 18 -28.71 -14.01 16.01
CA PHE AA 18 -28.38 -13.51 17.34
C PHE AA 18 -27.42 -12.34 17.25
N VAL AA 19 -26.40 -12.42 16.39
CA VAL AA 19 -25.50 -11.30 16.20
C VAL AA 19 -26.26 -10.07 15.74
N PHE AA 20 -27.17 -10.26 14.79
CA PHE AA 20 -27.96 -9.14 14.28
C PHE AA 20 -28.83 -8.53 15.37
N LEU AA 21 -29.50 -9.36 16.15
CA LEU AA 21 -30.37 -8.85 17.19
C LEU AA 21 -29.60 -8.09 18.24
N PHE AA 22 -28.45 -8.62 18.68
CA PHE AA 22 -27.68 -7.90 19.68
C PHE AA 22 -27.14 -6.60 19.14
N GLY AA 23 -26.66 -6.59 17.89
CA GLY AA 23 -26.16 -5.35 17.31
C GLY AA 23 -27.26 -4.31 17.17
N LEU AA 24 -28.44 -4.74 16.77
CA LEU AA 24 -29.56 -3.80 16.64
C LEU AA 24 -29.97 -3.24 17.99
N ALA AA 25 -30.01 -4.09 19.02
CA ALA AA 25 -30.35 -3.61 20.36
C ALA AA 25 -29.32 -2.62 20.87
N ILE AA 26 -28.04 -2.90 20.65
CA ILE AA 26 -26.99 -1.97 21.05
C ILE AA 26 -27.13 -0.65 20.33
N ILE AA 27 -27.41 -0.70 19.02
CA ILE AA 27 -27.53 0.53 18.24
C ILE AA 27 -28.72 1.36 18.73
N ILE AA 28 -29.86 0.71 19.00
CA ILE AA 28 -31.01 1.47 19.45
C ILE AA 28 -30.75 2.08 20.82
N HIS AA 29 -30.11 1.32 21.72
CA HIS AA 29 -29.79 1.86 23.03
C HIS AA 29 -28.86 3.07 22.93
N PHE AA 30 -27.85 2.99 22.07
CA PHE AA 30 -26.92 4.10 21.94
C PHE AA 30 -27.57 5.30 21.28
N ILE AA 31 -28.48 5.07 20.33
CA ILE AA 31 -29.22 6.18 19.73
C ILE AA 31 -30.05 6.88 20.79
N LEU AA 32 -30.81 6.11 21.59
CA LEU AA 32 -31.58 6.73 22.66
C LEU AA 32 -30.70 7.46 23.65
N LEU AA 33 -29.54 6.89 23.95
CA LEU AA 33 -28.64 7.48 24.92
C LEU AA 33 -28.02 8.76 24.39
N SER AA 34 -27.90 8.90 23.08
CA SER AA 34 -27.37 10.12 22.50
C SER AA 34 -28.38 11.24 22.43
N THR AA 35 -29.67 10.96 22.57
CA THR AA 35 -30.66 12.01 22.60
C THR AA 35 -30.76 12.61 23.99
N SER AA 36 -31.40 13.77 24.07
CA SER AA 36 -31.59 14.44 25.34
C SER AA 36 -32.87 14.02 26.03
N ARG AA 37 -33.90 13.69 25.27
CA ARG AA 37 -35.18 13.30 25.88
C ARG AA 37 -35.11 11.89 26.46
N PHE AA 38 -34.37 10.99 25.82
CA PHE AA 38 -34.40 9.58 26.16
C PHE AA 38 -33.11 9.10 26.81
N ASN AA 39 -32.22 10.01 27.20
CA ASN AA 39 -31.06 9.63 27.96
C ASN AA 39 -31.50 9.35 29.39
N TRP AA 40 -31.42 8.08 29.80
CA TRP AA 40 -31.89 7.69 31.12
C TRP AA 40 -30.79 7.68 32.17
N LEU AA 41 -29.57 8.05 31.81
CA LEU AA 41 -28.49 8.03 32.80
C LEU AA 41 -28.28 9.40 33.42
N ASP AA 42 -27.92 10.39 32.61
CA ASP AA 42 -27.75 11.73 33.14
C ASP AA 42 -29.04 12.52 33.14
N GLY AA 43 -29.92 12.25 32.18
CA GLY AA 43 -31.20 12.90 32.13
C GLY AA 43 -31.28 13.91 31.01
N PRO AA 44 -32.33 14.73 31.04
CA PRO AA 44 -32.53 15.71 29.95
C PRO AA 44 -31.45 16.77 29.86
N ARG AA 45 -30.52 16.82 30.80
CA ARG AA 45 -29.43 17.79 30.74
C ARG AA 45 -28.16 17.21 31.33
N ILE BA 6 -29.59 -27.07 -0.25
CA ILE BA 6 -30.00 -27.89 0.89
C ILE BA 6 -29.12 -27.57 2.08
N SER BA 7 -29.68 -27.71 3.29
CA SER BA 7 -28.94 -27.51 4.52
C SER BA 7 -28.59 -28.83 5.21
N GLY BA 8 -28.86 -29.96 4.56
CA GLY BA 8 -28.61 -31.25 5.19
C GLY BA 8 -29.49 -31.50 6.39
N LEU BA 9 -30.77 -31.13 6.30
CA LEU BA 9 -31.69 -31.25 7.41
C LEU BA 9 -32.96 -31.94 6.92
N SER BA 10 -33.37 -32.99 7.61
CA SER BA 10 -34.59 -33.67 7.23
C SER BA 10 -35.80 -32.82 7.61
N GLU BA 11 -36.93 -33.07 6.95
CA GLU BA 11 -38.12 -32.27 7.21
C GLU BA 11 -38.64 -32.47 8.62
N ALA BA 12 -38.35 -33.61 9.24
CA ALA BA 12 -38.70 -33.77 10.65
C ALA BA 12 -37.86 -32.83 11.51
N GLU BA 13 -36.55 -32.82 11.29
CA GLU BA 13 -35.70 -31.86 11.96
C GLU BA 13 -36.12 -30.44 11.66
N ALA BA 14 -36.49 -30.17 10.40
CA ALA BA 14 -36.90 -28.83 10.03
C ALA BA 14 -38.13 -28.39 10.81
N LYS BA 15 -39.15 -29.23 10.85
CA LYS BA 15 -40.37 -28.85 11.57
C LYS BA 15 -40.11 -28.72 13.05
N GLU BA 16 -39.27 -29.59 13.62
CA GLU BA 16 -38.93 -29.47 15.03
C GLU BA 16 -38.26 -28.14 15.33
N PHE BA 17 -37.18 -27.86 14.59
CA PHE BA 17 -36.47 -26.60 14.77
C PHE BA 17 -37.39 -25.42 14.57
N HIS BA 18 -38.27 -25.48 13.58
CA HIS BA 18 -39.12 -24.35 13.28
C HIS BA 18 -40.14 -24.11 14.40
N SER BA 19 -40.68 -25.18 14.96
CA SER BA 19 -41.63 -24.99 16.06
C SER BA 19 -40.94 -24.37 17.26
N ILE BA 20 -39.76 -24.88 17.62
CA ILE BA 20 -39.05 -24.29 18.75
C ILE BA 20 -38.68 -22.84 18.45
N PHE BA 21 -38.27 -22.57 17.21
CA PHE BA 21 -37.88 -21.23 16.83
C PHE BA 21 -39.05 -20.26 16.91
N VAL BA 22 -40.23 -20.69 16.46
CA VAL BA 22 -41.40 -19.83 16.53
C VAL BA 22 -41.77 -19.55 17.98
N THR BA 23 -41.71 -20.57 18.83
CA THR BA 23 -41.99 -20.36 20.23
C THR BA 23 -41.04 -19.33 20.84
N SER BA 24 -39.75 -19.48 20.55
CA SER BA 24 -38.75 -18.57 21.10
C SER BA 24 -38.95 -17.15 20.57
N PHE BA 25 -39.19 -17.02 19.27
CA PHE BA 25 -39.42 -15.72 18.66
C PHE BA 25 -40.63 -15.06 19.27
N PHE BA 26 -41.67 -15.84 19.56
CA PHE BA 26 -42.87 -15.26 20.13
C PHE BA 26 -42.65 -14.80 21.56
N LEU BA 27 -41.92 -15.58 22.36
CA LEU BA 27 -41.63 -15.14 23.72
C LEU BA 27 -40.77 -13.88 23.71
N PHE BA 28 -39.81 -13.81 22.79
CA PHE BA 28 -39.01 -12.60 22.62
C PHE BA 28 -39.89 -11.41 22.28
N ILE BA 29 -40.88 -11.61 21.40
CA ILE BA 29 -41.76 -10.51 21.02
C ILE BA 29 -42.59 -10.05 22.21
N VAL BA 30 -43.07 -10.99 23.01
CA VAL BA 30 -43.88 -10.63 24.18
C VAL BA 30 -43.05 -9.79 25.15
N VAL BA 31 -41.82 -10.23 25.40
CA VAL BA 31 -40.95 -9.48 26.31
C VAL BA 31 -40.68 -8.10 25.75
N ALA BA 32 -40.42 -8.00 24.46
CA ALA BA 32 -40.16 -6.70 23.86
C ALA BA 32 -41.38 -5.79 23.95
N VAL BA 33 -42.57 -6.35 23.79
CA VAL BA 33 -43.79 -5.54 23.88
C VAL BA 33 -43.96 -5.00 25.29
N VAL BA 34 -43.75 -5.84 26.30
CA VAL BA 34 -43.82 -5.36 27.67
C VAL BA 34 -42.80 -4.26 27.91
N ALA BA 35 -41.59 -4.45 27.38
CA ALA BA 35 -40.54 -3.45 27.51
C ALA BA 35 -40.95 -2.13 26.88
N HIS BA 36 -41.58 -2.16 25.71
CA HIS BA 36 -41.97 -0.92 25.05
C HIS BA 36 -43.12 -0.24 25.76
N ILE BA 37 -44.02 -1.02 26.35
CA ILE BA 37 -45.08 -0.39 27.15
C ILE BA 37 -44.49 0.32 28.35
N LEU BA 38 -43.55 -0.32 29.04
CA LEU BA 38 -42.89 0.34 30.15
C LEU BA 38 -42.13 1.58 29.70
N ALA BA 39 -41.42 1.48 28.56
CA ALA BA 39 -40.68 2.62 28.05
C ALA BA 39 -41.59 3.78 27.71
N TRP BA 40 -42.75 3.48 27.11
CA TRP BA 40 -43.71 4.53 26.80
C TRP BA 40 -44.25 5.16 28.07
N MET BA 41 -44.51 4.36 29.10
CA MET BA 41 -44.93 4.95 30.36
C MET BA 41 -43.85 5.85 30.94
N TRP BA 42 -42.57 5.53 30.70
CA TRP BA 42 -41.51 6.39 31.17
C TRP BA 42 -41.37 7.64 30.30
N ARG BA 43 -41.23 7.46 28.99
CA ARG BA 43 -41.10 8.58 28.05
C ARG BA 43 -41.81 8.29 26.75
N PRO BA 44 -42.95 8.92 26.47
CA PRO BA 44 -43.58 8.73 25.18
C PRO BA 44 -42.76 9.39 24.07
N TRP BA 45 -42.63 8.70 22.97
CA TRP BA 45 -42.10 9.29 21.76
C TRP BA 45 -43.26 9.69 20.87
N LEU BA 46 -42.95 10.03 19.62
CA LEU BA 46 -43.94 10.49 18.65
C LEU BA 46 -44.63 11.75 19.15
N PRO BA 47 -43.92 12.87 19.20
CA PRO BA 47 -44.55 14.12 19.62
C PRO BA 47 -45.55 14.64 18.61
N LYS BA 48 -46.18 15.76 18.92
CA LYS BA 48 -46.98 16.47 17.93
C LYS BA 48 -46.07 17.36 17.09
N ALA BA 49 -46.63 17.93 16.03
CA ALA BA 49 -45.82 18.74 15.14
C ALA BA 49 -45.33 20.02 15.80
N THR BA 50 -45.82 20.34 16.99
CA THR BA 50 -45.37 21.49 17.75
C THR BA 50 -44.39 21.12 18.86
N GLY BA 51 -44.06 19.84 19.00
CA GLY BA 51 -43.20 19.38 20.07
C GLY BA 51 -43.98 18.64 21.13
N TYR BA 52 -43.27 18.20 22.15
CA TYR BA 52 -43.91 17.59 23.31
C TYR BA 52 -44.51 18.67 24.17
N TRP CA 2 -33.43 -27.72 25.31
CA TRP CA 2 -32.17 -28.42 25.51
C TRP CA 2 -31.57 -28.90 24.21
N ARG CA 3 -32.38 -28.93 23.16
CA ARG CA 3 -31.88 -29.41 21.87
C ARG CA 3 -30.85 -28.47 21.26
N ILE CA 4 -30.76 -27.24 21.75
CA ILE CA 4 -29.81 -26.30 21.19
C ILE CA 4 -28.38 -26.76 21.42
N TRP CA 5 -28.17 -27.67 22.38
CA TRP CA 5 -26.85 -28.21 22.62
C TRP CA 5 -26.53 -29.39 21.73
N LEU CA 6 -27.49 -29.87 20.96
CA LEU CA 6 -27.20 -30.80 19.88
C LEU CA 6 -26.72 -30.08 18.62
N LEU CA 7 -26.79 -28.76 18.61
CA LEU CA 7 -26.30 -27.94 17.51
C LEU CA 7 -24.95 -27.32 17.82
N PHE CA 8 -24.85 -26.62 18.94
CA PHE CA 8 -23.66 -25.83 19.25
C PHE CA 8 -22.81 -26.55 20.28
N ASP CA 9 -21.52 -26.64 19.99
CA ASP CA 9 -20.55 -27.14 20.94
C ASP CA 9 -20.68 -26.39 22.26
N PRO CA 10 -20.99 -27.06 23.36
CA PRO CA 10 -21.23 -26.33 24.61
C PRO CA 10 -20.01 -25.64 25.15
N ARG CA 11 -18.81 -26.19 24.95
CA ARG CA 11 -17.60 -25.50 25.40
C ARG CA 11 -17.43 -24.18 24.67
N ARG CA 12 -17.55 -24.21 23.34
CA ARG CA 12 -17.36 -23.01 22.55
C ARG CA 12 -18.47 -22.01 22.80
N ALA CA 13 -19.71 -22.48 22.85
CA ALA CA 13 -20.82 -21.59 23.19
C ALA CA 13 -20.64 -20.96 24.56
N LEU CA 14 -20.09 -21.71 25.50
CA LEU CA 14 -19.99 -21.22 26.86
C LEU CA 14 -18.85 -20.22 27.02
N VAL CA 15 -17.72 -20.47 26.36
CA VAL CA 15 -16.66 -19.47 26.40
C VAL CA 15 -17.06 -18.23 25.61
N LEU CA 16 -17.83 -18.38 24.52
CA LEU CA 16 -18.38 -17.22 23.84
C LEU CA 16 -19.29 -16.43 24.76
N LEU CA 17 -20.17 -17.13 25.48
CA LEU CA 17 -21.07 -16.45 26.40
C LEU CA 17 -20.32 -15.74 27.51
N PHE CA 18 -19.26 -16.35 28.01
CA PHE CA 18 -18.47 -15.72 29.06
C PHE CA 18 -17.74 -14.50 28.55
N VAL CA 19 -17.13 -14.59 27.37
CA VAL CA 19 -16.46 -13.43 26.79
C VAL CA 19 -17.45 -12.31 26.57
N PHE CA 20 -18.63 -12.64 26.03
CA PHE CA 20 -19.64 -11.63 25.77
C PHE CA 20 -20.15 -10.99 27.06
N LEU CA 21 -20.40 -11.80 28.08
CA LEU CA 21 -20.88 -11.27 29.35
C LEU CA 21 -19.85 -10.37 30.01
N PHE CA 22 -18.58 -10.78 30.00
CA PHE CA 22 -17.55 -9.93 30.58
C PHE CA 22 -17.40 -8.63 29.80
N GLY CA 23 -17.45 -8.70 28.47
CA GLY CA 23 -17.36 -7.49 27.68
C GLY CA 23 -18.52 -6.55 27.95
N LEU CA 24 -19.74 -7.08 27.99
CA LEU CA 24 -20.90 -6.26 28.29
C LEU CA 24 -20.82 -5.65 29.67
N ALA CA 25 -20.31 -6.41 30.64
CA ALA CA 25 -20.22 -5.91 32.01
C ALA CA 25 -19.22 -4.77 32.11
N ILE CA 26 -18.03 -4.94 31.52
CA ILE CA 26 -17.06 -3.85 31.60
C ILE CA 26 -17.53 -2.66 30.80
N ILE CA 27 -18.27 -2.88 29.71
CA ILE CA 27 -18.75 -1.75 28.93
C ILE CA 27 -19.78 -0.95 29.71
N ILE CA 28 -20.73 -1.64 30.37
CA ILE CA 28 -21.73 -0.93 31.15
C ILE CA 28 -21.08 -0.23 32.34
N HIS CA 29 -20.12 -0.88 32.99
CA HIS CA 29 -19.42 -0.26 34.10
C HIS CA 29 -18.69 1.00 33.66
N PHE CA 30 -17.99 0.93 32.52
CA PHE CA 30 -17.26 2.08 32.02
C PHE CA 30 -18.20 3.21 31.61
N ILE CA 31 -19.34 2.86 31.03
CA ILE CA 31 -20.34 3.87 30.67
C ILE CA 31 -20.83 4.59 31.92
N LEU CA 32 -21.20 3.83 32.95
CA LEU CA 32 -21.64 4.44 34.19
C LEU CA 32 -20.56 5.32 34.80
N LEU CA 33 -19.32 4.83 34.79
CA LEU CA 33 -18.21 5.57 35.36
C LEU CA 33 -17.91 6.84 34.57
N SER CA 34 -18.26 6.89 33.29
CA SER CA 34 -18.08 8.09 32.50
C SER CA 34 -19.16 9.14 32.75
N THR CA 35 -20.29 8.76 33.30
CA THR CA 35 -21.31 9.74 33.61
C THR CA 35 -20.99 10.43 34.93
N SER CA 36 -21.64 11.57 35.14
CA SER CA 36 -21.45 12.29 36.40
C SER CA 36 -22.31 11.70 37.51
N ARG CA 37 -23.55 11.36 37.19
CA ARG CA 37 -24.50 10.93 38.21
C ARG CA 37 -24.12 9.58 38.79
N PHE CA 38 -23.77 8.62 37.95
CA PHE CA 38 -23.58 7.25 38.39
C PHE CA 38 -22.12 6.90 38.64
N ASN CA 39 -21.22 7.86 38.53
CA ASN CA 39 -19.85 7.63 38.96
C ASN CA 39 -19.81 7.39 40.45
N TRP CA 40 -19.28 6.25 40.86
CA TRP CA 40 -19.27 5.86 42.26
C TRP CA 40 -17.91 5.99 42.92
N LEU CA 41 -16.89 6.47 42.21
CA LEU CA 41 -15.58 6.65 42.81
C LEU CA 41 -15.30 8.10 43.18
N ASP CA 42 -15.30 9.00 42.20
CA ASP CA 42 -15.08 10.40 42.51
C ASP CA 42 -16.35 11.07 42.99
N GLY CA 43 -17.49 10.72 42.42
CA GLY CA 43 -18.74 11.29 42.85
C GLY CA 43 -19.44 12.06 41.76
N PRO CA 44 -20.43 12.85 42.16
CA PRO CA 44 -21.39 13.39 41.20
C PRO CA 44 -20.85 14.51 40.33
N ARG CA 45 -19.73 15.11 40.66
CA ARG CA 45 -19.18 16.21 39.86
C ARG CA 45 -18.18 15.60 38.88
N ALA CA 46 -18.61 15.40 37.64
CA ALA CA 46 -17.77 14.79 36.62
C ALA CA 46 -18.25 15.16 35.22
N ILE DA 6 -26.57 -34.65 16.02
CA ILE DA 6 -25.41 -35.02 16.81
C ILE DA 6 -24.20 -34.22 16.39
N SER DA 7 -24.26 -32.90 16.59
CA SER DA 7 -23.08 -32.05 16.41
C SER DA 7 -22.25 -32.02 17.70
N GLY DA 8 -21.85 -33.23 18.10
CA GLY DA 8 -20.92 -33.45 19.19
C GLY DA 8 -21.44 -34.26 20.36
N LEU DA 9 -22.64 -33.97 20.84
CA LEU DA 9 -23.13 -34.50 22.11
C LEU DA 9 -24.16 -35.59 21.88
N SER DA 10 -24.54 -36.23 22.97
CA SER DA 10 -25.63 -37.19 23.02
C SER DA 10 -26.85 -36.55 23.67
N GLU DA 11 -27.99 -37.24 23.58
CA GLU DA 11 -29.21 -36.73 24.16
C GLU DA 11 -29.06 -36.51 25.66
N ALA DA 12 -28.50 -37.50 26.36
CA ALA DA 12 -28.36 -37.41 27.81
C ALA DA 12 -27.42 -36.28 28.20
N GLU DA 13 -26.28 -36.18 27.54
CA GLU DA 13 -25.34 -35.10 27.85
C GLU DA 13 -25.98 -33.74 27.58
N ALA DA 14 -26.74 -33.63 26.50
CA ALA DA 14 -27.41 -32.37 26.20
C ALA DA 14 -28.39 -32.01 27.30
N LYS DA 15 -29.16 -32.98 27.79
CA LYS DA 15 -30.14 -32.69 28.82
C LYS DA 15 -29.45 -32.29 30.13
N GLU DA 16 -28.38 -32.99 30.48
CA GLU DA 16 -27.66 -32.66 31.72
C GLU DA 16 -27.04 -31.27 31.62
N PHE DA 17 -26.35 -31.01 30.52
CA PHE DA 17 -25.78 -29.69 30.31
C PHE DA 17 -26.85 -28.61 30.37
N HIS DA 18 -28.02 -28.88 29.79
CA HIS DA 18 -29.04 -27.84 29.75
C HIS DA 18 -29.62 -27.59 31.13
N SER DA 19 -29.78 -28.65 31.94
CA SER DA 19 -30.28 -28.43 33.29
C SER DA 19 -29.31 -27.59 34.10
N ILE DA 20 -28.01 -27.92 34.02
CA ILE DA 20 -27.02 -27.14 34.75
C ILE DA 20 -26.96 -25.72 34.22
N PHE DA 21 -27.06 -25.56 32.90
CA PHE DA 21 -27.03 -24.23 32.30
C PHE DA 21 -28.20 -23.40 32.78
N VAL DA 22 -29.38 -23.99 32.82
CA VAL DA 22 -30.57 -23.24 33.23
C VAL DA 22 -30.46 -22.85 34.70
N THR DA 23 -30.05 -23.77 35.56
CA THR DA 23 -29.99 -23.41 36.97
C THR DA 23 -28.92 -22.35 37.23
N SER DA 24 -27.78 -22.42 36.55
CA SER DA 24 -26.75 -21.42 36.81
C SER DA 24 -27.08 -20.09 36.14
N PHE DA 25 -27.77 -20.12 35.01
CA PHE DA 25 -28.29 -18.89 34.43
C PHE DA 25 -29.30 -18.23 35.36
N PHE DA 26 -30.11 -19.04 36.04
CA PHE DA 26 -31.08 -18.49 36.97
C PHE DA 26 -30.41 -17.90 38.20
N LEU DA 27 -29.36 -18.56 38.69
CA LEU DA 27 -28.58 -17.97 39.79
C LEU DA 27 -27.94 -16.67 39.37
N PHE DA 28 -27.38 -16.62 38.17
CA PHE DA 28 -26.83 -15.37 37.65
C PHE DA 28 -27.90 -14.29 37.59
N ILE DA 29 -29.10 -14.64 37.13
CA ILE DA 29 -30.18 -13.67 37.03
C ILE DA 29 -30.56 -13.14 38.40
N VAL DA 30 -30.68 -14.01 39.39
CA VAL DA 30 -31.15 -13.53 40.70
C VAL DA 30 -30.07 -12.69 41.38
N VAL DA 31 -28.80 -13.07 41.21
CA VAL DA 31 -27.74 -12.24 41.76
C VAL DA 31 -27.75 -10.87 41.10
N ALA DA 32 -27.97 -10.83 39.77
CA ALA DA 32 -28.03 -9.54 39.09
C ALA DA 32 -29.24 -8.73 39.50
N VAL DA 33 -30.36 -9.39 39.82
CA VAL DA 33 -31.53 -8.66 40.28
C VAL DA 33 -31.26 -8.03 41.62
N VAL DA 34 -30.62 -8.76 42.53
CA VAL DA 34 -30.22 -8.16 43.80
C VAL DA 34 -29.30 -6.98 43.56
N ALA DA 35 -28.35 -7.15 42.63
CA ALA DA 35 -27.42 -6.07 42.32
C ALA DA 35 -28.15 -4.83 41.84
N HIS DA 36 -29.17 -5.00 41.00
CA HIS DA 36 -29.89 -3.84 40.49
C HIS DA 36 -30.79 -3.22 41.54
N ILE DA 37 -31.36 -4.03 42.44
CA ILE DA 37 -32.14 -3.44 43.53
C ILE DA 37 -31.25 -2.57 44.40
N LEU DA 38 -30.05 -3.04 44.69
CA LEU DA 38 -29.12 -2.23 45.47
C LEU DA 38 -28.68 -0.98 44.69
N ALA DA 39 -28.41 -1.13 43.39
CA ALA DA 39 -28.04 0.02 42.58
C ALA DA 39 -29.14 1.06 42.56
N TRP DA 40 -30.39 0.63 42.43
CA TRP DA 40 -31.50 1.57 42.45
C TRP DA 40 -31.63 2.24 43.81
N MET DA 41 -31.45 1.49 44.89
CA MET DA 41 -31.43 2.11 46.20
C MET DA 41 -30.32 3.15 46.30
N TRP DA 42 -29.23 2.95 45.58
CA TRP DA 42 -28.12 3.91 45.64
C TRP DA 42 -28.42 5.15 44.82
N ARG DA 43 -28.73 4.98 43.54
CA ARG DA 43 -29.14 6.07 42.67
C ARG DA 43 -30.09 5.60 41.59
N PRO DA 44 -31.36 5.99 41.67
CA PRO DA 44 -32.31 5.58 40.64
C PRO DA 44 -32.01 6.23 39.31
N TRP DA 45 -32.21 5.48 38.24
CA TRP DA 45 -32.19 6.01 36.89
C TRP DA 45 -33.62 6.29 36.45
N LEU DA 46 -33.82 6.52 35.16
CA LEU DA 46 -35.12 6.85 34.60
C LEU DA 46 -35.65 8.14 35.18
N PRO DA 47 -35.06 9.29 34.86
CA PRO DA 47 -35.55 10.55 35.41
C PRO DA 47 -36.86 10.98 34.81
N LYS DA 48 -37.43 12.06 35.32
CA LYS DA 48 -38.58 12.68 34.68
C LYS DA 48 -38.11 13.49 33.47
N ALA DA 49 -39.08 13.93 32.66
CA ALA DA 49 -38.73 14.67 31.45
C ALA DA 49 -38.07 16.00 31.76
N THR DA 50 -38.04 16.42 33.02
CA THR DA 50 -37.36 17.64 33.42
C THR DA 50 -36.04 17.39 34.14
N GLY DA 51 -35.79 16.18 34.60
CA GLY DA 51 -34.55 15.87 35.29
C GLY DA 51 -34.77 15.11 36.58
N TYR DA 52 -33.82 15.19 37.50
CA TYR DA 52 -33.94 14.50 38.76
C TYR DA 52 -34.36 15.45 39.88
N TRP EA 2 -18.88 -29.75 39.77
CA TRP EA 2 -17.61 -30.36 39.43
C TRP EA 2 -17.61 -30.82 37.99
N ARG EA 3 -18.81 -30.94 37.41
CA ARG EA 3 -18.96 -31.37 36.04
C ARG EA 3 -18.36 -30.39 35.04
N ILE EA 4 -18.08 -29.16 35.46
CA ILE EA 4 -17.46 -28.21 34.55
C ILE EA 4 -16.11 -28.72 34.07
N TRP EA 5 -15.41 -29.47 34.91
CA TRP EA 5 -14.12 -30.01 34.55
C TRP EA 5 -14.23 -31.26 33.70
N LEU EA 6 -15.43 -31.72 33.42
CA LEU EA 6 -15.65 -32.67 32.35
C LEU EA 6 -15.85 -31.97 31.02
N LEU EA 7 -16.08 -30.65 31.03
CA LEU EA 7 -16.16 -29.85 29.82
C LEU EA 7 -14.80 -29.27 29.45
N PHE EA 8 -14.18 -28.57 30.37
CA PHE EA 8 -12.99 -27.79 30.07
C PHE EA 8 -11.76 -28.45 30.65
N ASP EA 9 -10.66 -28.32 29.92
CA ASP EA 9 -9.36 -28.72 30.44
C ASP EA 9 -9.05 -27.88 31.67
N PRO EA 10 -8.97 -28.48 32.85
CA PRO EA 10 -8.72 -27.68 34.05
C PRO EA 10 -7.37 -26.99 34.04
N ARG EA 11 -6.41 -27.50 33.28
CA ARG EA 11 -5.10 -26.86 33.19
C ARG EA 11 -5.18 -25.54 32.42
N ARG EA 12 -5.71 -25.59 31.20
CA ARG EA 12 -5.89 -24.38 30.42
C ARG EA 12 -6.85 -23.43 31.11
N ALA EA 13 -7.88 -23.96 31.76
CA ALA EA 13 -8.81 -23.12 32.49
C ALA EA 13 -8.11 -22.42 33.64
N LEU EA 14 -7.19 -23.10 34.31
CA LEU EA 14 -6.47 -22.49 35.42
C LEU EA 14 -5.59 -21.36 34.92
N VAL EA 15 -4.89 -21.59 33.81
CA VAL EA 15 -4.03 -20.53 33.29
C VAL EA 15 -4.85 -19.35 32.81
N LEU EA 16 -5.97 -19.61 32.11
CA LEU EA 16 -6.82 -18.53 31.67
C LEU EA 16 -7.37 -17.73 32.84
N LEU EA 17 -7.79 -18.43 33.89
CA LEU EA 17 -8.31 -17.75 35.08
C LEU EA 17 -7.24 -16.88 35.71
N PHE EA 18 -6.01 -17.38 35.78
CA PHE EA 18 -4.94 -16.56 36.33
C PHE EA 18 -4.73 -15.30 35.51
N VAL EA 19 -4.63 -15.44 34.19
CA VAL EA 19 -4.40 -14.29 33.33
C VAL EA 19 -5.55 -13.29 33.47
N PHE EA 20 -6.79 -13.77 33.48
CA PHE EA 20 -7.93 -12.88 33.55
C PHE EA 20 -7.98 -12.17 34.89
N LEU EA 21 -7.75 -12.88 35.99
CA LEU EA 21 -7.78 -12.27 37.30
C LEU EA 21 -6.69 -11.22 37.44
N PHE EA 22 -5.49 -11.51 36.95
CA PHE EA 22 -4.43 -10.52 37.05
C PHE EA 22 -4.73 -9.29 36.22
N GLY EA 23 -5.23 -9.49 35.00
CA GLY EA 23 -5.60 -8.34 34.18
C GLY EA 23 -6.66 -7.48 34.82
N LEU EA 24 -7.66 -8.12 35.43
CA LEU EA 24 -8.72 -7.36 36.10
C LEU EA 24 -8.17 -6.61 37.31
N ALA EA 25 -7.31 -7.25 38.10
CA ALA EA 25 -6.76 -6.58 39.27
C ALA EA 25 -5.92 -5.38 38.88
N ILE EA 26 -5.10 -5.53 37.83
CA ILE EA 26 -4.31 -4.41 37.36
C ILE EA 26 -5.20 -3.28 36.86
N ILE EA 27 -6.25 -3.63 36.12
CA ILE EA 27 -7.17 -2.61 35.61
C ILE EA 27 -7.80 -1.83 36.75
N ILE EA 28 -8.27 -2.54 37.78
CA ILE EA 28 -8.95 -1.86 38.88
C ILE EA 28 -7.98 -0.99 39.66
N HIS EA 29 -6.78 -1.50 39.93
CA HIS EA 29 -5.78 -0.68 40.62
C HIS EA 29 -5.48 0.59 39.85
N PHE EA 30 -5.33 0.49 38.52
CA PHE EA 30 -5.02 1.68 37.74
C PHE EA 30 -6.19 2.63 37.69
N ILE EA 31 -7.42 2.11 37.66
CA ILE EA 31 -8.59 2.97 37.76
C ILE EA 31 -8.56 3.77 39.04
N LEU EA 32 -8.28 3.09 40.16
CA LEU EA 32 -8.25 3.78 41.44
C LEU EA 32 -7.14 4.82 41.47
N LEU EA 33 -5.96 4.48 40.97
CA LEU EA 33 -4.85 5.42 40.96
C LEU EA 33 -5.16 6.63 40.10
N SER EA 34 -6.00 6.48 39.08
CA SER EA 34 -6.37 7.61 38.26
C SER EA 34 -7.36 8.55 38.94
N THR EA 35 -8.12 8.05 39.90
CA THR EA 35 -9.03 8.93 40.61
C THR EA 35 -8.27 9.77 41.62
N SER EA 36 -8.96 10.78 42.15
CA SER EA 36 -8.38 11.63 43.18
C SER EA 36 -8.69 11.11 44.57
N ARG EA 37 -9.90 10.62 44.78
CA ARG EA 37 -10.30 10.21 46.12
C ARG EA 37 -9.63 8.93 46.56
N PHE EA 38 -9.36 8.01 45.63
CA PHE EA 38 -8.84 6.70 45.98
C PHE EA 38 -7.38 6.51 45.61
N ASN EA 39 -6.71 7.53 45.08
CA ASN EA 39 -5.28 7.45 44.88
C ASN EA 39 -4.59 7.39 46.23
N TRP EA 40 -3.86 6.32 46.48
CA TRP EA 40 -3.26 6.06 47.78
C TRP EA 40 -1.77 6.34 47.81
N LEU EA 41 -1.18 6.80 46.71
CA LEU EA 41 0.23 7.11 46.68
C LEU EA 41 0.51 8.59 46.91
N ASP EA 42 0.06 9.46 46.02
CA ASP EA 42 0.30 10.88 46.22
C ASP EA 42 -0.81 11.53 47.02
N GLY EA 43 -2.06 11.17 46.75
CA GLY EA 43 -3.14 11.63 47.56
C GLY EA 43 -4.29 12.23 46.79
N PRO EA 44 -5.00 13.14 47.45
CA PRO EA 44 -6.34 13.51 46.97
C PRO EA 44 -6.38 14.62 45.94
N ARG EA 45 -5.28 14.95 45.28
CA ARG EA 45 -5.31 15.92 44.19
C ARG EA 45 -4.68 15.27 42.96
N ALA EA 46 -5.53 14.78 42.06
CA ALA EA 46 -5.08 14.10 40.85
C ALA EA 46 -6.18 14.08 39.80
N SER FA 5 -16.36 -41.77 27.82
CA SER FA 5 -15.80 -40.73 26.97
C SER FA 5 -16.35 -39.36 27.35
N ILE FA 6 -15.46 -38.43 27.66
CA ILE FA 6 -15.85 -37.06 27.95
C ILE FA 6 -14.74 -36.13 27.46
N SER FA 7 -14.94 -34.83 27.59
CA SER FA 7 -13.93 -33.87 27.16
C SER FA 7 -12.75 -33.84 28.13
N GLY FA 8 -12.04 -34.96 28.22
CA GLY FA 8 -10.73 -35.02 28.84
C GLY FA 8 -10.53 -35.90 30.06
N LEU FA 9 -11.41 -35.83 31.05
CA LEU FA 9 -11.08 -36.33 32.38
C LEU FA 9 -12.02 -37.48 32.78
N SER FA 10 -11.89 -37.91 34.02
CA SER FA 10 -12.83 -38.84 34.64
C SER FA 10 -13.48 -38.16 35.82
N GLU FA 11 -14.62 -38.69 36.25
CA GLU FA 11 -15.33 -38.06 37.36
C GLU FA 11 -14.49 -38.04 38.63
N ALA FA 12 -13.59 -39.00 38.80
CA ALA FA 12 -12.69 -38.95 39.95
C ALA FA 12 -11.73 -37.76 39.84
N GLU FA 13 -11.09 -37.62 38.68
CA GLU FA 13 -10.19 -36.48 38.46
C GLU FA 13 -10.95 -35.17 38.56
N ALA FA 14 -12.14 -35.11 37.96
CA ALA FA 14 -12.92 -33.88 38.00
C ALA FA 14 -13.27 -33.51 39.43
N LYS FA 15 -13.66 -34.49 40.25
CA LYS FA 15 -14.06 -34.18 41.61
C LYS FA 15 -12.86 -33.78 42.46
N GLU FA 16 -11.71 -34.42 42.25
CA GLU FA 16 -10.52 -34.03 42.99
C GLU FA 16 -10.12 -32.60 42.64
N PHE FA 17 -10.02 -32.31 41.35
CA PHE FA 17 -9.68 -30.95 40.94
C PHE FA 17 -10.70 -29.96 41.47
N HIS FA 18 -11.98 -30.33 41.48
CA HIS FA 18 -12.99 -29.41 41.94
C HIS FA 18 -12.88 -29.15 43.42
N SER FA 19 -12.54 -30.16 44.21
CA SER FA 19 -12.34 -29.96 45.63
C SER FA 19 -11.23 -28.94 45.87
N ILE FA 20 -10.07 -29.16 45.23
CA ILE FA 20 -8.96 -28.23 45.42
C ILE FA 20 -9.33 -26.85 44.89
N PHE FA 21 -10.05 -26.80 43.77
CA PHE FA 21 -10.42 -25.54 43.16
C PHE FA 21 -11.36 -24.75 44.06
N VAL FA 22 -12.34 -25.40 44.66
CA VAL FA 22 -13.29 -24.71 45.50
C VAL FA 22 -12.62 -24.23 46.78
N THR FA 23 -11.70 -25.03 47.33
CA THR FA 23 -10.97 -24.56 48.50
C THR FA 23 -10.16 -23.30 48.18
N SER FA 24 -9.40 -23.33 47.08
CA SER FA 24 -8.60 -22.17 46.71
C SER FA 24 -9.48 -20.97 46.40
N PHE FA 25 -10.58 -21.19 45.70
CA PHE FA 25 -11.48 -20.10 45.35
C PHE FA 25 -12.12 -19.48 46.59
N PHE FA 26 -12.49 -20.31 47.56
CA PHE FA 26 -13.06 -19.76 48.79
C PHE FA 26 -12.04 -18.93 49.55
N LEU FA 27 -10.80 -19.41 49.66
CA LEU FA 27 -9.85 -18.58 50.42
C LEU FA 27 -9.50 -17.31 49.66
N PHE FA 28 -9.43 -17.38 48.33
CA PHE FA 28 -9.22 -16.17 47.53
C PHE FA 28 -10.36 -15.18 47.77
N ILE FA 29 -11.60 -15.66 47.79
CA ILE FA 29 -12.73 -14.76 48.01
C ILE FA 29 -12.69 -14.19 49.42
N VAL FA 30 -12.29 -14.98 50.40
CA VAL FA 30 -12.22 -14.48 51.77
C VAL FA 30 -11.17 -13.39 51.89
N VAL FA 31 -10.01 -13.59 51.27
CA VAL FA 31 -8.99 -12.54 51.27
C VAL FA 31 -9.53 -11.28 50.60
N ALA FA 32 -10.25 -11.45 49.49
CA ALA FA 32 -10.81 -10.29 48.80
C ALA FA 32 -11.80 -9.55 49.68
N VAL FA 33 -12.62 -10.28 50.44
CA VAL FA 33 -13.60 -9.64 51.31
C VAL FA 33 -12.91 -8.86 52.42
N VAL FA 34 -11.87 -9.44 53.02
CA VAL FA 34 -11.11 -8.70 54.01
C VAL FA 34 -10.51 -7.44 53.40
N ALA FA 35 -9.97 -7.57 52.18
CA ALA FA 35 -9.41 -6.42 51.49
C ALA FA 35 -10.45 -5.33 51.28
N HIS FA 36 -11.67 -5.71 50.90
CA HIS FA 36 -12.69 -4.70 50.65
C HIS FA 36 -13.16 -4.05 51.94
N ILE FA 37 -13.24 -4.81 53.03
CA ILE FA 37 -13.60 -4.20 54.30
C ILE FA 37 -12.55 -3.18 54.71
N LEU FA 38 -11.27 -3.52 54.57
CA LEU FA 38 -10.22 -2.58 54.92
C LEU FA 38 -10.26 -1.36 54.00
N ALA FA 39 -10.48 -1.57 52.71
CA ALA FA 39 -10.56 -0.46 51.77
C ALA FA 39 -11.70 0.47 52.12
N TRP FA 40 -12.86 -0.08 52.48
CA TRP FA 40 -13.99 0.75 52.88
C TRP FA 40 -13.67 1.51 54.16
N MET FA 41 -13.01 0.86 55.11
CA MET FA 41 -12.57 1.58 56.30
C MET FA 41 -11.65 2.74 55.94
N TRP FA 42 -10.82 2.57 54.91
CA TRP FA 42 -9.94 3.65 54.49
C TRP FA 42 -10.68 4.69 53.67
N ARG FA 43 -11.41 4.27 52.64
CA ARG FA 43 -12.20 5.20 51.83
C ARG FA 43 -13.50 4.57 51.38
N PRO FA 44 -14.62 4.93 51.96
CA PRO FA 44 -15.90 4.47 51.43
C PRO FA 44 -16.13 5.00 50.02
N TRP FA 45 -16.79 4.19 49.21
CA TRP FA 45 -17.24 4.62 47.90
C TRP FA 45 -18.76 4.75 47.93
N LEU FA 46 -19.36 4.98 46.76
CA LEU FA 46 -20.79 5.18 46.61
C LEU FA 46 -21.26 6.43 47.35
N PRO FA 47 -20.94 7.62 46.86
CA PRO FA 47 -21.38 8.85 47.53
C PRO FA 47 -22.86 9.11 47.32
N LYS FA 48 -23.37 10.08 48.08
CA LYS FA 48 -24.70 10.59 47.82
C LYS FA 48 -24.72 11.33 46.49
N ALA FA 49 -25.91 11.62 45.98
CA ALA FA 49 -26.02 12.32 44.72
C ALA FA 49 -25.47 13.74 44.79
N THR FA 50 -25.15 14.23 45.98
CA THR FA 50 -24.55 15.56 46.13
C THR FA 50 -23.04 15.50 46.26
N GLY FA 51 -22.49 14.40 46.73
CA GLY FA 51 -21.06 14.26 46.90
C GLY FA 51 -20.76 13.50 48.17
N TYR FA 52 -19.52 13.63 48.62
CA TYR FA 52 -19.11 13.01 49.87
C TYR FA 52 -19.21 14.03 51.00
#